data_3CCH
#
_entry.id   3CCH
#
_cell.length_a   85.500
_cell.length_b   176.600
_cell.length_c   85.500
_cell.angle_alpha   90.00
_cell.angle_beta   120.00
_cell.angle_gamma   90.00
#
_symmetry.space_group_name_H-M   'P 1 21 1'
#
loop_
_entity.id
_entity.type
_entity.pdbx_description
1 polymer 'H-2 class I histocompatibility antigen, D-B alpha chain'
2 polymer Beta-2-microglobulin
3 polymer 'nonameric peptide murine gp100'
4 non-polymer GLYCEROL
5 non-polymer 'SULFATE ION'
6 water water
#
loop_
_entity_poly.entity_id
_entity_poly.type
_entity_poly.pdbx_seq_one_letter_code
_entity_poly.pdbx_strand_id
1 'polypeptide(L)'
;GPHSMRYFETAVSRPGLEEPRYISVGYVDNKEFVRFDSDAENPRYEPRAPWMEQEGPEYWERETQKAKGQEQWFRVSLRN
LLGYYNQSAGGSHTLQQMSGCDLGSDWRLLRGYLQFAYEGRDYIALNEDLKTWTAADMAAQITRRKWEQSGAAEHYKAYL
EGECVEWLHRYLKNGNATLLRTDSPKAHVTHHPRSKGEVTLRCWALGFYPADITLTWQLNGEELTQDMELVETRPAGDGT
FQKWASVVVPLGKEQNYTCRVYHEGLPEPLTLRWEP
;
A,D,G,J
2 'polypeptide(L)'
;IQKTPQIQVYSRHPPENGKPNILNCYVTQFHPPHIEIQMLKNGKKIPKVEMSDMSFSKDWSFYILAHTEFTPTETDTYAC
RVKHDSMAEPKTVYWDRDM
;
B,E,H,K
3 'polypeptide(L)' EGSRNQDWL C,F,I,L
#
# COMPACT_ATOMS: atom_id res chain seq x y z
N GLY A 1 -2.19 5.94 -8.13
CA GLY A 1 -2.38 6.73 -9.38
C GLY A 1 -3.81 6.66 -9.91
N PRO A 2 -4.02 7.11 -11.17
CA PRO A 2 -5.35 7.12 -11.77
C PRO A 2 -5.80 5.70 -12.26
N HIS A 3 -7.03 5.60 -12.74
CA HIS A 3 -7.59 4.34 -13.19
C HIS A 3 -8.40 4.52 -14.47
N SER A 4 -8.63 3.42 -15.17
CA SER A 4 -9.36 3.52 -16.41
C SER A 4 -10.07 2.26 -16.76
N MET A 5 -11.09 2.39 -17.58
CA MET A 5 -11.75 1.26 -18.18
C MET A 5 -11.91 1.61 -19.65
N ARG A 6 -11.67 0.64 -20.53
CA ARG A 6 -11.96 0.79 -21.96
C ARG A 6 -12.53 -0.49 -22.54
N TYR A 7 -13.37 -0.32 -23.56
CA TYR A 7 -13.85 -1.39 -24.39
C TYR A 7 -13.39 -1.03 -25.77
N PHE A 8 -12.72 -1.97 -26.42
CA PHE A 8 -12.21 -1.78 -27.76
C PHE A 8 -13.01 -2.74 -28.62
N GLU A 9 -13.75 -2.20 -29.56
CA GLU A 9 -14.59 -3.03 -30.40
C GLU A 9 -14.16 -2.97 -31.85
N THR A 10 -14.26 -4.09 -32.54
CA THR A 10 -13.90 -4.14 -33.95
C THR A 10 -14.87 -4.99 -34.73
N ALA A 11 -15.20 -4.52 -35.92
CA ALA A 11 -15.97 -5.31 -36.82
C ALA A 11 -15.20 -5.29 -38.10
N VAL A 12 -14.98 -6.49 -38.66
CA VAL A 12 -14.23 -6.64 -39.89
C VAL A 12 -15.12 -7.31 -40.94
N SER A 13 -15.28 -6.67 -42.08
CA SER A 13 -16.10 -7.21 -43.15
C SER A 13 -15.19 -7.77 -44.19
N ARG A 14 -15.48 -8.99 -44.60
CA ARG A 14 -14.71 -9.57 -45.70
C ARG A 14 -15.66 -10.15 -46.75
N PRO A 15 -15.20 -10.17 -48.02
CA PRO A 15 -16.13 -10.44 -49.15
C PRO A 15 -16.77 -11.84 -49.06
N GLY A 16 -18.07 -11.92 -49.34
CA GLY A 16 -18.81 -13.17 -49.30
C GLY A 16 -20.29 -13.00 -49.02
N LEU A 17 -20.99 -14.11 -48.82
CA LEU A 17 -22.34 -14.07 -48.25
C LEU A 17 -22.08 -13.99 -46.75
N GLU A 18 -20.83 -13.65 -46.43
CA GLU A 18 -20.32 -13.65 -45.06
C GLU A 18 -20.88 -12.56 -44.14
N GLU A 19 -20.84 -12.84 -42.84
CA GLU A 19 -21.15 -11.87 -41.79
C GLU A 19 -19.87 -11.31 -41.21
N PRO A 20 -19.90 -10.02 -40.83
CA PRO A 20 -18.69 -9.44 -40.31
C PRO A 20 -18.32 -10.08 -38.97
N ARG A 21 -17.02 -10.20 -38.72
CA ARG A 21 -16.52 -10.66 -37.44
C ARG A 21 -16.48 -9.54 -36.39
N TYR A 22 -17.12 -9.76 -35.25
CA TYR A 22 -17.22 -8.74 -34.24
C TYR A 22 -16.46 -9.15 -33.00
N ILE A 23 -15.52 -8.33 -32.58
CA ILE A 23 -14.67 -8.66 -31.46
C ILE A 23 -14.70 -7.52 -30.47
N SER A 24 -14.98 -7.84 -29.22
CA SER A 24 -15.00 -6.79 -28.21
C SER A 24 -14.13 -7.13 -27.01
N VAL A 25 -13.22 -6.23 -26.67
CA VAL A 25 -12.29 -6.49 -25.58
C VAL A 25 -12.40 -5.44 -24.47
N GLY A 26 -12.55 -5.91 -23.24
CA GLY A 26 -12.66 -5.02 -22.12
C GLY A 26 -11.33 -4.84 -21.45
N TYR A 27 -11.06 -3.64 -20.92
CA TYR A 27 -9.80 -3.36 -20.20
C TYR A 27 -10.04 -2.56 -18.91
N VAL A 28 -9.42 -2.99 -17.83
CA VAL A 28 -9.44 -2.20 -16.64
C VAL A 28 -7.97 -1.95 -16.36
N ASP A 29 -7.64 -0.70 -16.07
CA ASP A 29 -6.25 -0.28 -15.93
C ASP A 29 -5.32 -0.92 -16.96
N ASN A 30 -5.72 -0.89 -18.23
CA ASN A 30 -4.93 -1.39 -19.39
C ASN A 30 -4.70 -2.88 -19.45
N LYS A 31 -5.43 -3.64 -18.65
CA LYS A 31 -5.22 -5.07 -18.53
C LYS A 31 -6.52 -5.73 -19.01
N GLU A 32 -6.42 -6.59 -20.04
CA GLU A 32 -7.60 -7.24 -20.64
C GLU A 32 -8.35 -8.02 -19.55
N PHE A 33 -9.63 -7.73 -19.38
CA PHE A 33 -10.37 -8.38 -18.32
C PHE A 33 -11.58 -9.18 -18.80
N VAL A 34 -12.10 -8.84 -19.96
CA VAL A 34 -13.20 -9.61 -20.58
C VAL A 34 -13.06 -9.58 -22.09
N ARG A 35 -13.69 -10.54 -22.78
CA ARG A 35 -13.57 -10.61 -24.21
C ARG A 35 -14.68 -11.40 -24.89
N PHE A 36 -15.11 -10.93 -26.05
CA PHE A 36 -16.17 -11.56 -26.81
C PHE A 36 -15.74 -11.59 -28.27
N ASP A 37 -15.80 -12.74 -28.91
CA ASP A 37 -15.41 -12.88 -30.32
C ASP A 37 -16.49 -13.63 -31.04
N SER A 38 -16.96 -13.10 -32.16
CA SER A 38 -18.14 -13.65 -32.81
C SER A 38 -17.80 -14.86 -33.60
N ASP A 39 -16.53 -15.21 -33.67
CA ASP A 39 -16.09 -16.39 -34.38
C ASP A 39 -15.80 -17.50 -33.44
N ALA A 40 -16.42 -17.42 -32.28
CA ALA A 40 -16.16 -18.41 -31.26
C ALA A 40 -17.12 -19.57 -31.38
N GLU A 41 -16.58 -20.74 -31.10
CA GLU A 41 -17.38 -21.89 -30.76
C GLU A 41 -18.75 -21.40 -30.27
N ASN A 42 -18.77 -21.03 -29.01
CA ASN A 42 -19.97 -20.54 -28.35
C ASN A 42 -19.86 -19.04 -28.01
N PRO A 43 -20.24 -18.16 -28.95
CA PRO A 43 -20.09 -16.70 -28.85
C PRO A 43 -20.60 -16.13 -27.54
N ARG A 44 -19.69 -15.74 -26.66
CA ARG A 44 -20.05 -15.14 -25.37
C ARG A 44 -18.90 -14.35 -24.74
N TYR A 45 -19.21 -13.50 -23.78
CA TYR A 45 -18.18 -12.79 -23.03
C TYR A 45 -17.47 -13.69 -21.99
N GLU A 46 -16.17 -13.90 -22.17
CA GLU A 46 -15.37 -14.73 -21.29
C GLU A 46 -14.53 -13.87 -20.37
N PRO A 47 -14.41 -14.27 -19.10
CA PRO A 47 -13.44 -13.62 -18.23
C PRO A 47 -12.01 -13.78 -18.76
N ARG A 48 -11.13 -12.83 -18.46
CA ARG A 48 -9.73 -12.88 -18.89
C ARG A 48 -8.83 -12.60 -17.72
N ALA A 49 -9.38 -12.03 -16.64
CA ALA A 49 -8.64 -11.90 -15.38
C ALA A 49 -9.28 -12.82 -14.34
N PRO A 50 -8.46 -13.46 -13.50
CA PRO A 50 -9.04 -14.37 -12.50
C PRO A 50 -10.13 -13.71 -11.63
N TRP A 51 -9.96 -12.46 -11.24
CA TRP A 51 -10.91 -11.83 -10.32
C TRP A 51 -12.31 -11.65 -10.91
N MET A 52 -12.45 -11.87 -12.21
CA MET A 52 -13.75 -11.80 -12.85
C MET A 52 -14.59 -13.09 -12.74
N GLU A 53 -14.06 -14.13 -12.10
CA GLU A 53 -14.86 -15.32 -11.84
C GLU A 53 -16.01 -14.93 -10.90
N GLN A 54 -15.68 -14.03 -9.98
CA GLN A 54 -16.61 -13.49 -8.99
C GLN A 54 -17.98 -13.12 -9.50
N GLU A 55 -18.02 -12.62 -10.72
CA GLU A 55 -19.28 -12.26 -11.33
C GLU A 55 -20.05 -13.53 -11.69
N GLY A 56 -21.34 -13.56 -11.37
CA GLY A 56 -22.20 -14.73 -11.64
C GLY A 56 -22.69 -14.78 -13.06
N PRO A 57 -23.48 -15.81 -13.42
CA PRO A 57 -23.88 -16.05 -14.81
C PRO A 57 -24.77 -14.95 -15.34
N GLU A 58 -25.49 -14.29 -14.44
CA GLU A 58 -26.40 -13.22 -14.82
C GLU A 58 -25.66 -12.07 -15.53
N TYR A 59 -24.52 -11.67 -14.96
CA TYR A 59 -23.62 -10.71 -15.58
C TYR A 59 -23.28 -11.11 -17.01
N TRP A 60 -22.84 -12.34 -17.20
CA TRP A 60 -22.41 -12.83 -18.51
C TRP A 60 -23.55 -12.89 -19.49
N GLU A 61 -24.77 -13.15 -19.00
CA GLU A 61 -25.97 -13.09 -19.81
C GLU A 61 -26.16 -11.73 -20.42
N ARG A 62 -26.27 -10.73 -19.53
CA ARG A 62 -26.42 -9.34 -19.92
C ARG A 62 -25.37 -8.91 -20.91
N GLU A 63 -24.10 -9.15 -20.58
CA GLU A 63 -23.01 -8.60 -21.36
C GLU A 63 -22.97 -9.23 -22.74
N THR A 64 -23.15 -10.54 -22.82
CA THR A 64 -23.10 -11.17 -24.13
C THR A 64 -24.32 -10.78 -24.96
N GLN A 65 -25.43 -10.55 -24.27
CA GLN A 65 -26.62 -10.10 -24.93
C GLN A 65 -26.37 -8.71 -25.50
N LYS A 66 -25.91 -7.84 -24.62
CA LYS A 66 -25.43 -6.54 -25.00
C LYS A 66 -24.46 -6.62 -26.20
N ALA A 67 -23.56 -7.60 -26.21
CA ALA A 67 -22.64 -7.79 -27.35
C ALA A 67 -23.34 -8.10 -28.68
N LYS A 68 -24.38 -8.91 -28.65
CA LYS A 68 -25.05 -9.32 -29.89
C LYS A 68 -25.70 -8.13 -30.59
N GLY A 69 -26.23 -7.22 -29.77
CA GLY A 69 -26.80 -5.97 -30.25
C GLY A 69 -25.74 -5.09 -30.88
N GLN A 70 -24.60 -4.93 -30.21
CA GLN A 70 -23.50 -4.14 -30.77
C GLN A 70 -23.11 -4.73 -32.10
N GLU A 71 -23.01 -6.06 -32.14
CA GLU A 71 -22.70 -6.76 -33.37
C GLU A 71 -23.59 -6.38 -34.53
N GLN A 72 -24.90 -6.27 -34.30
CA GLN A 72 -25.83 -5.76 -35.31
C GLN A 72 -25.52 -4.34 -35.73
N TRP A 73 -25.46 -3.46 -34.73
CA TRP A 73 -25.07 -2.07 -34.89
C TRP A 73 -23.86 -1.89 -35.81
N PHE A 74 -22.83 -2.69 -35.59
CA PHE A 74 -21.60 -2.57 -36.38
C PHE A 74 -21.83 -3.02 -37.81
N ARG A 75 -22.76 -3.94 -37.97
CA ARG A 75 -23.04 -4.56 -39.24
C ARG A 75 -23.76 -3.56 -40.13
N VAL A 76 -24.78 -2.93 -39.56
CA VAL A 76 -25.48 -1.84 -40.25
C VAL A 76 -24.54 -0.67 -40.52
N SER A 77 -23.91 -0.16 -39.47
CA SER A 77 -22.93 0.91 -39.65
C SER A 77 -21.96 0.60 -40.78
N LEU A 78 -21.42 -0.60 -40.79
CA LEU A 78 -20.48 -1.01 -41.83
C LEU A 78 -21.06 -0.86 -43.25
N ARG A 79 -22.36 -1.08 -43.39
CA ARG A 79 -23.00 -0.98 -44.68
C ARG A 79 -23.18 0.47 -45.10
N ASN A 80 -23.82 1.27 -44.26
CA ASN A 80 -23.78 2.73 -44.43
C ASN A 80 -22.40 3.30 -44.82
N LEU A 81 -21.33 2.87 -44.15
CA LEU A 81 -20.02 3.40 -44.47
C LEU A 81 -19.62 3.12 -45.92
N LEU A 82 -20.06 1.98 -46.42
CA LEU A 82 -19.75 1.56 -47.77
C LEU A 82 -20.37 2.58 -48.71
N GLY A 83 -21.62 2.93 -48.43
CA GLY A 83 -22.31 4.03 -49.12
C GLY A 83 -21.50 5.31 -48.99
N TYR A 84 -21.40 5.82 -47.76
CA TYR A 84 -20.75 7.12 -47.53
C TYR A 84 -19.46 7.26 -48.34
N TYR A 85 -18.65 6.22 -48.42
CA TYR A 85 -17.37 6.38 -49.11
C TYR A 85 -17.37 5.95 -50.57
N ASN A 86 -18.55 5.58 -51.07
CA ASN A 86 -18.64 5.13 -52.45
C ASN A 86 -17.67 4.00 -52.67
N GLN A 87 -17.67 3.03 -51.79
CA GLN A 87 -16.82 1.87 -52.00
C GLN A 87 -17.68 0.79 -52.60
N SER A 88 -17.12 0.06 -53.57
CA SER A 88 -17.93 -0.96 -54.22
C SER A 88 -17.67 -2.35 -53.59
N ALA A 89 -18.73 -3.14 -53.47
CA ALA A 89 -18.66 -4.54 -53.01
C ALA A 89 -17.35 -5.26 -53.35
N GLY A 90 -16.95 -6.17 -52.47
CA GLY A 90 -15.69 -6.91 -52.64
C GLY A 90 -14.45 -6.34 -51.93
N GLY A 91 -14.69 -5.46 -50.95
CA GLY A 91 -13.58 -4.87 -50.20
C GLY A 91 -13.31 -5.58 -48.89
N SER A 92 -12.11 -5.37 -48.36
CA SER A 92 -11.88 -5.68 -46.95
C SER A 92 -11.99 -4.38 -46.09
N HIS A 93 -12.97 -4.31 -45.20
CA HIS A 93 -13.19 -3.08 -44.45
C HIS A 93 -13.23 -3.30 -42.97
N THR A 94 -12.80 -2.30 -42.19
CA THR A 94 -12.78 -2.47 -40.75
C THR A 94 -13.33 -1.25 -40.02
N LEU A 95 -14.10 -1.47 -38.96
CA LEU A 95 -14.71 -0.40 -38.22
C LEU A 95 -14.35 -0.58 -36.75
N GLN A 96 -13.79 0.45 -36.12
CA GLN A 96 -13.31 0.32 -34.75
C GLN A 96 -13.89 1.34 -33.79
N GLN A 97 -13.92 0.98 -32.52
CA GLN A 97 -14.50 1.85 -31.53
C GLN A 97 -13.77 1.68 -30.22
N MET A 98 -13.48 2.80 -29.59
CA MET A 98 -12.95 2.80 -28.25
C MET A 98 -13.89 3.67 -27.46
N SER A 99 -14.28 3.21 -26.28
CA SER A 99 -15.04 4.03 -25.38
C SER A 99 -14.72 3.67 -23.93
N GLY A 100 -14.97 4.60 -23.00
CA GLY A 100 -14.60 4.36 -21.61
C GLY A 100 -14.30 5.54 -20.72
N CYS A 101 -13.53 5.26 -19.69
CA CYS A 101 -13.50 6.03 -18.47
C CYS A 101 -12.09 6.27 -18.03
N ASP A 102 -11.81 7.49 -17.58
CA ASP A 102 -10.63 7.76 -16.77
C ASP A 102 -11.02 8.30 -15.38
N LEU A 103 -10.45 7.71 -14.33
CA LEU A 103 -10.59 8.22 -12.98
C LEU A 103 -9.24 8.62 -12.40
N GLY A 104 -9.18 9.78 -11.72
CA GLY A 104 -8.03 10.19 -10.90
C GLY A 104 -7.95 9.24 -9.73
N SER A 105 -7.00 9.44 -8.83
CA SER A 105 -6.87 8.54 -7.68
C SER A 105 -7.87 8.87 -6.55
N ASP A 106 -8.82 9.73 -6.84
CA ASP A 106 -9.92 9.98 -5.94
C ASP A 106 -11.14 9.22 -6.46
N TRP A 107 -10.93 8.40 -7.50
CA TRP A 107 -11.99 7.63 -8.16
C TRP A 107 -13.07 8.52 -8.75
N ARG A 108 -12.76 9.81 -8.87
CA ARG A 108 -13.66 10.78 -9.45
C ARG A 108 -13.43 10.76 -10.96
N LEU A 109 -14.52 10.82 -11.71
CA LEU A 109 -14.41 10.82 -13.17
C LEU A 109 -13.56 11.97 -13.66
N LEU A 110 -12.69 11.67 -14.61
CA LEU A 110 -11.73 12.62 -15.11
C LEU A 110 -12.03 12.96 -16.55
N ARG A 111 -12.59 11.98 -17.28
CA ARG A 111 -12.78 12.08 -18.74
C ARG A 111 -13.45 10.81 -19.31
N GLY A 112 -14.45 11.00 -20.15
CA GLY A 112 -15.01 9.91 -20.92
C GLY A 112 -14.47 9.94 -22.34
N TYR A 113 -14.45 8.78 -23.01
CA TYR A 113 -14.04 8.69 -24.40
C TYR A 113 -15.06 7.96 -25.20
N LEU A 114 -15.24 8.40 -26.44
CA LEU A 114 -16.01 7.66 -27.39
C LEU A 114 -15.48 8.07 -28.72
N GLN A 115 -14.83 7.15 -29.43
CA GLN A 115 -14.41 7.44 -30.79
C GLN A 115 -14.46 6.26 -31.73
N PHE A 116 -14.63 6.56 -33.01
CA PHE A 116 -14.72 5.55 -34.05
C PHE A 116 -13.62 5.73 -35.10
N ALA A 117 -13.24 4.61 -35.71
CA ALA A 117 -12.33 4.61 -36.85
C ALA A 117 -12.85 3.74 -38.01
N TYR A 118 -12.65 4.20 -39.23
CA TYR A 118 -12.93 3.41 -40.38
C TYR A 118 -11.64 3.23 -41.14
N GLU A 119 -11.37 2.01 -41.58
CA GLU A 119 -10.11 1.70 -42.23
C GLU A 119 -8.93 2.12 -41.40
N GLY A 120 -9.10 2.19 -40.08
CA GLY A 120 -7.99 2.50 -39.20
C GLY A 120 -7.61 3.96 -39.24
N ARG A 121 -8.59 4.82 -39.49
CA ARG A 121 -8.38 6.25 -39.54
C ARG A 121 -9.51 6.91 -38.78
N ASP A 122 -9.19 7.95 -38.02
CA ASP A 122 -10.19 8.61 -37.19
C ASP A 122 -11.41 8.92 -38.01
N TYR A 123 -12.58 8.62 -37.49
CA TYR A 123 -13.78 8.91 -38.22
C TYR A 123 -14.66 9.86 -37.45
N ILE A 124 -15.03 9.52 -36.22
CA ILE A 124 -15.76 10.47 -35.41
C ILE A 124 -15.44 10.24 -33.94
N ALA A 125 -15.48 11.30 -33.14
CA ALA A 125 -15.13 11.20 -31.72
C ALA A 125 -16.00 12.14 -30.90
N LEU A 126 -16.42 11.68 -29.74
CA LEU A 126 -17.08 12.55 -28.79
C LEU A 126 -16.01 13.45 -28.19
N ASN A 127 -16.29 14.75 -28.11
CA ASN A 127 -15.35 15.65 -27.47
C ASN A 127 -15.43 15.56 -25.96
N GLU A 128 -14.36 16.01 -25.33
CA GLU A 128 -14.27 15.97 -23.88
C GLU A 128 -15.49 16.54 -23.21
N ASP A 129 -16.06 17.61 -23.75
CA ASP A 129 -17.27 18.15 -23.13
C ASP A 129 -18.42 17.16 -23.16
N LEU A 130 -18.25 16.05 -23.87
CA LEU A 130 -19.26 15.01 -23.90
C LEU A 130 -20.62 15.46 -24.46
N LYS A 131 -20.61 16.47 -25.32
CA LYS A 131 -21.83 16.90 -26.01
C LYS A 131 -21.58 17.36 -27.44
N THR A 132 -20.32 17.64 -27.78
CA THR A 132 -19.99 17.91 -29.19
C THR A 132 -19.15 16.80 -29.85
N TRP A 133 -19.25 16.70 -31.17
CA TRP A 133 -18.57 15.68 -31.95
C TRP A 133 -17.53 16.29 -32.84
N THR A 134 -16.36 15.69 -32.90
CA THR A 134 -15.38 16.00 -33.94
C THR A 134 -15.37 14.98 -35.08
N ALA A 135 -15.53 15.46 -36.31
CA ALA A 135 -15.65 14.57 -37.46
C ALA A 135 -14.56 14.88 -38.43
N ALA A 136 -13.76 13.89 -38.75
CA ALA A 136 -12.60 14.12 -39.61
C ALA A 136 -12.99 14.39 -41.07
N ASP A 137 -13.18 13.30 -41.79
CA ASP A 137 -13.56 13.33 -43.20
C ASP A 137 -14.84 14.09 -43.46
N MET A 138 -15.02 14.44 -44.74
CA MET A 138 -16.27 14.98 -45.22
CA MET A 138 -16.30 15.00 -45.17
C MET A 138 -17.41 13.95 -45.03
N ALA A 139 -17.08 12.67 -45.23
CA ALA A 139 -18.08 11.62 -45.06
C ALA A 139 -18.55 11.52 -43.63
N ALA A 140 -17.72 11.90 -42.68
CA ALA A 140 -18.12 11.82 -41.27
C ALA A 140 -19.18 12.88 -40.92
N GLN A 141 -19.19 13.96 -41.67
CA GLN A 141 -20.17 15.03 -41.45
C GLN A 141 -21.59 14.52 -41.34
N ILE A 142 -22.00 13.64 -42.25
CA ILE A 142 -23.41 13.27 -42.29
C ILE A 142 -23.79 12.45 -41.06
N THR A 143 -22.84 11.68 -40.54
CA THR A 143 -23.00 11.01 -39.25
C THR A 143 -23.17 12.09 -38.19
N ARG A 144 -22.22 13.03 -38.15
CA ARG A 144 -22.29 14.09 -37.15
C ARG A 144 -23.66 14.78 -37.17
N ARG A 145 -24.05 15.29 -38.34
CA ARG A 145 -25.34 15.97 -38.50
C ARG A 145 -26.45 15.09 -37.91
N LYS A 146 -26.47 13.83 -38.32
CA LYS A 146 -27.48 12.89 -37.88
C LYS A 146 -27.47 12.67 -36.36
N TRP A 147 -26.28 12.58 -35.76
CA TRP A 147 -26.18 12.27 -34.35
C TRP A 147 -26.46 13.50 -33.50
N GLU A 148 -26.20 14.66 -34.09
CA GLU A 148 -26.53 15.91 -33.44
C GLU A 148 -28.03 16.04 -33.50
N GLN A 149 -28.63 15.51 -34.55
CA GLN A 149 -30.07 15.50 -34.68
C GLN A 149 -30.73 14.64 -33.61
N SER A 150 -30.18 13.45 -33.38
CA SER A 150 -30.77 12.51 -32.44
C SER A 150 -30.28 12.71 -31.00
N GLY A 151 -29.35 13.63 -30.79
CA GLY A 151 -28.81 13.84 -29.44
C GLY A 151 -28.23 12.53 -28.93
N ALA A 152 -27.30 11.97 -29.71
CA ALA A 152 -26.61 10.75 -29.34
C ALA A 152 -25.70 11.02 -28.14
N ALA A 153 -25.04 12.18 -28.14
CA ALA A 153 -24.11 12.53 -27.09
C ALA A 153 -24.72 12.39 -25.71
N GLU A 154 -26.00 12.70 -25.58
CA GLU A 154 -26.65 12.56 -24.28
C GLU A 154 -26.80 11.11 -23.86
N HIS A 155 -26.89 10.21 -24.83
CA HIS A 155 -26.96 8.80 -24.52
C HIS A 155 -25.61 8.27 -24.01
N TYR A 156 -24.53 8.70 -24.65
CA TYR A 156 -23.21 8.29 -24.27
C TYR A 156 -22.76 8.94 -22.97
N LYS A 157 -23.02 10.24 -22.86
CA LYS A 157 -22.68 11.01 -21.66
C LYS A 157 -23.27 10.37 -20.41
N ALA A 158 -24.51 9.89 -20.52
CA ALA A 158 -25.17 9.20 -19.42
C ALA A 158 -24.39 7.95 -19.05
N TYR A 159 -23.96 7.21 -20.06
CA TYR A 159 -23.22 5.99 -19.84
C TYR A 159 -21.81 6.26 -19.32
N LEU A 160 -21.12 7.20 -19.94
CA LEU A 160 -19.77 7.46 -19.56
C LEU A 160 -19.70 8.04 -18.17
N GLU A 161 -20.69 8.83 -17.79
CA GLU A 161 -20.68 9.44 -16.47
C GLU A 161 -21.25 8.54 -15.39
N GLY A 162 -22.13 7.63 -15.78
CA GLY A 162 -22.77 6.77 -14.81
C GLY A 162 -22.19 5.39 -14.76
N GLU A 163 -22.76 4.49 -15.55
CA GLU A 163 -22.44 3.07 -15.51
C GLU A 163 -20.95 2.80 -15.64
N CYS A 164 -20.32 3.40 -16.63
CA CYS A 164 -18.90 3.17 -16.86
C CYS A 164 -18.15 3.41 -15.55
N VAL A 165 -18.40 4.54 -14.90
CA VAL A 165 -17.74 4.84 -13.65
C VAL A 165 -18.05 3.85 -12.53
N GLU A 166 -19.33 3.57 -12.31
CA GLU A 166 -19.76 2.64 -11.25
C GLU A 166 -19.18 1.24 -11.40
N TRP A 167 -19.31 0.67 -12.61
CA TRP A 167 -18.76 -0.63 -12.89
C TRP A 167 -17.25 -0.65 -12.74
N LEU A 168 -16.59 0.39 -13.20
CA LEU A 168 -15.17 0.46 -12.94
C LEU A 168 -14.93 0.49 -11.44
N HIS A 169 -15.69 1.30 -10.69
CA HIS A 169 -15.57 1.26 -9.24
C HIS A 169 -15.70 -0.18 -8.74
N ARG A 170 -16.69 -0.90 -9.29
CA ARG A 170 -16.93 -2.29 -8.91
C ARG A 170 -15.74 -3.18 -9.26
N TYR A 171 -15.29 -3.10 -10.50
CA TYR A 171 -14.14 -3.90 -10.87
C TYR A 171 -12.92 -3.60 -10.03
N LEU A 172 -12.68 -2.33 -9.73
CA LEU A 172 -11.53 -1.93 -8.92
C LEU A 172 -11.43 -2.60 -7.55
N LYS A 173 -12.55 -2.72 -6.85
CA LYS A 173 -12.53 -3.37 -5.53
C LYS A 173 -12.41 -4.90 -5.64
N ASN A 174 -12.96 -5.47 -6.70
CA ASN A 174 -12.78 -6.91 -6.92
C ASN A 174 -11.38 -7.24 -7.42
N GLY A 175 -10.78 -6.33 -8.16
CA GLY A 175 -9.41 -6.49 -8.66
C GLY A 175 -8.37 -6.05 -7.66
N ASN A 176 -8.67 -4.96 -6.93
CA ASN A 176 -7.93 -4.64 -5.72
C ASN A 176 -6.45 -4.47 -6.01
N ALA A 177 -5.63 -5.26 -5.31
CA ALA A 177 -4.19 -5.21 -5.48
C ALA A 177 -3.76 -5.90 -6.78
N THR A 178 -4.38 -7.04 -7.10
CA THR A 178 -4.08 -7.75 -8.36
C THR A 178 -3.55 -6.83 -9.48
N LEU A 179 -4.34 -5.82 -9.88
CA LEU A 179 -3.91 -4.90 -10.95
C LEU A 179 -3.17 -3.67 -10.44
N LEU A 180 -2.67 -3.77 -9.21
CA LEU A 180 -1.75 -2.80 -8.64
C LEU A 180 -0.31 -3.29 -8.85
N ARG A 181 -0.17 -4.57 -9.23
CA ARG A 181 1.11 -5.16 -9.59
C ARG A 181 2.08 -4.15 -10.20
N THR A 182 3.32 -4.15 -9.70
CA THR A 182 4.45 -3.70 -10.50
C THR A 182 5.56 -4.74 -10.35
N ASP A 183 6.32 -4.97 -11.42
CA ASP A 183 7.57 -5.72 -11.32
C ASP A 183 8.60 -4.78 -11.81
N SER A 184 9.65 -4.52 -11.05
CA SER A 184 10.58 -3.48 -11.45
C SER A 184 11.47 -4.02 -12.53
N PRO A 185 12.08 -3.14 -13.34
CA PRO A 185 13.04 -3.63 -14.32
C PRO A 185 14.33 -4.11 -13.67
N LYS A 186 15.04 -5.01 -14.35
CA LYS A 186 16.43 -5.32 -14.00
C LYS A 186 17.23 -4.89 -15.19
N ALA A 187 18.35 -4.23 -14.95
CA ALA A 187 19.06 -3.60 -16.02
C ALA A 187 20.54 -4.03 -16.07
N HIS A 188 21.05 -4.22 -17.27
CA HIS A 188 22.48 -4.31 -17.43
C HIS A 188 22.83 -3.71 -18.77
N VAL A 189 24.11 -3.50 -18.99
CA VAL A 189 24.55 -3.04 -20.29
C VAL A 189 25.54 -4.04 -20.86
N THR A 190 25.33 -4.39 -22.12
CA THR A 190 26.16 -5.31 -22.82
C THR A 190 27.08 -4.45 -23.64
N HIS A 191 28.31 -4.93 -23.80
CA HIS A 191 29.41 -4.15 -24.30
C HIS A 191 29.78 -4.76 -25.63
N HIS A 192 29.61 -4.01 -26.71
CA HIS A 192 29.81 -4.56 -28.05
C HIS A 192 30.84 -3.80 -28.86
N PRO A 193 32.10 -4.27 -28.84
CA PRO A 193 33.16 -3.73 -29.72
C PRO A 193 32.73 -3.46 -31.19
N ARG A 194 33.08 -2.27 -31.67
CA ARG A 194 32.88 -1.94 -33.07
C ARG A 194 34.20 -1.96 -33.80
N SER A 195 34.14 -1.53 -35.05
CA SER A 195 35.35 -1.16 -35.77
C SER A 195 35.66 0.27 -35.31
N LYS A 196 36.75 0.84 -35.81
CA LYS A 196 36.95 2.30 -35.80
C LYS A 196 37.00 2.94 -34.41
N GLY A 197 37.53 2.20 -33.43
CA GLY A 197 37.74 2.71 -32.06
C GLY A 197 36.48 2.85 -31.23
N GLU A 198 35.42 2.15 -31.64
CA GLU A 198 34.13 2.34 -31.03
C GLU A 198 33.74 1.16 -30.16
N VAL A 199 32.60 1.31 -29.51
CA VAL A 199 31.89 0.22 -28.84
C VAL A 199 30.40 0.61 -28.80
N THR A 200 29.54 -0.38 -28.92
CA THR A 200 28.13 -0.07 -28.82
C THR A 200 27.66 -0.46 -27.42
N LEU A 201 27.15 0.53 -26.68
CA LEU A 201 26.65 0.26 -25.35
C LEU A 201 25.16 0.00 -25.45
N ARG A 202 24.71 -1.12 -24.93
CA ARG A 202 23.31 -1.42 -25.04
C ARG A 202 22.76 -1.50 -23.64
N CYS A 203 21.73 -0.71 -23.40
CA CYS A 203 21.12 -0.71 -22.09
C CYS A 203 19.84 -1.50 -22.15
N TRP A 204 19.77 -2.51 -21.28
CA TRP A 204 18.66 -3.45 -21.26
C TRP A 204 17.83 -3.24 -20.03
N ALA A 205 16.51 -3.39 -20.18
CA ALA A 205 15.66 -3.53 -19.01
C ALA A 205 14.73 -4.70 -19.21
N LEU A 206 14.70 -5.59 -18.22
CA LEU A 206 13.96 -6.83 -18.36
C LEU A 206 13.02 -7.09 -17.19
N GLY A 207 11.98 -7.88 -17.47
CA GLY A 207 11.04 -8.31 -16.45
C GLY A 207 10.24 -7.23 -15.72
N PHE A 208 10.03 -6.09 -16.34
CA PHE A 208 9.25 -5.04 -15.71
C PHE A 208 7.76 -5.08 -16.07
N TYR A 209 6.93 -4.46 -15.22
CA TYR A 209 5.49 -4.25 -15.49
C TYR A 209 4.93 -3.12 -14.68
N PRO A 210 4.19 -2.20 -15.29
CA PRO A 210 3.61 -2.11 -16.63
C PRO A 210 4.67 -1.81 -17.66
N ALA A 211 4.22 -1.67 -18.91
CA ALA A 211 5.08 -1.50 -20.07
C ALA A 211 5.79 -0.14 -20.11
N ASP A 212 5.17 0.85 -19.51
CA ASP A 212 5.72 2.22 -19.55
C ASP A 212 7.12 2.24 -18.93
N ILE A 213 8.07 2.92 -19.56
CA ILE A 213 9.44 2.90 -19.10
C ILE A 213 10.19 3.86 -19.99
N THR A 214 11.30 4.39 -19.49
CA THR A 214 12.11 5.29 -20.26
C THR A 214 13.56 4.98 -19.95
N LEU A 215 14.37 4.90 -21.00
CA LEU A 215 15.78 4.63 -20.85
C LEU A 215 16.56 5.71 -21.56
N THR A 216 17.61 6.18 -20.93
CA THR A 216 18.36 7.29 -21.51
C THR A 216 19.82 7.09 -21.29
N TRP A 217 20.59 7.63 -22.21
CA TRP A 217 22.02 7.57 -22.13
C TRP A 217 22.58 8.95 -21.87
N GLN A 218 23.52 9.06 -20.96
CA GLN A 218 24.10 10.36 -20.64
C GLN A 218 25.62 10.44 -20.72
N LEU A 219 26.07 11.35 -21.58
CA LEU A 219 27.45 11.80 -21.60
C LEU A 219 27.61 13.06 -20.74
N ASN A 220 28.08 12.87 -19.51
CA ASN A 220 28.47 13.98 -18.66
C ASN A 220 27.29 14.85 -18.21
N GLY A 221 26.25 14.22 -17.64
CA GLY A 221 25.04 14.95 -17.25
C GLY A 221 24.17 15.30 -18.44
N GLU A 222 24.77 15.58 -19.59
CA GLU A 222 23.99 15.82 -20.80
C GLU A 222 23.26 14.55 -21.23
N GLU A 223 22.07 14.72 -21.77
CA GLU A 223 21.24 13.59 -22.20
C GLU A 223 21.35 13.38 -23.72
N LEU A 224 22.00 12.30 -24.12
CA LEU A 224 22.17 11.98 -25.53
C LEU A 224 20.94 11.32 -26.12
N THR A 225 19.85 12.06 -26.26
CA THR A 225 18.67 11.52 -26.95
C THR A 225 18.98 11.65 -28.43
N GLN A 226 20.26 11.79 -28.70
CA GLN A 226 20.77 12.23 -29.98
C GLN A 226 21.48 11.11 -30.74
N ASP A 227 20.75 10.45 -31.66
CA ASP A 227 21.34 9.35 -32.41
C ASP A 227 21.66 8.11 -31.55
N MET A 228 20.77 7.79 -30.61
CA MET A 228 20.82 6.51 -29.91
C MET A 228 19.79 5.62 -30.60
N GLU A 229 19.80 4.32 -30.33
CA GLU A 229 18.69 3.51 -30.83
C GLU A 229 17.79 2.92 -29.74
N LEU A 230 16.50 2.89 -30.05
CA LEU A 230 15.48 2.36 -29.18
C LEU A 230 14.89 1.15 -29.87
N VAL A 231 14.23 0.29 -29.11
CA VAL A 231 13.20 -0.54 -29.70
C VAL A 231 11.85 -0.29 -29.01
N GLU A 232 10.78 -0.39 -29.77
CA GLU A 232 9.43 -0.44 -29.22
CA GLU A 232 9.49 -0.35 -29.13
C GLU A 232 9.49 -1.42 -28.06
N THR A 233 8.92 -1.06 -26.92
CA THR A 233 8.84 -1.92 -25.76
C THR A 233 8.14 -3.21 -26.11
N ARG A 234 8.67 -4.36 -25.68
CA ARG A 234 8.14 -5.70 -26.10
C ARG A 234 7.72 -6.65 -24.96
N PRO A 235 6.64 -7.43 -25.17
CA PRO A 235 6.22 -8.38 -24.16
C PRO A 235 7.11 -9.62 -24.12
N ALA A 236 7.32 -10.18 -22.94
CA ALA A 236 8.19 -11.32 -22.83
C ALA A 236 7.36 -12.59 -23.08
N GLY A 237 6.05 -12.45 -22.89
CA GLY A 237 5.14 -13.58 -22.98
C GLY A 237 4.73 -14.01 -21.59
N ASP A 238 5.51 -13.62 -20.60
CA ASP A 238 5.23 -14.08 -19.24
C ASP A 238 4.51 -13.04 -18.38
N GLY A 239 3.91 -12.01 -18.99
CA GLY A 239 3.37 -10.91 -18.17
C GLY A 239 4.31 -9.72 -18.00
N THR A 240 5.62 -9.92 -18.05
CA THR A 240 6.52 -8.76 -18.06
C THR A 240 6.87 -8.26 -19.47
N PHE A 241 7.74 -7.25 -19.53
CA PHE A 241 8.09 -6.55 -20.74
C PHE A 241 9.59 -6.25 -20.77
N GLN A 242 10.11 -5.87 -21.94
CA GLN A 242 11.53 -5.62 -22.10
C GLN A 242 11.69 -4.46 -23.05
N LYS A 243 12.86 -3.82 -22.97
CA LYS A 243 13.21 -2.76 -23.89
C LYS A 243 14.73 -2.65 -23.87
N TRP A 244 15.33 -2.02 -24.87
CA TRP A 244 16.74 -1.65 -24.76
C TRP A 244 17.01 -0.38 -25.55
N ALA A 245 18.10 0.30 -25.19
CA ALA A 245 18.50 1.50 -25.90
C ALA A 245 20.02 1.54 -25.98
N SER A 246 20.52 1.83 -27.19
CA SER A 246 21.98 1.80 -27.41
C SER A 246 22.56 3.13 -27.81
N VAL A 247 23.82 3.34 -27.42
CA VAL A 247 24.69 4.40 -27.96
C VAL A 247 26.03 3.83 -28.40
N VAL A 248 26.65 4.54 -29.35
CA VAL A 248 27.95 4.15 -29.88
C VAL A 248 29.02 5.14 -29.41
N VAL A 249 30.06 4.65 -28.75
CA VAL A 249 31.03 5.53 -28.11
C VAL A 249 32.44 4.95 -28.17
N PRO A 250 33.47 5.74 -27.76
CA PRO A 250 34.83 5.22 -27.80
C PRO A 250 35.10 4.30 -26.61
N LEU A 251 35.56 3.07 -26.87
CA LEU A 251 35.78 2.18 -25.75
C LEU A 251 37.08 2.52 -25.07
N GLY A 252 37.19 2.12 -23.81
CA GLY A 252 38.20 2.70 -22.93
C GLY A 252 37.59 3.78 -22.08
N LYS A 253 36.72 4.59 -22.69
CA LYS A 253 36.04 5.66 -21.96
C LYS A 253 34.54 5.37 -21.72
N GLU A 254 34.30 4.25 -21.06
CA GLU A 254 32.94 3.75 -20.80
C GLU A 254 32.37 4.23 -19.48
N GLN A 255 33.22 4.76 -18.61
CA GLN A 255 32.78 5.35 -17.34
C GLN A 255 32.10 6.68 -17.67
N ASN A 256 32.53 7.31 -18.76
CA ASN A 256 31.98 8.59 -19.21
C ASN A 256 30.49 8.55 -19.46
N TYR A 257 29.98 7.35 -19.71
CA TYR A 257 28.63 7.16 -20.20
C TYR A 257 27.80 6.46 -19.16
N THR A 258 26.53 6.83 -19.10
CA THR A 258 25.68 6.25 -18.07
C THR A 258 24.23 6.13 -18.50
N CYS A 259 23.65 5.00 -18.13
CA CYS A 259 22.29 4.68 -18.56
C CYS A 259 21.36 4.89 -17.37
N ARG A 260 20.19 5.47 -17.61
CA ARG A 260 19.23 5.57 -16.52
C ARG A 260 17.92 4.97 -16.92
N VAL A 261 17.24 4.35 -15.95
CA VAL A 261 16.00 3.63 -16.22
C VAL A 261 14.90 4.13 -15.29
N TYR A 262 13.77 4.54 -15.88
CA TYR A 262 12.66 5.15 -15.15
C TYR A 262 11.40 4.30 -15.21
N HIS A 263 10.93 3.86 -14.03
CA HIS A 263 9.78 3.01 -13.99
C HIS A 263 9.03 3.13 -12.66
N GLU A 264 7.71 3.24 -12.76
CA GLU A 264 6.84 3.29 -11.61
C GLU A 264 7.34 2.51 -10.42
N GLY A 265 7.72 1.25 -10.64
CA GLY A 265 7.95 0.31 -9.55
C GLY A 265 9.35 0.44 -8.99
N LEU A 266 10.07 1.46 -9.44
CA LEU A 266 11.36 1.76 -8.87
C LEU A 266 11.21 2.80 -7.77
N PRO A 267 11.73 2.49 -6.57
CA PRO A 267 11.99 3.45 -5.51
C PRO A 267 12.64 4.71 -6.06
N GLU A 268 13.51 4.56 -7.07
CA GLU A 268 14.10 5.68 -7.79
C GLU A 268 14.72 5.13 -9.05
N PRO A 269 15.02 6.01 -10.03
CA PRO A 269 15.69 5.55 -11.22
C PRO A 269 16.87 4.62 -10.94
N LEU A 270 17.23 3.80 -11.93
CA LEU A 270 18.44 2.98 -11.86
C LEU A 270 19.50 3.73 -12.60
N THR A 271 20.67 3.85 -11.99
CA THR A 271 21.82 4.38 -12.70
C THR A 271 22.77 3.22 -12.86
N LEU A 272 23.23 2.99 -14.07
CA LEU A 272 24.18 1.93 -14.29
C LEU A 272 25.14 2.25 -15.42
N ARG A 273 26.37 1.80 -15.23
CA ARG A 273 27.45 1.95 -16.20
C ARG A 273 27.87 0.54 -16.60
N TRP A 274 28.51 0.40 -17.76
CA TRP A 274 29.00 -0.92 -18.13
C TRP A 274 30.01 -1.44 -17.12
N GLU A 275 29.76 -2.63 -16.59
CA GLU A 275 30.61 -3.21 -15.56
C GLU A 275 31.66 -4.19 -16.14
N PRO A 276 32.95 -3.78 -16.09
CA PRO A 276 34.06 -4.60 -16.60
C PRO A 276 34.11 -5.93 -15.87
N ILE B 1 -4.37 3.79 -47.89
CA ILE B 1 -3.22 3.36 -47.06
C ILE B 1 -3.58 2.19 -46.12
N GLN B 2 -2.64 1.25 -46.07
CA GLN B 2 -2.61 0.17 -45.12
C GLN B 2 -1.29 0.42 -44.35
N LYS B 3 -1.13 -0.17 -43.18
CA LYS B 3 0.05 0.13 -42.36
C LYS B 3 0.98 -1.07 -42.31
N THR B 4 2.27 -0.84 -42.54
CA THR B 4 3.30 -1.88 -42.62
C THR B 4 3.78 -2.37 -41.25
N PRO B 5 3.60 -3.66 -40.98
CA PRO B 5 3.90 -4.22 -39.68
C PRO B 5 5.33 -4.04 -39.29
N GLN B 6 5.58 -3.69 -38.03
CA GLN B 6 6.92 -3.76 -37.44
C GLN B 6 7.08 -5.10 -36.75
N ILE B 7 8.23 -5.71 -36.89
CA ILE B 7 8.43 -7.05 -36.42
C ILE B 7 9.64 -7.09 -35.52
N GLN B 8 9.53 -7.77 -34.38
CA GLN B 8 10.72 -8.00 -33.58
C GLN B 8 10.82 -9.47 -33.27
N VAL B 9 12.04 -9.99 -33.24
CA VAL B 9 12.20 -11.37 -32.91
C VAL B 9 13.25 -11.49 -31.81
N TYR B 10 12.93 -12.22 -30.74
CA TYR B 10 13.76 -12.21 -29.55
C TYR B 10 13.21 -13.30 -28.65
N SER B 11 14.03 -13.75 -27.71
CA SER B 11 13.62 -14.78 -26.78
C SER B 11 13.07 -14.20 -25.45
N ARG B 12 12.27 -15.00 -24.73
CA ARG B 12 11.75 -14.54 -23.45
C ARG B 12 12.90 -14.31 -22.47
N HIS B 13 13.74 -15.33 -22.29
CA HIS B 13 14.86 -15.23 -21.37
C HIS B 13 16.15 -15.01 -22.11
N PRO B 14 17.19 -14.53 -21.40
CA PRO B 14 18.49 -14.36 -22.04
C PRO B 14 18.96 -15.67 -22.68
N PRO B 15 19.40 -15.62 -23.94
CA PRO B 15 19.76 -16.82 -24.68
C PRO B 15 21.01 -17.49 -24.12
N GLU B 16 20.97 -18.83 -24.06
CA GLU B 16 22.13 -19.66 -23.71
C GLU B 16 22.17 -20.95 -24.51
N ASN B 17 23.11 -21.06 -25.42
CA ASN B 17 23.16 -22.25 -26.25
C ASN B 17 22.98 -23.50 -25.43
N GLY B 18 22.08 -24.37 -25.86
CA GLY B 18 21.75 -25.57 -25.09
C GLY B 18 20.60 -25.44 -24.10
N LYS B 19 20.18 -24.23 -23.77
CA LYS B 19 19.14 -24.01 -22.77
C LYS B 19 17.80 -23.70 -23.37
N PRO B 20 16.78 -24.52 -23.04
CA PRO B 20 15.42 -24.29 -23.55
C PRO B 20 14.91 -22.91 -23.12
N ASN B 21 14.14 -22.29 -23.99
CA ASN B 21 13.77 -20.90 -23.86
C ASN B 21 12.46 -20.73 -24.61
N ILE B 22 12.02 -19.49 -24.75
CA ILE B 22 10.85 -19.18 -25.57
C ILE B 22 11.31 -18.17 -26.59
N LEU B 23 10.88 -18.38 -27.83
CA LEU B 23 11.18 -17.43 -28.87
C LEU B 23 9.91 -16.66 -29.15
N ASN B 24 10.01 -15.34 -29.13
CA ASN B 24 8.90 -14.52 -29.52
C ASN B 24 9.09 -13.90 -30.89
N CYS B 25 7.98 -13.79 -31.62
CA CYS B 25 7.87 -12.89 -32.76
C CYS B 25 6.71 -11.88 -32.54
N TYR B 26 7.06 -10.62 -32.31
CA TYR B 26 6.10 -9.57 -32.00
C TYR B 26 5.92 -8.70 -33.22
N VAL B 27 4.69 -8.58 -33.68
CA VAL B 27 4.40 -7.86 -34.88
C VAL B 27 3.38 -6.80 -34.54
N THR B 28 3.63 -5.56 -34.93
CA THR B 28 2.78 -4.46 -34.49
C THR B 28 2.52 -3.42 -35.58
N GLN B 29 1.59 -2.54 -35.30
CA GLN B 29 1.38 -1.34 -36.10
C GLN B 29 0.90 -1.63 -37.49
N PHE B 30 0.04 -2.62 -37.67
CA PHE B 30 -0.39 -2.98 -39.04
C PHE B 30 -1.87 -2.87 -39.20
N HIS B 31 -2.27 -2.75 -40.46
CA HIS B 31 -3.67 -2.64 -40.83
C HIS B 31 -3.75 -2.92 -42.30
N PRO B 32 -4.70 -3.80 -42.73
CA PRO B 32 -5.82 -4.25 -41.91
C PRO B 32 -5.41 -5.43 -41.04
N PRO B 33 -6.30 -5.89 -40.14
CA PRO B 33 -5.89 -6.83 -39.09
C PRO B 33 -5.61 -8.24 -39.58
N HIS B 34 -6.03 -8.55 -40.80
CA HIS B 34 -5.70 -9.84 -41.34
C HIS B 34 -4.19 -9.92 -41.63
N ILE B 35 -3.57 -10.99 -41.14
CA ILE B 35 -2.13 -11.14 -41.27
C ILE B 35 -1.77 -12.60 -41.07
N GLU B 36 -0.65 -13.02 -41.65
CA GLU B 36 -0.26 -14.40 -41.59
C GLU B 36 1.15 -14.43 -41.12
N ILE B 37 1.40 -15.09 -40.01
CA ILE B 37 2.71 -15.12 -39.42
C ILE B 37 3.20 -16.56 -39.25
N GLN B 38 4.45 -16.80 -39.60
CA GLN B 38 5.05 -18.10 -39.41
C GLN B 38 6.40 -17.97 -38.73
N MET B 39 6.69 -18.89 -37.83
CA MET B 39 8.00 -18.92 -37.23
C MET B 39 8.78 -20.06 -37.84
N LEU B 40 10.04 -19.79 -38.11
CA LEU B 40 10.86 -20.70 -38.90
C LEU B 40 12.05 -21.21 -38.11
N LYS B 41 12.29 -22.51 -38.21
CA LYS B 41 13.54 -23.10 -37.76
C LYS B 41 14.34 -23.56 -38.97
N ASN B 42 15.55 -23.02 -39.11
CA ASN B 42 16.42 -23.34 -40.26
C ASN B 42 15.68 -23.35 -41.60
N GLY B 43 14.87 -22.33 -41.85
CA GLY B 43 14.06 -22.29 -43.05
C GLY B 43 12.75 -23.06 -42.99
N LYS B 44 12.54 -23.89 -41.97
CA LYS B 44 11.31 -24.73 -41.93
C LYS B 44 10.25 -24.29 -40.92
N LYS B 45 8.99 -24.24 -41.36
CA LYS B 45 7.85 -23.89 -40.50
C LYS B 45 7.84 -24.65 -39.17
N ILE B 46 7.83 -23.92 -38.06
CA ILE B 46 7.66 -24.55 -36.76
C ILE B 46 6.20 -24.86 -36.53
N PRO B 47 5.89 -26.13 -36.19
CA PRO B 47 4.50 -26.47 -35.86
C PRO B 47 4.24 -26.17 -34.40
N LYS B 48 2.96 -26.02 -34.00
CA LYS B 48 2.65 -25.70 -32.60
C LYS B 48 3.28 -24.34 -32.26
N VAL B 49 2.65 -23.28 -32.74
CA VAL B 49 3.11 -21.94 -32.44
C VAL B 49 1.98 -21.18 -31.77
N GLU B 50 2.18 -20.84 -30.51
CA GLU B 50 1.20 -20.03 -29.77
C GLU B 50 1.06 -18.67 -30.44
N MET B 51 -0.17 -18.21 -30.55
CA MET B 51 -0.49 -16.97 -31.24
C MET B 51 -1.49 -16.22 -30.36
N SER B 52 -1.14 -15.05 -29.85
CA SER B 52 -2.14 -14.32 -29.03
C SER B 52 -3.34 -13.83 -29.84
N ASP B 53 -4.36 -13.32 -29.16
CA ASP B 53 -5.58 -12.86 -29.84
C ASP B 53 -5.45 -11.51 -30.50
N MET B 54 -6.32 -11.24 -31.48
CA MET B 54 -6.35 -9.95 -32.15
C MET B 54 -6.46 -8.81 -31.15
N SER B 55 -5.55 -7.86 -31.20
CA SER B 55 -5.66 -6.67 -30.37
C SER B 55 -5.32 -5.42 -31.15
N PHE B 56 -5.88 -4.29 -30.73
CA PHE B 56 -5.43 -3.02 -31.27
C PHE B 56 -5.07 -1.95 -30.24
N SER B 57 -4.32 -0.95 -30.72
CA SER B 57 -3.70 0.09 -29.91
C SER B 57 -4.50 1.36 -29.89
N LYS B 58 -4.17 2.28 -28.99
CA LYS B 58 -4.89 3.54 -28.87
C LYS B 58 -4.77 4.29 -30.18
N ASP B 59 -3.77 3.99 -30.97
CA ASP B 59 -3.75 4.60 -32.31
C ASP B 59 -4.43 3.76 -33.40
N TRP B 60 -5.27 2.81 -33.00
CA TRP B 60 -6.10 2.01 -33.93
C TRP B 60 -5.40 0.86 -34.66
N SER B 61 -4.10 0.79 -34.49
CA SER B 61 -3.22 -0.17 -35.08
C SER B 61 -3.34 -1.57 -34.46
N PHE B 62 -3.09 -2.63 -35.22
CA PHE B 62 -3.18 -3.98 -34.65
C PHE B 62 -1.83 -4.56 -34.32
N TYR B 63 -1.81 -5.48 -33.35
CA TYR B 63 -0.60 -6.18 -32.96
C TYR B 63 -0.87 -7.57 -32.41
N ILE B 64 0.15 -8.42 -32.50
CA ILE B 64 0.05 -9.82 -32.16
C ILE B 64 1.40 -10.27 -31.61
N LEU B 65 1.36 -11.16 -30.63
CA LEU B 65 2.54 -11.91 -30.20
C LEU B 65 2.50 -13.39 -30.62
N ALA B 66 3.55 -13.83 -31.30
CA ALA B 66 3.64 -15.23 -31.63
C ALA B 66 4.81 -15.71 -30.82
N HIS B 67 4.70 -16.92 -30.32
CA HIS B 67 5.79 -17.49 -29.57
C HIS B 67 5.79 -19.04 -29.62
N THR B 68 6.98 -19.61 -29.52
CA THR B 68 7.15 -21.04 -29.54
C THR B 68 8.27 -21.44 -28.57
N GLU B 69 8.22 -22.68 -28.13
CA GLU B 69 9.32 -23.22 -27.32
C GLU B 69 10.57 -23.38 -28.18
N PHE B 70 11.74 -23.19 -27.62
CA PHE B 70 12.91 -23.45 -28.44
C PHE B 70 14.19 -23.49 -27.64
N THR B 71 15.22 -24.08 -28.25
CA THR B 71 16.54 -24.20 -27.65
C THR B 71 17.57 -23.56 -28.57
N PRO B 72 18.07 -22.38 -28.19
CA PRO B 72 19.07 -21.82 -29.09
C PRO B 72 20.31 -22.72 -29.15
N THR B 73 20.92 -22.78 -30.32
CA THR B 73 22.19 -23.51 -30.55
C THR B 73 23.16 -22.61 -31.31
N GLU B 74 24.34 -23.11 -31.60
CA GLU B 74 25.30 -22.28 -32.33
C GLU B 74 24.99 -22.23 -33.80
N THR B 75 24.36 -23.27 -34.32
CA THR B 75 24.12 -23.33 -35.76
C THR B 75 22.68 -23.28 -36.23
N ASP B 76 21.71 -23.36 -35.33
CA ASP B 76 20.32 -23.27 -35.76
C ASP B 76 19.95 -21.83 -35.93
N THR B 77 19.28 -21.51 -37.02
CA THR B 77 18.81 -20.13 -37.19
C THR B 77 17.30 -20.11 -37.06
N TYR B 78 16.77 -19.01 -36.53
CA TYR B 78 15.34 -18.91 -36.30
C TYR B 78 14.82 -17.65 -36.92
N ALA B 79 13.59 -17.69 -37.42
CA ALA B 79 13.07 -16.54 -38.14
C ALA B 79 11.55 -16.42 -38.03
N CYS B 80 11.09 -15.20 -38.30
CA CYS B 80 9.65 -14.93 -38.34
C CYS B 80 9.32 -14.48 -39.75
N ARG B 81 8.30 -15.06 -40.34
CA ARG B 81 7.94 -14.63 -41.65
C ARG B 81 6.50 -14.13 -41.65
N VAL B 82 6.27 -12.95 -42.19
CA VAL B 82 4.97 -12.32 -42.19
C VAL B 82 4.50 -11.97 -43.59
N LYS B 83 3.25 -12.31 -43.90
CA LYS B 83 2.59 -11.87 -45.12
C LYS B 83 1.47 -10.91 -44.74
N HIS B 84 1.35 -9.79 -45.44
CA HIS B 84 0.35 -8.78 -45.11
C HIS B 84 0.09 -7.88 -46.31
N ASP B 85 -1.14 -7.40 -46.47
CA ASP B 85 -1.49 -6.69 -47.71
C ASP B 85 -0.59 -5.52 -48.04
N SER B 86 0.04 -4.94 -47.03
CA SER B 86 0.83 -3.73 -47.20
C SER B 86 2.18 -4.02 -47.85
N MET B 87 2.49 -5.29 -48.06
CA MET B 87 3.83 -5.59 -48.55
C MET B 87 3.80 -6.51 -49.75
N ALA B 88 4.47 -6.11 -50.83
CA ALA B 88 4.55 -6.94 -52.00
C ALA B 88 4.99 -8.34 -51.59
N GLU B 89 6.22 -8.47 -51.12
CA GLU B 89 6.77 -9.75 -50.69
C GLU B 89 6.60 -9.98 -49.18
N PRO B 90 6.54 -11.25 -48.78
CA PRO B 90 6.61 -11.60 -47.37
C PRO B 90 7.90 -11.05 -46.79
N LYS B 91 7.91 -10.75 -45.50
CA LYS B 91 9.12 -10.25 -44.89
C LYS B 91 9.61 -11.28 -43.91
N THR B 92 10.92 -11.52 -43.93
CA THR B 92 11.55 -12.43 -42.98
C THR B 92 12.48 -11.66 -42.06
N VAL B 93 12.36 -11.90 -40.76
CA VAL B 93 13.26 -11.29 -39.81
C VAL B 93 13.91 -12.39 -38.99
N TYR B 94 15.23 -12.29 -38.87
CA TYR B 94 16.01 -13.35 -38.30
C TYR B 94 16.29 -13.03 -36.87
N TRP B 95 16.03 -14.00 -36.02
CA TRP B 95 16.41 -13.85 -34.64
C TRP B 95 17.85 -13.39 -34.59
N ASP B 96 18.15 -12.51 -33.65
CA ASP B 96 19.50 -12.02 -33.44
C ASP B 96 19.68 -11.90 -31.91
N ARG B 97 20.33 -12.89 -31.32
CA ARG B 97 20.44 -12.99 -29.88
C ARG B 97 20.99 -11.74 -29.18
N ASP B 98 21.38 -10.73 -29.94
CA ASP B 98 21.86 -9.51 -29.31
C ASP B 98 20.80 -8.44 -29.35
N MET B 99 19.75 -8.69 -30.15
CA MET B 99 18.77 -7.63 -30.45
C MET B 99 17.49 -7.80 -29.66
N GLU C 1 -18.41 -2.96 -17.78
CA GLU C 1 -19.64 -3.26 -18.55
C GLU C 1 -19.70 -2.43 -19.84
N GLY C 2 -20.01 -3.08 -20.96
CA GLY C 2 -19.97 -2.41 -22.26
C GLY C 2 -21.07 -1.40 -22.49
N SER C 3 -20.89 -0.48 -23.42
CA SER C 3 -21.95 0.48 -23.76
C SER C 3 -22.81 -0.01 -24.91
N ARG C 4 -24.00 0.58 -25.01
CA ARG C 4 -24.93 0.31 -26.09
C ARG C 4 -24.93 1.52 -27.03
N ASN C 5 -24.42 1.35 -28.24
CA ASN C 5 -24.49 2.43 -29.22
C ASN C 5 -25.93 2.86 -29.47
N GLN C 6 -26.12 4.11 -29.89
CA GLN C 6 -27.45 4.61 -30.14
C GLN C 6 -27.82 4.46 -31.62
N ASP C 7 -27.94 5.59 -32.31
CA ASP C 7 -28.29 5.59 -33.71
C ASP C 7 -27.08 5.07 -34.48
N TRP C 8 -27.31 4.43 -35.62
CA TRP C 8 -26.21 3.86 -36.42
C TRP C 8 -25.35 4.99 -37.03
N LEU C 9 -24.24 4.64 -37.67
CA LEU C 9 -23.37 5.66 -38.24
C LEU C 9 -24.05 6.28 -39.43
N GLY D 1 1.66 -7.55 6.82
CA GLY D 1 1.78 -8.65 7.81
C GLY D 1 2.88 -9.64 7.46
N PRO D 2 2.88 -10.81 8.13
CA PRO D 2 3.91 -11.82 7.90
C PRO D 2 3.71 -12.61 6.57
N HIS D 3 4.65 -13.50 6.27
CA HIS D 3 4.61 -14.27 5.04
C HIS D 3 5.06 -15.71 5.27
N SER D 4 4.66 -16.59 4.36
CA SER D 4 5.03 -17.97 4.52
C SER D 4 5.15 -18.70 3.21
N MET D 5 5.88 -19.79 3.26
CA MET D 5 5.94 -20.75 2.18
C MET D 5 5.80 -22.14 2.78
N ARG D 6 5.01 -22.98 2.15
CA ARG D 6 4.92 -24.39 2.54
C ARG D 6 4.86 -25.29 1.32
N TYR D 7 5.41 -26.49 1.48
CA TYR D 7 5.23 -27.56 0.54
C TYR D 7 4.59 -28.68 1.30
N PHE D 8 3.46 -29.18 0.79
CA PHE D 8 2.71 -30.23 1.43
C PHE D 8 2.86 -31.42 0.52
N GLU D 9 3.44 -32.49 1.05
CA GLU D 9 3.70 -33.66 0.23
C GLU D 9 2.94 -34.86 0.72
N THR D 10 2.47 -35.70 -0.20
CA THR D 10 1.74 -36.88 0.20
C THR D 10 2.10 -38.05 -0.67
N ALA D 11 2.22 -39.21 -0.04
CA ALA D 11 2.39 -40.42 -0.79
C ALA D 11 1.34 -41.35 -0.28
N VAL D 12 0.58 -41.92 -1.20
CA VAL D 12 -0.48 -42.85 -0.84
C VAL D 12 -0.18 -44.22 -1.45
N SER D 13 -0.16 -45.26 -0.63
CA SER D 13 0.13 -46.59 -1.11
C SER D 13 -1.16 -47.35 -1.14
N ARG D 14 -1.43 -47.98 -2.28
CA ARG D 14 -2.62 -48.83 -2.36
C ARG D 14 -2.24 -50.19 -2.92
N PRO D 15 -3.00 -51.24 -2.51
CA PRO D 15 -2.57 -52.63 -2.75
C PRO D 15 -2.45 -52.96 -4.25
N GLY D 16 -1.39 -53.67 -4.62
CA GLY D 16 -1.13 -54.06 -6.00
C GLY D 16 0.34 -54.25 -6.31
N LEU D 17 0.65 -54.45 -7.59
CA LEU D 17 2.02 -54.37 -8.06
C LEU D 17 2.24 -52.88 -8.25
N GLU D 18 1.31 -52.12 -7.68
CA GLU D 18 1.24 -50.67 -7.85
C GLU D 18 2.36 -49.84 -7.21
N GLU D 19 2.60 -48.67 -7.78
CA GLU D 19 3.49 -47.67 -7.20
C GLU D 19 2.68 -46.62 -6.44
N PRO D 20 3.24 -46.12 -5.33
CA PRO D 20 2.49 -45.15 -4.58
C PRO D 20 2.33 -43.84 -5.37
N ARG D 21 1.16 -43.22 -5.24
CA ARG D 21 0.95 -41.91 -5.83
C ARG D 21 1.59 -40.79 -4.99
N TYR D 22 2.38 -39.95 -5.63
CA TYR D 22 3.08 -38.90 -4.93
C TYR D 22 2.59 -37.55 -5.40
N ILE D 23 2.16 -36.71 -4.46
CA ILE D 23 1.59 -35.42 -4.81
C ILE D 23 2.28 -34.36 -4.01
N SER D 24 2.73 -33.32 -4.66
CA SER D 24 3.39 -32.25 -3.92
C SER D 24 2.82 -30.89 -4.26
N VAL D 25 2.41 -30.14 -3.25
CA VAL D 25 1.78 -28.85 -3.49
C VAL D 25 2.54 -27.71 -2.80
N GLY D 26 2.87 -26.68 -3.57
CA GLY D 26 3.58 -25.55 -3.03
C GLY D 26 2.62 -24.44 -2.67
N TYR D 27 2.93 -23.69 -1.61
CA TYR D 27 2.07 -22.57 -1.17
C TYR D 27 2.90 -21.36 -0.80
N VAL D 28 2.48 -20.20 -1.27
CA VAL D 28 3.10 -18.98 -0.80
C VAL D 28 1.95 -18.20 -0.19
N ASP D 29 2.17 -17.67 0.99
CA ASP D 29 1.10 -17.01 1.73
C ASP D 29 -0.26 -17.73 1.64
N ASN D 30 -0.23 -19.05 1.86
CA ASN D 30 -1.42 -19.92 1.86
C ASN D 30 -2.15 -20.08 0.53
N LYS D 31 -1.51 -19.65 -0.55
CA LYS D 31 -2.12 -19.69 -1.86
C LYS D 31 -1.34 -20.70 -2.73
N GLU D 32 -2.00 -21.75 -3.23
CA GLU D 32 -1.32 -22.77 -4.02
C GLU D 32 -0.61 -22.11 -5.22
N PHE D 33 0.69 -22.33 -5.34
CA PHE D 33 1.42 -21.68 -6.43
C PHE D 33 2.09 -22.66 -7.39
N VAL D 34 2.39 -23.87 -6.94
CA VAL D 34 2.93 -24.91 -7.83
C VAL D 34 2.40 -26.26 -7.42
N ARG D 35 2.48 -27.24 -8.32
CA ARG D 35 1.94 -28.55 -8.01
C ARG D 35 2.48 -29.65 -8.90
N PHE D 36 2.70 -30.81 -8.29
CA PHE D 36 3.22 -31.98 -8.99
C PHE D 36 2.44 -33.21 -8.55
N ASP D 37 1.91 -33.97 -9.51
CA ASP D 37 1.14 -35.17 -9.21
C ASP D 37 1.70 -36.30 -10.04
N SER D 38 1.97 -37.43 -9.41
CA SER D 38 2.68 -38.50 -10.10
C SER D 38 1.76 -39.28 -10.96
N ASP D 39 0.47 -38.97 -10.87
CA ASP D 39 -0.61 -39.59 -11.61
CA ASP D 39 -0.49 -39.68 -11.69
C ASP D 39 -0.92 -38.84 -12.88
N ALA D 40 0.00 -37.97 -13.28
CA ALA D 40 -0.27 -37.06 -14.35
C ALA D 40 0.16 -37.63 -15.67
N GLU D 41 -0.63 -37.31 -16.69
CA GLU D 41 -0.22 -37.48 -18.06
C GLU D 41 1.31 -37.38 -18.09
N ASN D 42 1.79 -36.16 -18.03
CA ASN D 42 3.21 -35.89 -18.07
C ASN D 42 3.70 -35.32 -16.73
N PRO D 43 4.09 -36.20 -15.79
CA PRO D 43 4.46 -35.85 -14.42
C PRO D 43 5.47 -34.73 -14.32
N ARG D 44 5.03 -33.53 -13.94
CA ARG D 44 5.92 -32.38 -13.79
C ARG D 44 5.33 -31.33 -12.85
N TYR D 45 6.15 -30.43 -12.35
CA TYR D 45 5.67 -29.29 -11.58
C TYR D 45 5.03 -28.22 -12.46
N GLU D 46 3.73 -27.96 -12.25
CA GLU D 46 2.97 -26.99 -13.01
C GLU D 46 2.74 -25.73 -12.20
N PRO D 47 2.86 -24.55 -12.83
CA PRO D 47 2.44 -23.32 -12.15
C PRO D 47 0.96 -23.35 -11.78
N ARG D 48 0.57 -22.63 -10.74
CA ARG D 48 -0.82 -22.59 -10.30
C ARG D 48 -1.21 -21.16 -10.06
N ALA D 49 -0.24 -20.27 -9.99
CA ALA D 49 -0.50 -18.83 -9.92
C ALA D 49 0.04 -18.21 -11.19
N PRO D 50 -0.67 -17.23 -11.75
CA PRO D 50 -0.17 -16.62 -12.98
C PRO D 50 1.28 -16.10 -12.88
N TRP D 51 1.65 -15.51 -11.73
CA TRP D 51 2.96 -14.88 -11.65
C TRP D 51 4.12 -15.87 -11.72
N MET D 52 3.82 -17.15 -11.69
CA MET D 52 4.84 -18.17 -11.82
C MET D 52 5.21 -18.51 -13.28
N GLU D 53 4.55 -17.88 -14.24
CA GLU D 53 4.93 -18.07 -15.64
C GLU D 53 6.34 -17.54 -15.82
N GLN D 54 6.62 -16.45 -15.11
CA GLN D 54 7.91 -15.76 -15.08
C GLN D 54 9.13 -16.66 -14.99
N GLU D 55 9.02 -17.72 -14.22
CA GLU D 55 10.09 -18.67 -14.10
C GLU D 55 10.25 -19.44 -15.43
N GLY D 56 11.49 -19.59 -15.88
CA GLY D 56 11.79 -20.27 -17.14
C GLY D 56 11.81 -21.78 -16.99
N PRO D 57 12.09 -22.51 -18.10
CA PRO D 57 11.98 -23.96 -18.12
C PRO D 57 13.02 -24.62 -17.21
N GLU D 58 14.13 -23.93 -17.00
CA GLU D 58 15.21 -24.45 -16.17
C GLU D 58 14.74 -24.69 -14.72
N TYR D 59 13.99 -23.74 -14.19
CA TYR D 59 13.33 -23.88 -12.89
C TYR D 59 12.50 -25.17 -12.84
N TRP D 60 11.65 -25.36 -13.83
CA TRP D 60 10.73 -26.49 -13.83
C TRP D 60 11.46 -27.81 -13.98
N GLU D 61 12.59 -27.79 -14.66
CA GLU D 61 13.47 -28.95 -14.77
C GLU D 61 13.95 -29.40 -13.41
N ARG D 62 14.63 -28.49 -12.73
CA ARG D 62 15.14 -28.68 -11.38
C ARG D 62 14.06 -29.20 -10.45
N GLU D 63 12.93 -28.50 -10.41
CA GLU D 63 11.91 -28.79 -9.42
C GLU D 63 11.27 -30.14 -9.68
N THR D 64 10.97 -30.45 -10.94
CA THR D 64 10.36 -31.74 -11.20
C THR D 64 11.35 -32.88 -10.98
N GLN D 65 12.62 -32.60 -11.21
CA GLN D 65 13.66 -33.56 -10.96
C GLN D 65 13.74 -33.79 -9.46
N LYS D 66 13.87 -32.70 -8.74
CA LYS D 66 13.76 -32.73 -7.30
C LYS D 66 12.53 -33.53 -6.82
N ALA D 67 11.39 -33.36 -7.48
CA ALA D 67 10.20 -34.14 -7.15
C ALA D 67 10.34 -35.66 -7.33
N LYS D 68 11.02 -36.09 -8.37
CA LYS D 68 11.15 -37.52 -8.65
C LYS D 68 11.92 -38.22 -7.55
N GLY D 69 12.93 -37.51 -7.04
CA GLY D 69 13.74 -37.98 -5.93
C GLY D 69 12.92 -38.10 -4.66
N GLN D 70 12.12 -37.07 -4.36
CA GLN D 70 11.24 -37.13 -3.20
C GLN D 70 10.32 -38.32 -3.32
N GLU D 71 9.80 -38.52 -4.52
CA GLU D 71 8.93 -39.65 -4.80
C GLU D 71 9.53 -40.97 -4.42
N GLN D 72 10.81 -41.17 -4.73
CA GLN D 72 11.54 -42.37 -4.29
C GLN D 72 11.63 -42.47 -2.78
N TRP D 73 12.15 -41.40 -2.18
CA TRP D 73 12.22 -41.24 -0.73
C TRP D 73 10.93 -41.65 -0.02
N PHE D 74 9.79 -41.18 -0.52
CA PHE D 74 8.51 -41.50 0.11
C PHE D 74 8.17 -42.97 -0.04
N ARG D 75 8.67 -43.57 -1.12
CA ARG D 75 8.35 -44.94 -1.47
C ARG D 75 9.11 -45.88 -0.53
N VAL D 76 10.39 -45.58 -0.35
CA VAL D 76 11.18 -46.33 0.62
C VAL D 76 10.67 -46.12 2.04
N SER D 77 10.56 -44.85 2.45
CA SER D 77 9.99 -44.55 3.75
C SER D 77 8.69 -45.33 3.98
N LEU D 78 7.80 -45.31 3.01
CA LEU D 78 6.53 -46.02 3.14
C LEU D 78 6.72 -47.51 3.43
N ARG D 79 7.78 -48.11 2.89
CA ARG D 79 8.02 -49.52 3.11
C ARG D 79 8.54 -49.76 4.53
N ASN D 80 9.60 -49.07 4.91
CA ASN D 80 10.03 -49.04 6.32
C ASN D 80 8.88 -48.89 7.33
N LEU D 81 7.98 -47.94 7.11
CA LEU D 81 6.86 -47.74 8.02
C LEU D 81 6.03 -49.00 8.20
N LEU D 82 5.89 -49.76 7.12
CA LEU D 82 5.09 -50.97 7.13
C LEU D 82 5.73 -51.91 8.12
N GLY D 83 7.06 -51.98 8.04
CA GLY D 83 7.83 -52.74 9.02
C GLY D 83 7.56 -52.19 10.41
N TYR D 84 7.99 -50.94 10.63
CA TYR D 84 7.92 -50.33 11.95
C TYR D 84 6.61 -50.63 12.65
N TYR D 85 5.49 -50.58 11.94
CA TYR D 85 4.19 -50.79 12.60
C TYR D 85 3.65 -52.19 12.52
N ASN D 86 4.44 -53.11 11.96
CA ASN D 86 4.00 -54.48 11.84
C ASN D 86 2.68 -54.52 11.09
N GLN D 87 2.63 -53.84 9.97
CA GLN D 87 1.41 -53.88 9.19
C GLN D 87 1.63 -54.91 8.09
N SER D 88 0.61 -55.71 7.81
CA SER D 88 0.80 -56.71 6.76
C SER D 88 0.28 -56.23 5.40
N ALA D 89 1.03 -56.57 4.34
CA ALA D 89 0.62 -56.29 2.95
C ALA D 89 -0.89 -56.28 2.73
N GLY D 90 -1.32 -55.45 1.77
CA GLY D 90 -2.77 -55.29 1.48
C GLY D 90 -3.48 -54.12 2.17
N GLY D 91 -2.70 -53.15 2.66
CA GLY D 91 -3.30 -52.02 3.36
C GLY D 91 -3.42 -50.80 2.48
N SER D 92 -4.28 -49.88 2.89
CA SER D 92 -4.19 -48.54 2.33
C SER D 92 -3.43 -47.60 3.34
N HIS D 93 -2.28 -47.08 2.92
CA HIS D 93 -1.45 -46.29 3.84
C HIS D 93 -1.10 -44.94 3.28
N THR D 94 -0.97 -43.95 4.17
CA THR D 94 -0.60 -42.63 3.68
C THR D 94 0.50 -41.99 4.49
N LEU D 95 1.41 -41.29 3.82
CA LEU D 95 2.52 -40.65 4.47
C LEU D 95 2.54 -39.19 4.05
N GLN D 96 2.53 -38.26 5.01
CA GLN D 96 2.44 -36.84 4.69
C GLN D 96 3.59 -36.02 5.28
N GLN D 97 3.86 -34.89 4.64
CA GLN D 97 4.94 -34.05 5.08
C GLN D 97 4.59 -32.60 4.82
N MET D 98 4.92 -31.75 5.78
CA MET D 98 4.78 -30.32 5.61
C MET D 98 6.15 -29.78 5.97
N SER D 99 6.65 -28.85 5.17
CA SER D 99 7.88 -28.18 5.50
C SER D 99 7.88 -26.77 4.91
N GLY D 100 8.67 -25.85 5.48
CA GLY D 100 8.59 -24.48 5.05
C GLY D 100 8.97 -23.39 6.03
N CYS D 101 8.45 -22.20 5.76
CA CYS D 101 9.02 -20.95 6.19
C CYS D 101 7.98 -20.02 6.69
N ASP D 102 8.26 -19.36 7.81
CA ASP D 102 7.50 -18.17 8.21
C ASP D 102 8.43 -16.95 8.28
N LEU D 103 8.00 -15.85 7.65
CA LEU D 103 8.70 -14.57 7.78
C LEU D 103 7.78 -13.53 8.40
N GLY D 104 8.31 -12.71 9.31
CA GLY D 104 7.63 -11.50 9.84
C GLY D 104 7.54 -10.53 8.69
N SER D 105 6.99 -9.34 8.92
CA SER D 105 6.89 -8.34 7.85
C SER D 105 8.20 -7.60 7.59
N ASP D 106 9.28 -8.06 8.21
CA ASP D 106 10.61 -7.55 7.93
C ASP D 106 11.30 -8.55 7.03
N TRP D 107 10.54 -9.54 6.56
CA TRP D 107 11.06 -10.62 5.71
C TRP D 107 12.17 -11.41 6.38
N ARG D 108 12.28 -11.25 7.69
CA ARG D 108 13.27 -11.96 8.47
C ARG D 108 12.64 -13.29 8.89
N LEU D 109 13.42 -14.36 8.79
CA LEU D 109 12.93 -15.68 9.17
C LEU D 109 12.42 -15.70 10.60
N LEU D 110 11.28 -16.32 10.79
CA LEU D 110 10.59 -16.35 12.05
C LEU D 110 10.58 -17.75 12.63
N ARG D 111 10.58 -18.75 11.74
CA ARG D 111 10.37 -20.15 12.12
C ARG D 111 10.36 -21.08 10.90
N GLY D 112 11.10 -22.19 10.98
CA GLY D 112 11.01 -23.24 9.98
C GLY D 112 10.16 -24.39 10.47
N TYR D 113 9.59 -25.15 9.55
CA TYR D 113 8.78 -26.32 9.90
C TYR D 113 9.23 -27.51 9.12
N LEU D 114 9.20 -28.66 9.76
CA LEU D 114 9.40 -29.90 9.07
C LEU D 114 8.69 -30.90 9.92
N GLN D 115 7.59 -31.46 9.42
CA GLN D 115 6.93 -32.57 10.13
C GLN D 115 6.35 -33.63 9.22
N PHE D 116 6.24 -34.84 9.75
CA PHE D 116 5.69 -35.98 9.04
C PHE D 116 4.48 -36.57 9.75
N ALA D 117 3.56 -37.12 8.97
CA ALA D 117 2.43 -37.89 9.49
C ALA D 117 2.32 -39.25 8.79
N TYR D 118 1.91 -40.27 9.56
CA TYR D 118 1.60 -41.54 8.99
C TYR D 118 0.17 -41.83 9.36
N GLU D 119 -0.60 -42.34 8.40
CA GLU D 119 -2.03 -42.54 8.61
C GLU D 119 -2.72 -41.29 9.15
N GLY D 120 -2.18 -40.12 8.83
CA GLY D 120 -2.81 -38.87 9.24
C GLY D 120 -2.68 -38.60 10.74
N ARG D 121 -1.58 -39.04 11.33
CA ARG D 121 -1.31 -38.83 12.72
C ARG D 121 0.14 -38.43 12.85
N ASP D 122 0.42 -37.46 13.71
CA ASP D 122 1.78 -36.96 13.85
C ASP D 122 2.75 -38.09 14.03
N TYR D 123 3.86 -38.02 13.32
CA TYR D 123 4.83 -39.08 13.40
C TYR D 123 6.16 -38.53 13.86
N ILE D 124 6.70 -37.55 13.16
CA ILE D 124 7.90 -36.94 13.67
C ILE D 124 7.95 -35.49 13.22
N ALA D 125 8.55 -34.62 14.02
CA ALA D 125 8.61 -33.20 13.67
C ALA D 125 9.92 -32.58 14.09
N LEU D 126 10.46 -31.69 13.27
CA LEU D 126 11.60 -30.90 13.68
C LEU D 126 11.12 -29.87 14.69
N ASN D 127 11.84 -29.72 15.79
CA ASN D 127 11.48 -28.69 16.74
C ASN D 127 11.91 -27.32 16.29
N GLU D 128 11.25 -26.31 16.84
CA GLU D 128 11.57 -24.95 16.51
C GLU D 128 13.06 -24.66 16.55
N ASP D 129 13.78 -25.23 17.51
CA ASP D 129 15.21 -24.98 17.53
C ASP D 129 15.92 -25.50 16.30
N LEU D 130 15.19 -26.24 15.47
CA LEU D 130 15.76 -26.76 14.23
C LEU D 130 16.98 -27.66 14.42
N LYS D 131 17.07 -28.33 15.57
CA LYS D 131 18.13 -29.34 15.77
C LYS D 131 17.65 -30.53 16.61
N THR D 132 16.53 -30.40 17.28
CA THR D 132 15.93 -31.56 17.97
C THR D 132 14.64 -32.03 17.32
N TRP D 133 14.32 -33.32 17.53
CA TRP D 133 13.15 -33.94 16.93
C TRP D 133 12.16 -34.36 17.98
N THR D 134 10.89 -34.09 17.76
CA THR D 134 9.83 -34.68 18.55
C THR D 134 9.18 -35.91 17.88
N ALA D 135 9.14 -37.03 18.58
CA ALA D 135 8.63 -38.26 17.99
C ALA D 135 7.48 -38.76 18.81
N ALA D 136 6.33 -38.93 18.18
CA ALA D 136 5.12 -39.30 18.92
C ALA D 136 5.16 -40.75 19.40
N ASP D 137 4.74 -41.63 18.51
CA ASP D 137 4.71 -43.06 18.74
C ASP D 137 6.06 -43.64 19.15
N MET D 138 5.99 -44.83 19.74
CA MET D 138 7.16 -45.65 20.00
CA MET D 138 7.22 -45.59 20.00
C MET D 138 7.88 -45.97 18.67
N ALA D 139 7.09 -46.20 17.62
CA ALA D 139 7.70 -46.53 16.35
C ALA D 139 8.50 -45.39 15.78
N ALA D 140 8.15 -44.17 16.15
CA ALA D 140 8.87 -43.01 15.63
C ALA D 140 10.28 -42.89 16.22
N GLN D 141 10.45 -43.44 17.41
CA GLN D 141 11.75 -43.42 18.10
C GLN D 141 12.89 -43.85 17.21
N ILE D 142 12.72 -44.96 16.50
CA ILE D 142 13.84 -45.52 15.74
C ILE D 142 14.25 -44.60 14.59
N THR D 143 13.27 -43.90 14.01
CA THR D 143 13.54 -42.85 13.05
C THR D 143 14.33 -41.77 13.76
N ARG D 144 13.81 -41.30 14.90
CA ARG D 144 14.51 -40.26 15.63
C ARG D 144 15.96 -40.64 15.90
N ARG D 145 16.16 -41.81 16.52
CA ARG D 145 17.51 -42.30 16.84
C ARG D 145 18.39 -42.25 15.60
N LYS D 146 17.88 -42.79 14.51
CA LYS D 146 18.59 -42.83 13.24
C LYS D 146 18.93 -41.43 12.68
N TRP D 147 17.99 -40.50 12.77
CA TRP D 147 18.18 -39.18 12.19
C TRP D 147 19.07 -38.32 13.07
N GLU D 148 19.06 -38.62 14.37
CA GLU D 148 19.97 -37.97 15.28
C GLU D 148 21.35 -38.51 15.01
N GLN D 149 21.41 -39.76 14.58
CA GLN D 149 22.68 -40.37 14.22
C GLN D 149 23.27 -39.72 12.99
N SER D 150 22.44 -39.46 11.99
CA SER D 150 22.92 -38.91 10.73
C SER D 150 22.95 -37.39 10.71
N GLY D 151 22.48 -36.74 11.78
CA GLY D 151 22.42 -35.28 11.80
C GLY D 151 21.60 -34.79 10.63
N ALA D 152 20.37 -35.29 10.53
CA ALA D 152 19.45 -34.85 9.50
C ALA D 152 19.04 -33.40 9.72
N ALA D 153 18.85 -33.02 10.98
CA ALA D 153 18.42 -31.68 11.33
C ALA D 153 19.30 -30.62 10.71
N GLU D 154 20.59 -30.90 10.60
CA GLU D 154 21.49 -29.92 10.00
C GLU D 154 21.26 -29.77 8.51
N HIS D 155 20.74 -30.82 7.88
CA HIS D 155 20.43 -30.75 6.46
C HIS D 155 19.18 -29.89 6.23
N TYR D 156 18.18 -30.05 7.08
CA TYR D 156 16.94 -29.31 6.97
C TYR D 156 17.12 -27.87 7.40
N LYS D 157 17.83 -27.67 8.51
CA LYS D 157 18.12 -26.35 9.04
C LYS D 157 18.78 -25.47 7.98
N ALA D 158 19.69 -26.06 7.22
CA ALA D 158 20.35 -25.33 6.14
C ALA D 158 19.33 -24.88 5.12
N TYR D 159 18.44 -25.80 4.77
CA TYR D 159 17.41 -25.51 3.78
C TYR D 159 16.39 -24.50 4.32
N LEU D 160 15.89 -24.74 5.52
CA LEU D 160 14.87 -23.90 6.06
C LEU D 160 15.38 -22.50 6.27
N GLU D 161 16.65 -22.37 6.66
CA GLU D 161 17.20 -21.06 6.93
C GLU D 161 17.70 -20.35 5.69
N GLY D 162 18.10 -21.13 4.69
CA GLY D 162 18.65 -20.55 3.48
C GLY D 162 17.66 -20.50 2.35
N GLU D 163 17.66 -21.56 1.53
CA GLU D 163 16.91 -21.61 0.28
C GLU D 163 15.44 -21.27 0.45
N CYS D 164 14.79 -21.89 1.43
CA CYS D 164 13.38 -21.65 1.66
C CYS D 164 13.14 -20.15 1.79
N VAL D 165 13.93 -19.48 2.61
CA VAL D 165 13.77 -18.05 2.79
C VAL D 165 14.04 -17.24 1.52
N GLU D 166 15.16 -17.51 0.85
CA GLU D 166 15.53 -16.76 -0.38
C GLU D 166 14.49 -16.92 -1.48
N TRP D 167 14.11 -18.17 -1.76
CA TRP D 167 13.09 -18.42 -2.76
C TRP D 167 11.76 -17.78 -2.40
N LEU D 168 11.40 -17.82 -1.14
CA LEU D 168 10.22 -17.09 -0.74
C LEU D 168 10.41 -15.60 -1.00
N HIS D 169 11.57 -15.06 -0.63
CA HIS D 169 11.86 -13.68 -0.97
C HIS D 169 11.64 -13.45 -2.47
N ARG D 170 12.14 -14.38 -3.29
CA ARG D 170 11.98 -14.30 -4.74
C ARG D 170 10.51 -14.36 -5.15
N TYR D 171 9.80 -15.36 -4.67
CA TYR D 171 8.39 -15.42 -5.00
C TYR D 171 7.62 -14.18 -4.58
N LEU D 172 7.92 -13.65 -3.41
CA LEU D 172 7.25 -12.45 -2.90
C LEU D 172 7.31 -11.23 -3.81
N LYS D 173 8.47 -10.96 -4.38
CA LYS D 173 8.60 -9.82 -5.30
C LYS D 173 7.93 -10.08 -6.66
N ASN D 174 7.94 -11.33 -7.12
CA ASN D 174 7.24 -11.67 -8.35
C ASN D 174 5.73 -11.70 -8.16
N GLY D 175 5.28 -12.08 -6.97
CA GLY D 175 3.86 -12.08 -6.65
C GLY D 175 3.38 -10.72 -6.20
N ASN D 176 4.28 -10.01 -5.48
CA ASN D 176 4.01 -8.64 -5.02
C ASN D 176 2.56 -8.43 -4.61
N ALA D 177 1.89 -7.54 -5.34
CA ALA D 177 0.50 -7.19 -5.06
C ALA D 177 -0.43 -8.40 -4.96
N THR D 178 -0.56 -9.15 -6.06
CA THR D 178 -1.40 -10.37 -6.13
C THR D 178 -1.68 -11.06 -4.78
N LEU D 179 -0.61 -11.41 -4.05
CA LEU D 179 -0.75 -12.15 -2.79
C LEU D 179 -1.23 -11.26 -1.65
N LEU D 180 -1.35 -9.96 -1.93
CA LEU D 180 -1.80 -8.99 -0.93
C LEU D 180 -3.31 -8.79 -1.05
N ARG D 181 -3.85 -9.15 -2.21
CA ARG D 181 -5.29 -9.15 -2.41
C ARG D 181 -6.03 -9.45 -1.10
N THR D 182 -7.01 -8.61 -0.79
CA THR D 182 -8.04 -8.94 0.20
C THR D 182 -9.38 -8.40 -0.29
N ASP D 183 -10.45 -9.19 -0.21
CA ASP D 183 -11.79 -8.74 -0.58
C ASP D 183 -12.54 -8.69 0.71
N SER D 184 -13.19 -7.58 1.02
CA SER D 184 -13.85 -7.44 2.30
C SER D 184 -15.10 -8.30 2.27
N PRO D 185 -15.59 -8.74 3.45
CA PRO D 185 -16.88 -9.42 3.49
C PRO D 185 -18.06 -8.47 3.28
N LYS D 186 -19.20 -9.00 2.84
CA LYS D 186 -20.45 -8.25 2.77
C LYS D 186 -21.37 -8.97 3.72
N ALA D 187 -22.08 -8.24 4.56
CA ALA D 187 -22.81 -8.89 5.61
C ALA D 187 -24.29 -8.54 5.59
N HIS D 188 -25.13 -9.53 5.87
CA HIS D 188 -26.50 -9.24 6.24
C HIS D 188 -26.96 -10.32 7.19
N VAL D 189 -28.11 -10.09 7.80
CA VAL D 189 -28.73 -11.11 8.64
C VAL D 189 -30.13 -11.45 8.14
N THR D 190 -30.43 -12.75 8.12
CA THR D 190 -31.69 -13.24 7.63
C THR D 190 -32.51 -13.52 8.86
N HIS D 191 -33.80 -13.23 8.76
CA HIS D 191 -34.70 -13.25 9.89
C HIS D 191 -35.57 -14.47 9.69
N HIS D 192 -35.46 -15.43 10.59
CA HIS D 192 -36.12 -16.73 10.43
C HIS D 192 -37.08 -17.01 11.58
N PRO D 193 -38.37 -16.64 11.41
CA PRO D 193 -39.36 -17.03 12.42
C PRO D 193 -39.34 -18.55 12.78
N ARG D 194 -39.48 -18.86 14.06
CA ARG D 194 -39.66 -20.24 14.48
C ARG D 194 -40.77 -20.35 15.49
N SER D 195 -40.85 -21.49 16.15
CA SER D 195 -41.91 -21.74 17.12
C SER D 195 -41.69 -20.86 18.37
N LYS D 196 -42.56 -21.04 19.37
CA LYS D 196 -42.32 -20.69 20.77
C LYS D 196 -41.85 -19.26 21.07
N GLY D 197 -42.23 -18.30 20.25
CA GLY D 197 -41.91 -16.87 20.47
C GLY D 197 -40.52 -16.45 20.01
N GLU D 198 -39.89 -17.31 19.21
CA GLU D 198 -38.51 -17.11 18.86
C GLU D 198 -38.34 -16.67 17.42
N VAL D 199 -37.09 -16.31 17.10
CA VAL D 199 -36.64 -16.12 15.72
C VAL D 199 -35.18 -16.52 15.68
N THR D 200 -34.76 -17.12 14.59
CA THR D 200 -33.36 -17.46 14.44
C THR D 200 -32.68 -16.34 13.64
N LEU D 201 -31.68 -15.71 14.24
CA LEU D 201 -30.95 -14.67 13.54
C LEU D 201 -29.72 -15.30 12.91
N ARG D 202 -29.56 -15.13 11.61
CA ARG D 202 -28.44 -15.71 10.96
C ARG D 202 -27.59 -14.61 10.42
N CYS D 203 -26.32 -14.60 10.82
CA CYS D 203 -25.42 -13.59 10.33
C CYS D 203 -24.55 -14.19 9.24
N TRP D 204 -24.56 -13.53 8.09
CA TRP D 204 -23.87 -14.01 6.91
C TRP D 204 -22.69 -13.13 6.58
N ALA D 205 -21.61 -13.73 6.10
CA ALA D 205 -20.58 -12.95 5.49
C ALA D 205 -20.19 -13.59 4.19
N LEU D 206 -20.16 -12.79 3.13
CA LEU D 206 -19.95 -13.33 1.79
C LEU D 206 -18.88 -12.61 0.99
N GLY D 207 -18.31 -13.33 0.03
CA GLY D 207 -17.32 -12.76 -0.88
C GLY D 207 -16.02 -12.21 -0.28
N PHE D 208 -15.62 -12.71 0.87
CA PHE D 208 -14.41 -12.22 1.51
C PHE D 208 -13.17 -13.06 1.16
N TYR D 209 -11.99 -12.46 1.32
CA TYR D 209 -10.70 -13.18 1.16
C TYR D 209 -9.58 -12.46 1.87
N PRO D 210 -8.77 -13.17 2.66
CA PRO D 210 -8.60 -14.59 2.91
C PRO D 210 -9.73 -15.14 3.73
N ALA D 211 -9.63 -16.44 4.00
CA ALA D 211 -10.67 -17.21 4.67
C ALA D 211 -10.87 -16.81 6.14
N ASP D 212 -9.79 -16.37 6.78
CA ASP D 212 -9.86 -16.04 8.21
C ASP D 212 -10.94 -14.99 8.46
N ILE D 213 -11.78 -15.20 9.47
CA ILE D 213 -12.87 -14.30 9.75
C ILE D 213 -13.45 -14.74 11.07
N THR D 214 -14.13 -13.83 11.76
CA THR D 214 -14.76 -14.15 13.01
C THR D 214 -16.10 -13.43 13.04
N LEU D 215 -17.14 -14.16 13.41
CA LEU D 215 -18.46 -13.56 13.53
C LEU D 215 -18.97 -13.81 14.94
N THR D 216 -19.56 -12.79 15.52
CA THR D 216 -20.04 -12.94 16.89
C THR D 216 -21.38 -12.30 17.03
N TRP D 217 -22.14 -12.82 17.98
CA TRP D 217 -23.42 -12.25 18.30
C TRP D 217 -23.38 -11.66 19.68
N GLN D 218 -23.95 -10.48 19.84
CA GLN D 218 -23.94 -9.79 21.14
C GLN D 218 -25.30 -9.33 21.66
N LEU D 219 -25.66 -9.88 22.82
CA LEU D 219 -26.75 -9.36 23.64
C LEU D 219 -26.22 -8.34 24.64
N ASN D 220 -26.39 -7.06 24.31
CA ASN D 220 -26.12 -5.98 25.26
C ASN D 220 -24.63 -5.85 25.64
N GLY D 221 -23.76 -5.75 24.63
CA GLY D 221 -22.31 -5.72 24.87
C GLY D 221 -21.73 -7.08 25.24
N GLU D 222 -22.51 -7.92 25.93
CA GLU D 222 -22.05 -9.27 26.23
C GLU D 222 -21.95 -10.09 24.95
N GLU D 223 -20.95 -10.96 24.90
CA GLU D 223 -20.73 -11.79 23.72
C GLU D 223 -21.30 -13.19 23.91
N LEU D 224 -22.36 -13.49 23.18
CA LEU D 224 -23.01 -14.80 23.27
C LEU D 224 -22.29 -15.85 22.43
N THR D 225 -21.11 -16.25 22.85
CA THR D 225 -20.41 -17.35 22.19
C THR D 225 -21.05 -18.62 22.74
N GLN D 226 -22.24 -18.42 23.29
CA GLN D 226 -22.90 -19.38 24.14
C GLN D 226 -24.12 -19.99 23.47
N ASP D 227 -23.95 -21.17 22.87
CA ASP D 227 -25.05 -21.81 22.17
C ASP D 227 -25.52 -21.07 20.91
N MET D 228 -24.58 -20.55 20.15
CA MET D 228 -24.86 -20.05 18.80
C MET D 228 -24.41 -21.15 17.85
N GLU D 229 -24.79 -21.07 16.58
CA GLU D 229 -24.21 -22.02 15.62
C GLU D 229 -23.29 -21.39 14.56
N LEU D 230 -22.22 -22.11 14.26
CA LEU D 230 -21.24 -21.71 13.29
C LEU D 230 -21.31 -22.71 12.15
N VAL D 231 -20.79 -22.33 10.99
CA VAL D 231 -20.30 -23.32 10.05
C VAL D 231 -18.80 -23.12 9.76
N GLU D 232 -18.10 -24.23 9.56
CA GLU D 232 -16.78 -24.17 8.99
C GLU D 232 -16.84 -23.20 7.79
N THR D 233 -15.90 -22.26 7.74
CA THR D 233 -15.79 -21.31 6.64
C THR D 233 -15.68 -22.05 5.33
N ARG D 234 -16.40 -21.60 4.30
CA ARG D 234 -16.48 -22.37 3.02
C ARG D 234 -16.12 -21.59 1.73
N PRO D 235 -15.48 -22.26 0.77
CA PRO D 235 -15.14 -21.58 -0.47
C PRO D 235 -16.33 -21.40 -1.38
N ALA D 236 -16.41 -20.29 -2.11
CA ALA D 236 -17.53 -20.06 -2.99
C ALA D 236 -17.26 -20.77 -4.34
N GLY D 237 -15.98 -20.94 -4.65
CA GLY D 237 -15.55 -21.52 -5.91
C GLY D 237 -14.95 -20.42 -6.76
N ASP D 238 -15.26 -19.18 -6.41
CA ASP D 238 -14.79 -18.06 -7.21
C ASP D 238 -13.55 -17.37 -6.65
N GLY D 239 -12.84 -17.99 -5.70
CA GLY D 239 -11.76 -17.26 -5.01
C GLY D 239 -12.15 -16.63 -3.66
N THR D 240 -13.42 -16.28 -3.46
CA THR D 240 -13.81 -15.81 -2.13
C THR D 240 -14.37 -16.92 -1.25
N PHE D 241 -14.82 -16.54 -0.04
CA PHE D 241 -15.24 -17.47 0.99
C PHE D 241 -16.51 -16.98 1.67
N GLN D 242 -17.17 -17.84 2.45
CA GLN D 242 -18.43 -17.49 3.10
C GLN D 242 -18.46 -18.19 4.43
N LYS D 243 -19.27 -17.64 5.33
CA LYS D 243 -19.48 -18.21 6.64
C LYS D 243 -20.79 -17.64 7.19
N TRP D 244 -21.40 -18.31 8.16
CA TRP D 244 -22.51 -17.71 8.87
C TRP D 244 -22.55 -18.18 10.32
N ALA D 245 -23.19 -17.39 11.16
CA ALA D 245 -23.34 -17.76 12.55
C ALA D 245 -24.73 -17.32 13.04
N SER D 246 -25.42 -18.22 13.72
CA SER D 246 -26.79 -17.95 14.15
C SER D 246 -26.99 -17.96 15.65
N VAL D 247 -27.94 -17.15 16.10
CA VAL D 247 -28.50 -17.23 17.46
C VAL D 247 -30.03 -17.26 17.41
N VAL D 248 -30.61 -17.84 18.45
CA VAL D 248 -32.06 -17.93 18.58
C VAL D 248 -32.55 -17.01 19.68
N VAL D 249 -33.47 -16.11 19.36
CA VAL D 249 -33.89 -15.08 20.30
C VAL D 249 -35.38 -14.74 20.17
N PRO D 250 -35.91 -13.91 21.08
CA PRO D 250 -37.32 -13.55 20.99
C PRO D 250 -37.53 -12.47 19.93
N LEU D 251 -38.42 -12.71 18.98
CA LEU D 251 -38.61 -11.72 17.94
C LEU D 251 -39.49 -10.60 18.46
N GLY D 252 -39.40 -9.45 17.83
CA GLY D 252 -39.86 -8.21 18.44
C GLY D 252 -38.68 -7.47 19.07
N LYS D 253 -37.80 -8.22 19.73
CA LYS D 253 -36.64 -7.62 20.38
C LYS D 253 -35.32 -7.95 19.64
N GLU D 254 -35.29 -7.56 18.37
CA GLU D 254 -34.17 -7.85 17.47
C GLU D 254 -33.13 -6.75 17.45
N GLN D 255 -33.48 -5.57 17.98
CA GLN D 255 -32.53 -4.48 18.12
C GLN D 255 -31.56 -4.83 19.24
N ASN D 256 -32.04 -5.62 20.19
CA ASN D 256 -31.24 -6.05 21.34
C ASN D 256 -29.98 -6.80 20.95
N TYR D 257 -29.99 -7.35 19.75
CA TYR D 257 -28.97 -8.28 19.31
C TYR D 257 -28.18 -7.70 18.20
N THR D 258 -26.88 -8.00 18.17
CA THR D 258 -26.03 -7.41 17.16
C THR D 258 -24.89 -8.30 16.74
N CYS D 259 -24.64 -8.32 15.44
CA CYS D 259 -23.67 -9.21 14.86
C CYS D 259 -22.42 -8.39 14.52
N ARG D 260 -21.25 -8.92 14.80
CA ARG D 260 -20.03 -8.23 14.38
C ARG D 260 -19.17 -9.11 13.53
N VAL D 261 -18.50 -8.53 12.55
CA VAL D 261 -17.70 -9.28 11.59
C VAL D 261 -16.26 -8.73 11.53
N TYR D 262 -15.27 -9.59 11.75
CA TYR D 262 -13.87 -9.20 11.84
C TYR D 262 -13.04 -9.77 10.73
N HIS D 263 -12.44 -8.91 9.91
CA HIS D 263 -11.69 -9.37 8.78
C HIS D 263 -10.61 -8.40 8.36
N GLU D 264 -9.42 -8.91 8.10
CA GLU D 264 -8.30 -8.10 7.66
C GLU D 264 -8.71 -6.93 6.80
N GLY D 265 -9.56 -7.19 5.80
CA GLY D 265 -9.78 -6.24 4.71
C GLY D 265 -10.81 -5.21 5.09
N LEU D 266 -11.22 -5.24 6.35
CA LEU D 266 -12.13 -4.24 6.85
C LEU D 266 -11.33 -3.14 7.53
N PRO D 267 -11.58 -1.88 7.11
CA PRO D 267 -11.18 -0.67 7.83
C PRO D 267 -11.52 -0.78 9.33
N GLU D 268 -12.61 -1.47 9.64
CA GLU D 268 -12.96 -1.77 11.02
C GLU D 268 -14.05 -2.83 10.98
N PRO D 269 -14.30 -3.52 12.11
CA PRO D 269 -15.39 -4.48 12.14
C PRO D 269 -16.69 -3.93 11.52
N LEU D 270 -17.57 -4.84 11.11
CA LEU D 270 -18.91 -4.49 10.66
C LEU D 270 -19.82 -4.72 11.84
N THR D 271 -20.64 -3.74 12.14
CA THR D 271 -21.71 -3.95 13.10
C THR D 271 -22.99 -3.94 12.29
N LEU D 272 -23.83 -4.93 12.50
CA LEU D 272 -25.11 -4.94 11.82
C LEU D 272 -26.17 -5.63 12.66
N ARG D 273 -27.38 -5.11 12.52
CA ARG D 273 -28.56 -5.64 13.19
C ARG D 273 -29.53 -6.06 12.10
N TRP D 274 -30.47 -6.94 12.41
CA TRP D 274 -31.47 -7.29 11.40
C TRP D 274 -32.28 -6.08 10.96
N GLU D 275 -32.29 -5.82 9.66
CA GLU D 275 -32.98 -4.66 9.12
C GLU D 275 -34.40 -4.98 8.63
N PRO D 276 -35.42 -4.46 9.35
CA PRO D 276 -36.82 -4.67 9.01
C PRO D 276 -37.10 -4.14 7.61
N ILE E 1 -8.11 -45.63 13.48
CA ILE E 1 -9.05 -44.51 13.21
C ILE E 1 -8.84 -43.92 11.80
N GLN E 2 -9.98 -43.69 11.16
CA GLN E 2 -10.09 -42.93 9.95
C GLN E 2 -10.97 -41.74 10.38
N LYS E 3 -10.99 -40.66 9.60
CA LYS E 3 -11.74 -39.45 10.01
C LYS E 3 -12.96 -39.24 9.14
N THR E 4 -14.11 -38.99 9.76
CA THR E 4 -15.42 -38.88 9.08
C THR E 4 -15.64 -37.52 8.45
N PRO E 5 -15.84 -37.50 7.14
CA PRO E 5 -15.94 -36.26 6.40
C PRO E 5 -17.07 -35.37 6.88
N GLN E 6 -16.81 -34.07 6.96
CA GLN E 6 -17.88 -33.08 7.13
C GLN E 6 -18.28 -32.60 5.74
N ILE E 7 -19.56 -32.41 5.53
CA ILE E 7 -20.06 -32.07 4.24
C ILE E 7 -20.92 -30.85 4.32
N GLN E 8 -20.74 -29.90 3.39
CA GLN E 8 -21.67 -28.78 3.33
C GLN E 8 -22.14 -28.65 1.90
N VAL E 9 -23.41 -28.30 1.72
CA VAL E 9 -23.91 -28.12 0.40
C VAL E 9 -24.59 -26.74 0.32
N TYR E 10 -24.23 -25.95 -0.68
CA TYR E 10 -24.67 -24.58 -0.72
C TYR E 10 -24.29 -24.06 -2.10
N SER E 11 -24.92 -22.96 -2.51
CA SER E 11 -24.66 -22.35 -3.79
C SER E 11 -23.62 -21.22 -3.72
N ARG E 12 -22.98 -20.93 -4.84
CA ARG E 12 -21.99 -19.86 -4.85
C ARG E 12 -22.67 -18.55 -4.55
N HIS E 13 -23.71 -18.22 -5.31
CA HIS E 13 -24.44 -16.96 -5.13
C HIS E 13 -25.76 -17.19 -4.42
N PRO E 14 -26.31 -16.13 -3.83
CA PRO E 14 -27.60 -16.26 -3.16
C PRO E 14 -28.61 -16.89 -4.11
N PRO E 15 -29.36 -17.90 -3.64
CA PRO E 15 -30.28 -18.60 -4.51
C PRO E 15 -31.48 -17.74 -4.92
N GLU E 16 -31.88 -17.90 -6.18
CA GLU E 16 -33.10 -17.30 -6.69
C GLU E 16 -33.79 -18.21 -7.71
N ASN E 17 -34.94 -18.78 -7.34
CA ASN E 17 -35.62 -19.68 -8.27
C ASN E 17 -35.65 -19.14 -9.67
N GLY E 18 -35.21 -19.95 -10.62
CA GLY E 18 -35.10 -19.50 -12.01
C GLY E 18 -33.76 -18.94 -12.44
N LYS E 19 -32.89 -18.62 -11.48
CA LYS E 19 -31.60 -17.99 -11.80
C LYS E 19 -30.45 -18.96 -11.73
N PRO E 20 -29.71 -19.13 -12.85
CA PRO E 20 -28.56 -20.03 -12.91
C PRO E 20 -27.52 -19.62 -11.87
N ASN E 21 -26.84 -20.60 -11.30
CA ASN E 21 -26.02 -20.40 -10.14
C ASN E 21 -24.99 -21.49 -10.15
N ILE E 22 -24.24 -21.60 -9.07
CA ILE E 22 -23.32 -22.73 -8.91
C ILE E 22 -23.68 -23.41 -7.60
N LEU E 23 -23.70 -24.74 -7.64
CA LEU E 23 -23.93 -25.49 -6.44
C LEU E 23 -22.61 -26.09 -6.02
N ASN E 24 -22.24 -25.87 -4.77
CA ASN E 24 -21.07 -26.49 -4.20
C ASN E 24 -21.42 -27.60 -3.23
N CYS E 25 -20.59 -28.64 -3.25
CA CYS E 25 -20.49 -29.62 -2.18
C CYS E 25 -19.04 -29.66 -1.63
N TYR E 26 -18.86 -29.18 -0.40
CA TYR E 26 -17.57 -29.07 0.22
C TYR E 26 -17.44 -30.12 1.25
N VAL E 27 -16.45 -30.97 1.13
CA VAL E 27 -16.28 -32.10 2.02
C VAL E 27 -14.90 -31.97 2.64
N THR E 28 -14.82 -32.06 3.98
CA THR E 28 -13.56 -31.80 4.67
C THR E 28 -13.27 -32.76 5.80
N GLN E 29 -12.05 -32.71 6.30
CA GLN E 29 -11.69 -33.37 7.54
C GLN E 29 -11.73 -34.87 7.48
N PHE E 30 -11.39 -35.46 6.35
CA PHE E 30 -11.50 -36.93 6.20
C PHE E 30 -10.17 -37.56 5.93
N HIS E 31 -10.11 -38.86 6.20
CA HIS E 31 -8.90 -39.64 6.02
C HIS E 31 -9.33 -41.08 6.11
N PRO E 32 -8.88 -41.91 5.15
CA PRO E 32 -7.81 -41.58 4.20
C PRO E 32 -8.34 -40.79 3.01
N PRO E 33 -7.44 -40.31 2.12
CA PRO E 33 -7.83 -39.35 1.10
C PRO E 33 -8.69 -39.89 -0.03
N HIS E 34 -8.76 -41.21 -0.17
CA HIS E 34 -9.63 -41.76 -1.17
C HIS E 34 -11.10 -41.57 -0.76
N ILE E 35 -11.89 -41.01 -1.66
CA ILE E 35 -13.26 -40.67 -1.36
C ILE E 35 -14.05 -40.55 -2.66
N GLU E 36 -15.34 -40.81 -2.60
CA GLU E 36 -16.14 -40.79 -3.80
C GLU E 36 -17.30 -39.86 -3.55
N ILE E 37 -17.42 -38.84 -4.36
CA ILE E 37 -18.45 -37.85 -4.17
C ILE E 37 -19.33 -37.74 -5.41
N GLN E 38 -20.64 -37.68 -5.19
CA GLN E 38 -21.56 -37.45 -6.29
C GLN E 38 -22.52 -36.34 -5.97
N MET E 39 -22.84 -35.53 -6.95
CA MET E 39 -23.88 -34.56 -6.77
C MET E 39 -25.14 -34.99 -7.48
N LEU E 40 -26.27 -34.81 -6.81
CA LEU E 40 -27.53 -35.38 -7.24
C LEU E 40 -28.56 -34.31 -7.57
N LYS E 41 -29.23 -34.48 -8.70
CA LYS E 41 -30.42 -33.71 -8.99
C LYS E 41 -31.61 -34.65 -8.91
N ASN E 42 -32.58 -34.30 -8.06
CA ASN E 42 -33.79 -35.13 -7.85
C ASN E 42 -33.51 -36.64 -7.75
N GLY E 43 -32.51 -37.00 -6.95
CA GLY E 43 -32.10 -38.39 -6.87
C GLY E 43 -31.17 -38.87 -7.97
N LYS E 44 -30.98 -38.11 -9.04
CA LYS E 44 -30.14 -38.58 -10.17
C LYS E 44 -28.75 -37.94 -10.28
N LYS E 45 -27.71 -38.77 -10.47
CA LYS E 45 -26.33 -38.30 -10.65
C LYS E 45 -26.21 -37.18 -11.69
N ILE E 46 -25.65 -36.04 -11.27
CA ILE E 46 -25.35 -34.97 -12.21
C ILE E 46 -24.07 -35.28 -12.97
N PRO E 47 -24.12 -35.25 -14.30
CA PRO E 47 -22.90 -35.47 -15.08
C PRO E 47 -22.15 -34.14 -15.21
N LYS E 48 -20.85 -34.19 -15.53
CA LYS E 48 -20.05 -32.95 -15.62
C LYS E 48 -20.08 -32.26 -14.27
N VAL E 49 -19.29 -32.76 -13.35
CA VAL E 49 -19.17 -32.13 -12.05
C VAL E 49 -17.73 -31.77 -11.80
N GLU E 50 -17.45 -30.48 -11.72
CA GLU E 50 -16.09 -30.02 -11.40
C GLU E 50 -15.69 -30.50 -10.02
N MET E 51 -14.44 -30.94 -9.91
CA MET E 51 -13.92 -31.53 -8.70
C MET E 51 -12.53 -30.94 -8.49
N SER E 52 -12.27 -30.22 -7.40
CA SER E 52 -10.92 -29.69 -7.19
C SER E 52 -9.92 -30.78 -6.86
N ASP E 53 -8.64 -30.41 -6.81
CA ASP E 53 -7.59 -31.41 -6.55
C ASP E 53 -7.44 -31.79 -5.11
N MET E 54 -6.85 -32.96 -4.88
CA MET E 54 -6.57 -33.45 -3.53
C MET E 54 -5.81 -32.38 -2.73
N SER E 55 -6.33 -32.00 -1.58
CA SER E 55 -5.59 -31.10 -0.69
C SER E 55 -5.69 -31.54 0.74
N PHE E 56 -4.69 -31.20 1.54
CA PHE E 56 -4.80 -31.36 2.98
C PHE E 56 -4.51 -30.14 3.83
N SER E 57 -4.95 -30.23 5.09
CA SER E 57 -4.95 -29.11 6.02
C SER E 57 -3.80 -29.18 6.98
N LYS E 58 -3.55 -28.09 7.69
CA LYS E 58 -2.47 -28.03 8.66
C LYS E 58 -2.68 -29.12 9.71
N ASP E 59 -3.90 -29.61 9.84
CA ASP E 59 -4.04 -30.76 10.74
C ASP E 59 -4.03 -32.12 10.03
N TRP E 60 -3.47 -32.17 8.81
CA TRP E 60 -3.24 -33.44 8.06
C TRP E 60 -4.45 -34.03 7.38
N SER E 61 -5.60 -33.42 7.64
CA SER E 61 -6.89 -33.81 7.12
C SER E 61 -7.10 -33.47 5.63
N PHE E 62 -7.90 -34.24 4.90
CA PHE E 62 -8.10 -33.91 3.48
C PHE E 62 -9.42 -33.24 3.24
N TYR E 63 -9.48 -32.44 2.16
CA TYR E 63 -10.70 -31.76 1.75
C TYR E 63 -10.75 -31.52 0.24
N ILE E 64 -11.97 -31.40 -0.26
CA ILE E 64 -12.26 -31.28 -1.67
C ILE E 64 -13.48 -30.38 -1.82
N LEU E 65 -13.50 -29.61 -2.90
CA LEU E 65 -14.68 -28.90 -3.34
C LEU E 65 -15.24 -29.49 -4.65
N ALA E 66 -16.53 -29.83 -4.63
CA ALA E 66 -17.17 -30.30 -5.82
C ALA E 66 -18.16 -29.22 -6.15
N HIS E 67 -18.31 -28.92 -7.43
CA HIS E 67 -19.30 -27.94 -7.84
C HIS E 67 -19.82 -28.20 -9.28
N THR E 68 -21.06 -27.78 -9.49
CA THR E 68 -21.72 -27.94 -10.77
C THR E 68 -22.59 -26.72 -11.05
N GLU E 69 -22.83 -26.48 -12.33
CA GLU E 69 -23.78 -25.43 -12.73
C GLU E 69 -25.20 -25.84 -12.33
N PHE E 70 -26.04 -24.90 -11.95
CA PHE E 70 -27.39 -25.29 -11.66
C PHE E 70 -28.34 -24.13 -11.49
N THR E 71 -29.63 -24.44 -11.64
CA THR E 71 -30.71 -23.45 -11.53
C THR E 71 -31.68 -23.87 -10.45
N PRO E 72 -31.63 -23.21 -9.29
CA PRO E 72 -32.58 -23.62 -8.29
C PRO E 72 -34.02 -23.36 -8.74
N THR E 73 -34.93 -24.26 -8.35
CA THR E 73 -36.36 -24.14 -8.64
C THR E 73 -37.13 -24.43 -7.37
N GLU E 74 -38.45 -24.37 -7.44
CA GLU E 74 -39.23 -24.61 -6.24
C GLU E 74 -39.35 -26.07 -5.94
N THR E 75 -39.31 -26.91 -6.97
CA THR E 75 -39.49 -28.33 -6.76
C THR E 75 -38.30 -29.25 -7.00
N ASP E 76 -37.21 -28.76 -7.58
CA ASP E 76 -36.03 -29.62 -7.75
C ASP E 76 -35.26 -29.69 -6.47
N THR E 77 -34.87 -30.89 -6.08
CA THR E 77 -34.02 -31.02 -4.91
C THR E 77 -32.61 -31.41 -5.33
N TYR E 78 -31.61 -30.93 -4.58
CA TYR E 78 -30.24 -31.20 -4.93
C TYR E 78 -29.52 -31.80 -3.75
N ALA E 79 -28.59 -32.72 -4.03
CA ALA E 79 -27.92 -33.40 -2.93
C ALA E 79 -26.48 -33.80 -3.25
N CYS E 80 -25.73 -34.04 -2.18
CA CYS E 80 -24.36 -34.48 -2.30
C CYS E 80 -24.29 -35.85 -1.63
N ARG E 81 -23.71 -36.82 -2.31
CA ARG E 81 -23.62 -38.12 -1.72
C ARG E 81 -22.15 -38.54 -1.66
N VAL E 82 -21.70 -38.96 -0.48
CA VAL E 82 -20.32 -39.31 -0.29
C VAL E 82 -20.16 -40.73 0.26
N LYS E 83 -19.25 -41.49 -0.33
CA LYS E 83 -18.85 -42.80 0.18
C LYS E 83 -17.41 -42.67 0.66
N HIS E 84 -17.11 -43.21 1.84
CA HIS E 84 -15.77 -43.11 2.42
C HIS E 84 -15.58 -44.17 3.48
N ASP E 85 -14.37 -44.71 3.61
CA ASP E 85 -14.14 -45.87 4.47
C ASP E 85 -14.65 -45.72 5.90
N SER E 86 -14.77 -44.48 6.36
CA SER E 86 -15.10 -44.22 7.76
C SER E 86 -16.58 -44.41 8.00
N MET E 87 -17.34 -44.68 6.96
CA MET E 87 -18.78 -44.74 7.17
C MET E 87 -19.40 -45.98 6.57
N ALA E 88 -20.17 -46.71 7.38
CA ALA E 88 -20.85 -47.89 6.90
C ALA E 88 -21.59 -47.51 5.63
N GLU E 89 -22.62 -46.68 5.76
CA GLU E 89 -23.43 -46.26 4.60
C GLU E 89 -22.94 -44.95 3.98
N PRO E 90 -23.19 -44.77 2.68
CA PRO E 90 -22.98 -43.49 2.04
C PRO E 90 -23.80 -42.44 2.76
N LYS E 91 -23.35 -41.20 2.77
CA LYS E 91 -24.10 -40.15 3.42
C LYS E 91 -24.63 -39.22 2.36
N THR E 92 -25.89 -38.82 2.50
CA THR E 92 -26.48 -37.84 1.60
C THR E 92 -26.83 -36.56 2.34
N VAL E 93 -26.42 -35.43 1.78
CA VAL E 93 -26.77 -34.16 2.39
C VAL E 93 -27.51 -33.31 1.36
N TYR E 94 -28.63 -32.76 1.79
CA TYR E 94 -29.53 -32.09 0.89
C TYR E 94 -29.26 -30.63 0.95
N TRP E 95 -29.11 -30.05 -0.23
CA TRP E 95 -29.02 -28.62 -0.31
C TRP E 95 -30.15 -28.02 0.51
N ASP E 96 -29.88 -26.92 1.20
CA ASP E 96 -30.88 -26.20 1.96
C ASP E 96 -30.58 -24.72 1.76
N ARG E 97 -31.35 -24.08 0.89
CA ARG E 97 -31.06 -22.70 0.50
C ARG E 97 -30.94 -21.71 1.64
N ASP E 98 -31.16 -22.14 2.88
CA ASP E 98 -30.99 -21.23 4.00
C ASP E 98 -29.70 -21.52 4.72
N MET E 99 -29.05 -22.63 4.37
CA MET E 99 -27.90 -23.10 5.14
C MET E 99 -26.57 -22.83 4.45
N GLU F 1 10.64 -23.16 -3.78
CA GLU F 1 11.44 -24.34 -4.21
C GLU F 1 11.41 -25.42 -3.15
N GLY F 2 11.15 -26.66 -3.55
CA GLY F 2 10.98 -27.76 -2.60
C GLY F 2 12.27 -28.21 -1.94
N SER F 3 12.17 -28.88 -0.80
CA SER F 3 13.35 -29.44 -0.14
C SER F 3 13.64 -30.88 -0.57
N ARG F 4 14.86 -31.32 -0.33
CA ARG F 4 15.28 -32.68 -0.59
C ARG F 4 15.44 -33.37 0.76
N ASN F 5 14.59 -34.36 1.05
CA ASN F 5 14.74 -35.12 2.26
C ASN F 5 16.11 -35.80 2.31
N GLN F 6 16.61 -36.08 3.51
CA GLN F 6 17.90 -36.73 3.65
C GLN F 6 17.76 -38.23 3.75
N ASP F 7 18.06 -38.77 4.93
CA ASP F 7 17.98 -40.19 5.16
C ASP F 7 16.50 -40.56 5.23
N TRP F 8 16.14 -41.78 4.84
CA TRP F 8 14.74 -42.22 4.82
C TRP F 8 14.20 -42.33 6.27
N LEU F 9 12.90 -42.58 6.43
CA LEU F 9 12.32 -42.67 7.75
C LEU F 9 12.82 -43.93 8.42
N GLY G 1 2.27 8.11 -6.26
CA GLY G 1 1.77 9.11 -7.26
C GLY G 1 2.87 10.04 -7.78
N PRO G 2 2.49 11.13 -8.47
CA PRO G 2 3.47 12.06 -9.07
C PRO G 2 4.08 13.00 -8.02
N HIS G 3 5.00 13.86 -8.45
CA HIS G 3 5.70 14.75 -7.51
C HIS G 3 5.97 16.07 -8.21
N SER G 4 6.32 17.09 -7.43
CA SER G 4 6.47 18.40 -8.00
C SER G 4 7.37 19.30 -7.16
N MET G 5 7.91 20.32 -7.80
CA MET G 5 8.61 21.35 -7.08
C MET G 5 8.19 22.66 -7.71
N ARG G 6 7.94 23.68 -6.89
CA ARG G 6 7.61 25.01 -7.37
C ARG G 6 8.29 26.08 -6.52
N TYR G 7 8.63 27.20 -7.16
CA TYR G 7 9.05 28.38 -6.41
C TYR G 7 8.10 29.47 -6.80
N PHE G 8 7.51 30.12 -5.82
CA PHE G 8 6.57 31.18 -6.08
C PHE G 8 7.23 32.45 -5.62
N GLU G 9 7.44 33.38 -6.54
CA GLU G 9 8.16 34.59 -6.20
C GLU G 9 7.27 35.80 -6.34
N THR G 10 7.46 36.79 -5.48
CA THR G 10 6.63 37.99 -5.57
C THR G 10 7.43 39.23 -5.28
N ALA G 11 7.15 40.28 -6.02
CA ALA G 11 7.79 41.54 -5.77
C ALA G 11 6.68 42.56 -5.72
N VAL G 12 6.64 43.33 -4.65
CA VAL G 12 5.55 44.27 -4.47
C VAL G 12 6.14 45.66 -4.36
N SER G 13 5.67 46.57 -5.19
CA SER G 13 6.23 47.91 -5.16
C SER G 13 5.22 48.81 -4.50
N ARG G 14 5.69 49.61 -3.56
CA ARG G 14 4.82 50.61 -2.92
C ARG G 14 5.48 51.97 -2.89
N PRO G 15 4.67 53.04 -2.93
CA PRO G 15 5.17 54.39 -3.23
C PRO G 15 6.14 54.91 -2.18
N GLY G 16 7.22 55.54 -2.62
CA GLY G 16 8.27 56.03 -1.72
C GLY G 16 9.65 56.10 -2.39
N LEU G 17 10.68 56.42 -1.59
CA LEU G 17 12.06 56.22 -2.04
C LEU G 17 12.32 54.74 -1.75
N GLU G 18 11.23 54.01 -1.57
CA GLU G 18 11.25 52.62 -1.14
C GLU G 18 11.77 51.62 -2.18
N GLU G 19 12.21 50.47 -1.66
CA GLU G 19 12.61 49.32 -2.47
C GLU G 19 11.47 48.29 -2.46
N PRO G 20 11.28 47.60 -3.58
CA PRO G 20 10.20 46.64 -3.58
C PRO G 20 10.55 45.47 -2.65
N ARG G 21 9.53 44.94 -1.98
CA ARG G 21 9.68 43.75 -1.16
C ARG G 21 9.68 42.50 -2.03
N TYR G 22 10.70 41.68 -1.87
CA TYR G 22 10.82 40.46 -2.61
C TYR G 22 10.67 39.26 -1.67
N ILE G 23 9.74 38.36 -2.01
CA ILE G 23 9.49 37.17 -1.23
C ILE G 23 9.52 35.99 -2.14
N SER G 24 10.23 34.94 -1.75
CA SER G 24 10.27 33.75 -2.57
C SER G 24 10.02 32.52 -1.71
N VAL G 25 9.10 31.66 -2.16
CA VAL G 25 8.76 30.48 -1.39
C VAL G 25 8.95 29.23 -2.21
N GLY G 26 9.62 28.25 -1.66
CA GLY G 26 9.86 26.99 -2.36
C GLY G 26 8.88 25.94 -1.88
N TYR G 27 8.55 24.98 -2.74
CA TYR G 27 7.55 23.97 -2.40
C TYR G 27 7.98 22.65 -3.01
N VAL G 28 7.92 21.59 -2.22
CA VAL G 28 8.07 20.27 -2.78
C VAL G 28 6.78 19.58 -2.43
N ASP G 29 6.20 18.88 -3.41
CA ASP G 29 4.86 18.28 -3.28
C ASP G 29 3.86 19.14 -2.51
N ASN G 30 3.76 20.40 -2.93
CA ASN G 30 2.83 21.41 -2.36
C ASN G 30 3.04 21.82 -0.91
N LYS G 31 4.17 21.42 -0.34
CA LYS G 31 4.48 21.70 1.04
C LYS G 31 5.63 22.72 1.08
N GLU G 32 5.42 23.87 1.74
CA GLU G 32 6.44 24.92 1.81
C GLU G 32 7.73 24.35 2.42
N PHE G 33 8.87 24.46 1.72
CA PHE G 33 10.11 23.83 2.23
C PHE G 33 11.28 24.80 2.39
N VAL G 34 11.26 25.92 1.69
CA VAL G 34 12.24 26.98 1.98
C VAL G 34 11.59 28.33 1.76
N ARG G 35 12.18 29.40 2.30
CA ARG G 35 11.57 30.70 2.13
C ARG G 35 12.54 31.85 2.33
N PHE G 36 12.40 32.91 1.53
CA PHE G 36 13.26 34.09 1.60
C PHE G 36 12.37 35.33 1.54
N ASP G 37 12.54 36.25 2.48
CA ASP G 37 11.74 37.48 2.55
C ASP G 37 12.70 38.67 2.67
N SER G 38 12.52 39.67 1.81
CA SER G 38 13.51 40.75 1.76
C SER G 38 13.31 41.81 2.85
N ASP G 39 12.23 41.72 3.61
CA ASP G 39 12.05 42.62 4.75
C ASP G 39 12.31 41.83 6.03
N ALA G 40 13.25 40.89 5.95
CA ALA G 40 13.66 40.15 7.13
C ALA G 40 14.84 40.83 7.86
N GLU G 41 14.83 40.73 9.20
CA GLU G 41 16.00 41.08 10.01
C GLU G 41 17.21 40.74 9.16
N ASN G 42 17.50 39.44 9.07
CA ASN G 42 18.63 38.97 8.27
C ASN G 42 18.23 38.21 6.96
N PRO G 43 18.04 38.97 5.85
CA PRO G 43 17.53 38.43 4.57
C PRO G 43 18.28 37.20 4.08
N ARG G 44 17.70 36.02 4.28
CA ARG G 44 18.29 34.76 3.76
C ARG G 44 17.19 33.70 3.56
N TYR G 45 17.53 32.67 2.79
CA TYR G 45 16.68 31.48 2.67
C TYR G 45 16.70 30.62 3.95
N GLU G 46 15.54 30.51 4.60
CA GLU G 46 15.35 29.68 5.79
C GLU G 46 14.68 28.34 5.43
N PRO G 47 15.13 27.24 6.05
CA PRO G 47 14.37 25.99 5.95
C PRO G 47 12.97 26.19 6.52
N ARG G 48 12.01 25.39 6.03
CA ARG G 48 10.61 25.43 6.49
C ARG G 48 10.10 24.01 6.82
N ALA G 49 10.77 23.01 6.26
CA ALA G 49 10.54 21.62 6.63
C ALA G 49 11.76 21.08 7.41
N PRO G 50 11.52 20.31 8.48
CA PRO G 50 12.64 19.80 9.26
C PRO G 50 13.70 19.15 8.41
N TRP G 51 13.32 18.33 7.42
CA TRP G 51 14.33 17.56 6.67
C TRP G 51 15.35 18.43 5.92
N MET G 52 15.11 19.74 5.88
CA MET G 52 15.99 20.68 5.18
C MET G 52 17.12 21.21 6.06
N GLU G 53 17.17 20.77 7.31
CA GLU G 53 18.34 21.05 8.16
C GLU G 53 19.55 20.39 7.51
N GLN G 54 19.33 19.16 7.03
CA GLN G 54 20.34 18.33 6.35
C GLN G 54 21.33 19.09 5.48
N GLU G 55 20.80 20.04 4.71
CA GLU G 55 21.62 20.85 3.79
C GLU G 55 22.57 21.74 4.61
N GLY G 56 23.85 21.73 4.26
CA GLY G 56 24.84 22.56 4.96
C GLY G 56 24.75 24.02 4.56
N PRO G 57 25.61 24.89 5.15
CA PRO G 57 25.50 26.35 5.01
C PRO G 57 25.88 26.79 3.60
N GLU G 58 26.61 25.93 2.89
CA GLU G 58 27.02 26.22 1.51
C GLU G 58 25.79 26.36 0.60
N TYR G 59 24.86 25.42 0.74
CA TYR G 59 23.56 25.47 0.08
C TYR G 59 22.90 26.84 0.30
N TRP G 60 22.76 27.21 1.57
CA TRP G 60 22.09 28.44 1.94
C TRP G 60 22.80 29.66 1.40
N GLU G 61 24.10 29.58 1.28
CA GLU G 61 24.87 30.65 0.70
C GLU G 61 24.41 30.87 -0.72
N ARG G 62 24.51 29.80 -1.51
CA ARG G 62 24.14 29.82 -2.92
C ARG G 62 22.74 30.35 -3.10
N GLU G 63 21.81 29.74 -2.38
CA GLU G 63 20.41 30.05 -2.63
C GLU G 63 20.09 31.48 -2.25
N THR G 64 20.58 31.96 -1.12
CA THR G 64 20.25 33.33 -0.76
C THR G 64 20.96 34.31 -1.66
N GLN G 65 22.09 33.88 -2.21
CA GLN G 65 22.82 34.72 -3.16
C GLN G 65 21.98 34.78 -4.41
N LYS G 66 21.65 33.61 -4.92
CA LYS G 66 20.72 33.48 -6.01
C LYS G 66 19.47 34.37 -5.78
N ALA G 67 18.99 34.44 -4.55
CA ALA G 67 17.83 35.27 -4.23
C ALA G 67 18.07 36.75 -4.45
N LYS G 68 19.22 37.25 -4.04
CA LYS G 68 19.49 38.69 -4.16
C LYS G 68 19.46 39.12 -5.64
N GLY G 69 19.98 38.25 -6.49
CA GLY G 69 19.97 38.51 -7.92
C GLY G 69 18.54 38.57 -8.47
N GLN G 70 17.71 37.61 -8.07
CA GLN G 70 16.30 37.63 -8.49
C GLN G 70 15.64 38.94 -8.04
N GLU G 71 15.98 39.36 -6.83
CA GLU G 71 15.40 40.55 -6.27
C GLU G 71 15.69 41.74 -7.13
N GLN G 72 16.92 41.79 -7.67
CA GLN G 72 17.28 42.84 -8.63
C GLN G 72 16.40 42.73 -9.84
N TRP G 73 16.42 41.54 -10.45
CA TRP G 73 15.70 41.26 -11.68
C TRP G 73 14.25 41.71 -11.57
N PHE G 74 13.64 41.44 -10.43
CA PHE G 74 12.24 41.85 -10.21
C PHE G 74 12.07 43.36 -10.16
N ARG G 75 13.10 44.01 -9.66
CA ARG G 75 13.06 45.44 -9.42
C ARG G 75 13.10 46.15 -10.77
N VAL G 76 14.02 45.70 -11.60
CA VAL G 76 14.13 46.23 -12.96
C VAL G 76 12.84 45.91 -13.72
N SER G 77 12.52 44.62 -13.79
CA SER G 77 11.30 44.21 -14.47
C SER G 77 10.12 45.06 -14.04
N LEU G 78 10.01 45.32 -12.74
CA LEU G 78 8.92 46.12 -12.21
C LEU G 78 8.90 47.52 -12.82
N ARG G 79 10.07 48.09 -13.07
CA ARG G 79 10.14 49.45 -13.60
C ARG G 79 9.75 49.49 -15.09
N ASN G 80 10.34 48.60 -15.89
CA ASN G 80 9.86 48.37 -17.26
C ASN G 80 8.31 48.21 -17.37
N LEU G 81 7.71 47.41 -16.50
CA LEU G 81 6.26 47.21 -16.53
C LEU G 81 5.47 48.51 -16.37
N LEU G 82 6.04 49.42 -15.60
CA LEU G 82 5.42 50.71 -15.34
C LEU G 82 5.38 51.45 -16.67
N GLY G 83 6.51 51.37 -17.37
CA GLY G 83 6.60 51.91 -18.70
C GLY G 83 5.55 51.25 -19.56
N TYR G 84 5.74 49.95 -19.81
CA TYR G 84 4.85 49.20 -20.69
C TYR G 84 3.38 49.59 -20.51
N TYR G 85 2.94 49.74 -19.26
CA TYR G 85 1.52 50.00 -19.04
C TYR G 85 1.16 51.46 -18.91
N ASN G 86 2.13 52.35 -19.10
CA ASN G 86 1.85 53.75 -18.99
C ASN G 86 1.22 54.05 -17.62
N GLN G 87 1.79 53.49 -16.58
CA GLN G 87 1.28 53.75 -15.26
C GLN G 87 2.14 54.87 -14.72
N SER G 88 1.53 55.78 -13.99
CA SER G 88 2.32 56.86 -13.46
C SER G 88 2.70 56.59 -12.01
N ALA G 89 3.91 57.02 -11.63
CA ALA G 89 4.41 56.94 -10.24
C ALA G 89 3.33 57.13 -9.15
N GLY G 90 3.49 56.43 -8.02
CA GLY G 90 2.50 56.51 -6.95
C GLY G 90 1.47 55.39 -6.89
N GLY G 91 1.75 54.28 -7.56
CA GLY G 91 0.83 53.16 -7.54
C GLY G 91 1.34 52.06 -6.65
N SER G 92 0.45 51.13 -6.33
CA SER G 92 0.86 49.90 -5.70
C SER G 92 0.87 48.82 -6.80
N HIS G 93 2.01 48.20 -7.03
CA HIS G 93 2.10 47.21 -8.10
C HIS G 93 2.69 45.91 -7.63
N THR G 94 2.30 44.81 -8.27
CA THR G 94 2.81 43.50 -7.89
C THR G 94 3.19 42.65 -9.12
N LEU G 95 4.26 41.89 -8.98
CA LEU G 95 4.78 41.08 -10.06
C LEU G 95 5.06 39.72 -9.46
N GLN G 96 4.52 38.66 -10.08
CA GLN G 96 4.59 37.31 -9.51
C GLN G 96 5.13 36.35 -10.51
N GLN G 97 5.73 35.27 -10.00
CA GLN G 97 6.31 34.27 -10.85
C GLN G 97 6.10 32.90 -10.24
N MET G 98 5.77 31.92 -11.08
CA MET G 98 5.75 30.54 -10.66
C MET G 98 6.61 29.81 -11.65
N SER G 99 7.43 28.89 -11.17
CA SER G 99 8.24 28.07 -12.03
C SER G 99 8.56 26.77 -11.32
N GLY G 100 8.83 25.71 -12.08
CA GLY G 100 9.05 24.43 -11.46
C GLY G 100 8.71 23.22 -12.30
N CYS G 101 8.46 22.13 -11.60
CA CYS G 101 8.67 20.77 -12.07
C CYS G 101 7.53 19.87 -11.74
N ASP G 102 7.10 19.08 -12.71
CA ASP G 102 6.26 17.92 -12.39
C ASP G 102 6.94 16.62 -12.79
N LEU G 103 6.93 15.65 -11.87
CA LEU G 103 7.39 14.30 -12.18
C LEU G 103 6.28 13.29 -11.98
N GLY G 104 6.16 12.33 -12.92
CA GLY G 104 5.31 11.14 -12.72
C GLY G 104 5.91 10.30 -11.61
N SER G 105 5.31 9.17 -11.27
CA SER G 105 5.86 8.31 -10.18
C SER G 105 7.02 7.44 -10.64
N ASP G 106 7.53 7.72 -11.83
CA ASP G 106 8.75 7.12 -12.31
C ASP G 106 9.85 8.16 -12.21
N TRP G 107 9.56 9.28 -11.50
CA TRP G 107 10.55 10.34 -11.29
C TRP G 107 11.04 10.94 -12.61
N ARG G 108 10.38 10.56 -13.68
CA ARG G 108 10.62 11.12 -14.99
C ARG G 108 9.90 12.48 -15.17
N LEU G 109 10.63 13.50 -15.64
CA LEU G 109 10.03 14.81 -15.90
C LEU G 109 8.76 14.72 -16.73
N LEU G 110 7.74 15.44 -16.30
CA LEU G 110 6.41 15.38 -16.87
C LEU G 110 6.06 16.69 -17.56
N ARG G 111 6.61 17.79 -17.03
CA ARG G 111 6.27 19.13 -17.45
C ARG G 111 7.00 20.19 -16.62
N GLY G 112 7.55 21.19 -17.29
CA GLY G 112 8.10 22.35 -16.60
C GLY G 112 7.14 23.53 -16.67
N TYR G 113 7.23 24.44 -15.72
CA TYR G 113 6.41 25.65 -15.71
C TYR G 113 7.25 26.88 -15.55
N LEU G 114 6.87 27.91 -16.26
CA LEU G 114 7.45 29.22 -16.06
C LEU G 114 6.37 30.19 -16.46
N GLN G 115 5.82 30.93 -15.50
CA GLN G 115 4.88 32.00 -15.85
C GLN G 115 4.92 33.21 -14.95
N PHE G 116 4.55 34.37 -15.52
CA PHE G 116 4.55 35.61 -14.77
C PHE G 116 3.18 36.24 -14.72
N ALA G 117 2.91 36.93 -13.63
CA ALA G 117 1.72 37.77 -13.54
C ALA G 117 2.08 39.21 -13.11
N TYR G 118 1.31 40.16 -13.63
CA TYR G 118 1.42 41.55 -13.22
C TYR G 118 0.05 41.98 -12.72
N GLU G 119 0.00 42.72 -11.63
CA GLU G 119 -1.28 43.01 -10.98
C GLU G 119 -2.19 41.78 -10.84
N GLY G 120 -1.62 40.58 -10.70
CA GLY G 120 -2.42 39.41 -10.44
C GLY G 120 -3.15 38.88 -11.65
N ARG G 121 -2.63 39.21 -12.83
CA ARG G 121 -3.22 38.79 -14.09
C ARG G 121 -2.13 38.24 -14.96
N ASP G 122 -2.44 37.15 -15.68
CA ASP G 122 -1.45 36.45 -16.50
C ASP G 122 -0.75 37.42 -17.39
N TYR G 123 0.57 37.33 -17.45
CA TYR G 123 1.31 38.26 -18.25
C TYR G 123 2.08 37.52 -19.33
N ILE G 124 2.92 36.57 -18.93
CA ILE G 124 3.60 35.76 -19.91
C ILE G 124 3.94 34.39 -19.31
N ALA G 125 3.92 33.35 -20.13
CA ALA G 125 4.16 31.99 -19.65
C ALA G 125 4.89 31.16 -20.70
N LEU G 126 5.84 30.35 -20.25
CA LEU G 126 6.47 29.41 -21.15
C LEU G 126 5.47 28.34 -21.48
N ASN G 127 5.41 27.96 -22.74
CA ASN G 127 4.53 26.87 -23.13
C ASN G 127 5.13 25.51 -22.79
N GLU G 128 4.27 24.52 -22.70
CA GLU G 128 4.69 23.17 -22.41
C GLU G 128 5.85 22.72 -23.30
N ASP G 129 5.87 23.10 -24.57
CA ASP G 129 7.00 22.72 -25.40
C ASP G 129 8.30 23.35 -24.93
N LEU G 130 8.21 24.23 -23.95
CA LEU G 130 9.42 24.81 -23.36
C LEU G 130 10.30 25.53 -24.36
N LYS G 131 9.72 26.02 -25.45
CA LYS G 131 10.44 26.91 -26.38
C LYS G 131 9.61 28.06 -26.95
N THR G 132 8.29 27.97 -26.85
CA THR G 132 7.43 29.09 -27.23
C THR G 132 6.77 29.77 -26.01
N TRP G 133 6.36 31.03 -26.18
CA TRP G 133 5.82 31.85 -25.10
C TRP G 133 4.43 32.31 -25.42
N THR G 134 3.53 32.18 -24.45
CA THR G 134 2.19 32.76 -24.56
C THR G 134 2.08 34.11 -23.87
N ALA G 135 1.63 35.12 -24.58
CA ALA G 135 1.61 36.47 -24.04
C ALA G 135 0.21 37.01 -24.08
N ALA G 136 -0.35 37.30 -22.92
CA ALA G 136 -1.73 37.76 -22.86
C ALA G 136 -1.89 39.15 -23.47
N ASP G 137 -1.66 40.16 -22.65
CA ASP G 137 -1.82 41.54 -23.05
C ASP G 137 -0.99 41.90 -24.25
N MET G 138 -1.43 42.97 -24.91
CA MET G 138 -0.61 43.64 -25.90
C MET G 138 0.75 44.04 -25.31
N ALA G 139 0.76 44.46 -24.06
CA ALA G 139 2.01 44.91 -23.46
C ALA G 139 2.97 43.76 -23.28
N ALA G 140 2.44 42.54 -23.17
CA ALA G 140 3.32 41.39 -23.00
C ALA G 140 4.09 41.08 -24.30
N GLN G 141 3.50 41.44 -25.43
CA GLN G 141 4.14 41.23 -26.72
C GLN G 141 5.61 41.62 -26.73
N ILE G 142 5.90 42.82 -26.25
CA ILE G 142 7.26 43.34 -26.42
C ILE G 142 8.27 42.53 -25.59
N THR G 143 7.83 42.06 -24.42
CA THR G 143 8.60 41.08 -23.67
C THR G 143 8.81 39.82 -24.51
N ARG G 144 7.71 39.25 -25.03
CA ARG G 144 7.81 38.07 -25.88
C ARG G 144 8.82 38.28 -27.02
N ARG G 145 8.61 39.31 -27.83
CA ARG G 145 9.53 39.62 -28.93
C ARG G 145 10.95 39.59 -28.40
N LYS G 146 11.18 40.36 -27.34
CA LYS G 146 12.50 40.48 -26.75
C LYS G 146 13.08 39.14 -26.30
N TRP G 147 12.26 38.31 -25.66
CA TRP G 147 12.76 37.06 -25.10
C TRP G 147 12.93 36.01 -26.18
N GLU G 148 12.17 36.15 -27.28
CA GLU G 148 12.35 35.26 -28.42
C GLU G 148 13.62 35.68 -29.14
N GLN G 149 13.95 36.97 -29.04
CA GLN G 149 15.20 37.48 -29.57
C GLN G 149 16.37 36.87 -28.84
N SER G 150 16.28 36.81 -27.51
CA SER G 150 17.43 36.42 -26.71
C SER G 150 17.47 34.93 -26.46
N GLY G 151 16.48 34.22 -27.01
CA GLY G 151 16.34 32.78 -26.74
C GLY G 151 16.37 32.53 -25.24
N ALA G 152 15.42 33.14 -24.52
CA ALA G 152 15.33 32.97 -23.07
C ALA G 152 14.83 31.55 -22.73
N ALA G 153 13.92 31.06 -23.55
CA ALA G 153 13.34 29.73 -23.37
C ALA G 153 14.40 28.64 -23.22
N GLU G 154 15.52 28.78 -23.94
CA GLU G 154 16.59 27.80 -23.84
C GLU G 154 17.29 27.86 -22.49
N HIS G 155 17.29 29.04 -21.88
CA HIS G 155 17.87 29.16 -20.54
C HIS G 155 16.96 28.46 -19.50
N TYR G 156 15.64 28.66 -19.61
CA TYR G 156 14.72 28.06 -18.64
C TYR G 156 14.61 26.55 -18.89
N LYS G 157 14.51 26.17 -20.18
CA LYS G 157 14.41 24.76 -20.56
C LYS G 157 15.55 23.91 -19.97
N ALA G 158 16.75 24.46 -20.01
CA ALA G 158 17.90 23.84 -19.40
C ALA G 158 17.68 23.66 -17.92
N TYR G 159 17.15 24.70 -17.27
CA TYR G 159 16.95 24.62 -15.83
C TYR G 159 15.79 23.65 -15.52
N LEU G 160 14.68 23.85 -16.21
CA LEU G 160 13.52 23.07 -15.88
C LEU G 160 13.80 21.60 -16.12
N GLU G 161 14.59 21.30 -17.15
CA GLU G 161 14.84 19.91 -17.50
C GLU G 161 15.97 19.31 -16.68
N GLY G 162 16.92 20.16 -16.26
CA GLY G 162 18.05 19.66 -15.50
C GLY G 162 17.92 19.87 -14.01
N GLU G 163 18.50 20.97 -13.53
CA GLU G 163 18.60 21.24 -12.10
C GLU G 163 17.28 21.01 -11.36
N CYS G 164 16.20 21.61 -11.86
CA CYS G 164 14.92 21.52 -11.15
C CYS G 164 14.61 20.05 -10.88
N VAL G 165 14.71 19.22 -11.90
CA VAL G 165 14.50 17.77 -11.73
C VAL G 165 15.47 17.13 -10.73
N GLU G 166 16.77 17.37 -10.91
CA GLU G 166 17.75 16.72 -10.02
C GLU G 166 17.53 17.10 -8.57
N TRP G 167 17.40 18.40 -8.32
CA TRP G 167 17.27 18.85 -6.95
C TRP G 167 15.96 18.35 -6.37
N LEU G 168 14.95 18.20 -7.21
CA LEU G 168 13.72 17.64 -6.67
C LEU G 168 13.97 16.17 -6.33
N HIS G 169 14.68 15.47 -7.21
CA HIS G 169 15.12 14.11 -6.88
C HIS G 169 15.85 14.14 -5.53
N ARG G 170 16.75 15.11 -5.36
CA ARG G 170 17.49 15.22 -4.12
C ARG G 170 16.55 15.44 -2.93
N TYR G 171 15.66 16.41 -3.05
CA TYR G 171 14.79 16.70 -1.92
C TYR G 171 13.94 15.50 -1.58
N LEU G 172 13.47 14.80 -2.62
CA LEU G 172 12.59 13.64 -2.47
C LEU G 172 13.14 12.52 -1.56
N LYS G 173 14.41 12.16 -1.75
CA LYS G 173 15.04 11.14 -0.90
C LYS G 173 15.36 11.65 0.52
N ASN G 174 15.61 12.95 0.67
CA ASN G 174 15.78 13.53 2.02
C ASN G 174 14.45 13.69 2.76
N GLY G 175 13.38 13.88 1.99
CA GLY G 175 12.05 14.04 2.57
C GLY G 175 11.36 12.71 2.62
N LEU G 180 4.62 11.61 0.43
CA LEU G 180 4.14 10.24 0.22
C LEU G 180 3.01 9.89 1.24
N ARG G 181 2.90 10.65 2.32
CA ARG G 181 1.84 10.41 3.29
C ARG G 181 0.55 11.12 2.87
N THR G 182 -0.57 10.43 2.98
CA THR G 182 -1.89 11.02 2.83
C THR G 182 -2.71 10.75 4.09
N ASP G 183 -3.71 11.58 4.36
CA ASP G 183 -4.57 11.37 5.51
C ASP G 183 -5.99 11.28 5.06
N SER G 184 -6.57 10.10 5.11
CA SER G 184 -7.92 9.95 4.57
C SER G 184 -8.87 10.83 5.34
N PRO G 185 -9.88 11.39 4.66
CA PRO G 185 -10.83 12.14 5.43
C PRO G 185 -11.62 11.23 6.37
N LYS G 186 -11.81 11.68 7.60
CA LYS G 186 -12.84 11.09 8.45
C LYS G 186 -14.06 11.91 8.12
N ALA G 187 -15.16 11.25 7.82
CA ALA G 187 -16.40 11.94 7.48
C ALA G 187 -17.54 11.56 8.41
N HIS G 188 -18.46 12.51 8.57
CA HIS G 188 -19.71 12.31 9.29
C HIS G 188 -20.62 13.36 8.70
N VAL G 189 -21.90 13.32 9.03
CA VAL G 189 -22.86 14.28 8.48
C VAL G 189 -23.80 14.78 9.57
N THR G 190 -24.15 16.06 9.53
CA THR G 190 -24.90 16.65 10.64
C THR G 190 -26.34 17.05 10.32
N HIS G 191 -27.24 16.63 11.21
CA HIS G 191 -28.68 16.84 11.12
C HIS G 191 -29.07 18.27 11.52
N HIS G 192 -29.62 19.06 10.62
CA HIS G 192 -30.03 20.42 11.01
C HIS G 192 -31.42 20.86 10.56
N PRO G 193 -32.46 20.52 11.35
CA PRO G 193 -33.86 20.98 11.28
C PRO G 193 -34.11 22.42 10.77
N ARG G 194 -35.00 22.56 9.79
CA ARG G 194 -35.40 23.86 9.22
C ARG G 194 -36.94 23.97 9.04
N SER G 195 -37.38 25.19 8.71
CA SER G 195 -38.81 25.54 8.49
C SER G 195 -39.75 24.40 8.03
N LYS G 196 -39.82 24.19 6.72
CA LYS G 196 -40.83 23.32 6.12
C LYS G 196 -40.55 21.81 6.26
N GLY G 197 -40.63 21.28 7.49
CA GLY G 197 -40.37 19.85 7.78
C GLY G 197 -39.17 19.35 6.98
N GLU G 198 -38.19 20.25 6.88
CA GLU G 198 -37.10 20.12 5.93
C GLU G 198 -35.71 20.35 6.56
N VAL G 199 -35.03 19.26 6.91
CA VAL G 199 -33.70 19.35 7.50
C VAL G 199 -32.72 20.19 6.68
N THR G 200 -31.46 20.10 7.07
CA THR G 200 -30.33 20.47 6.23
C THR G 200 -29.30 19.40 6.54
N LEU G 201 -28.92 18.66 5.51
CA LEU G 201 -27.91 17.62 5.71
C LEU G 201 -26.54 18.23 5.40
N ARG G 202 -25.61 18.08 6.33
CA ARG G 202 -24.30 18.68 6.11
C ARG G 202 -23.30 17.58 6.13
N CYS G 203 -22.54 17.47 5.06
CA CYS G 203 -21.57 16.42 4.95
C CYS G 203 -20.20 17.04 5.21
N TRP G 204 -19.47 16.45 6.15
CA TRP G 204 -18.23 17.00 6.63
C TRP G 204 -17.12 16.06 6.27
N ALA G 205 -15.97 16.61 5.93
CA ALA G 205 -14.76 15.80 5.87
C ALA G 205 -13.68 16.53 6.65
N LEU G 206 -13.02 15.83 7.54
CA LEU G 206 -12.05 16.45 8.38
C LEU G 206 -10.71 15.71 8.39
N GLY G 207 -9.64 16.41 8.74
CA GLY G 207 -8.34 15.76 8.91
C GLY G 207 -7.72 15.10 7.68
N PHE G 208 -8.09 15.54 6.48
CA PHE G 208 -7.50 14.96 5.27
C PHE G 208 -6.33 15.76 4.73
N TYR G 209 -5.44 15.10 3.99
CA TYR G 209 -4.31 15.71 3.28
C TYR G 209 -3.88 14.84 2.08
N PRO G 210 -3.68 15.45 0.90
CA PRO G 210 -3.70 16.84 0.45
C PRO G 210 -5.07 17.44 0.50
N ALA G 211 -5.16 18.69 0.09
CA ALA G 211 -6.38 19.48 0.14
C ALA G 211 -7.44 19.03 -0.85
N ASP G 212 -7.01 18.42 -1.96
CA ASP G 212 -7.92 17.99 -3.04
C ASP G 212 -8.97 17.01 -2.53
N ILE G 213 -10.23 17.29 -2.80
CA ILE G 213 -11.29 16.44 -2.28
C ILE G 213 -12.55 16.79 -3.03
N THR G 214 -13.49 15.87 -3.09
CA THR G 214 -14.78 16.12 -3.70
C THR G 214 -15.84 15.51 -2.81
N LEU G 215 -16.90 16.27 -2.59
CA LEU G 215 -18.01 15.77 -1.83
C LEU G 215 -19.25 15.97 -2.64
N THR G 216 -20.07 14.93 -2.71
CA THR G 216 -21.32 15.03 -3.42
C THR G 216 -22.48 14.46 -2.62
N TRP G 217 -23.66 14.96 -2.95
CA TRP G 217 -24.88 14.43 -2.42
C TRP G 217 -25.71 13.72 -3.48
N GLN G 218 -26.26 12.57 -3.11
CA GLN G 218 -27.05 11.81 -4.06
C GLN G 218 -28.48 11.43 -3.63
N LEU G 219 -29.46 11.94 -4.38
CA LEU G 219 -30.82 11.43 -4.33
C LEU G 219 -31.05 10.30 -5.35
N ASN G 220 -30.97 9.06 -4.87
CA ASN G 220 -31.35 7.90 -5.68
C ASN G 220 -30.41 7.67 -6.87
N GLY G 221 -29.10 7.60 -6.59
CA GLY G 221 -28.10 7.46 -7.65
C GLY G 221 -27.85 8.74 -8.44
N GLU G 222 -28.88 9.56 -8.60
CA GLU G 222 -28.70 10.86 -9.22
C GLU G 222 -27.81 11.74 -8.35
N GLU G 223 -26.99 12.57 -8.99
CA GLU G 223 -26.09 13.45 -8.27
C GLU G 223 -26.65 14.88 -8.20
N LEU G 224 -27.01 15.30 -6.98
CA LEU G 224 -27.57 16.63 -6.77
C LEU G 224 -26.49 17.69 -6.66
N THR G 225 -25.83 17.99 -7.76
CA THR G 225 -24.86 19.10 -7.77
C THR G 225 -25.70 20.35 -7.94
N GLN G 226 -26.97 20.19 -7.61
CA GLN G 226 -28.00 21.14 -7.97
C GLN G 226 -28.55 21.85 -6.73
N ASP G 227 -28.04 23.05 -6.47
CA ASP G 227 -28.48 23.81 -5.30
C ASP G 227 -28.08 23.19 -3.96
N MET G 228 -26.86 22.65 -3.89
CA MET G 228 -26.27 22.27 -2.62
C MET G 228 -25.34 23.41 -2.24
N GLU G 229 -24.85 23.44 -0.99
CA GLU G 229 -23.80 24.41 -0.68
C GLU G 229 -22.43 23.79 -0.33
N LEU G 230 -21.40 24.45 -0.84
CA LEU G 230 -20.01 24.06 -0.63
C LEU G 230 -19.34 25.15 0.19
N VAL G 231 -18.24 24.82 0.84
CA VAL G 231 -17.27 25.85 1.18
C VAL G 231 -15.94 25.52 0.53
N GLU G 232 -15.20 26.56 0.15
CA GLU G 232 -13.81 26.41 -0.25
C GLU G 232 -13.10 25.62 0.85
N THR G 233 -12.30 24.66 0.42
CA THR G 233 -11.56 23.79 1.30
C THR G 233 -10.67 24.62 2.23
N ARG G 234 -10.63 24.27 3.51
CA ARG G 234 -9.92 25.13 4.49
C ARG G 234 -8.88 24.37 5.31
N PRO G 235 -7.78 25.04 5.64
CA PRO G 235 -6.78 24.43 6.50
C PRO G 235 -7.22 24.39 7.97
N ALA G 236 -6.92 23.29 8.64
CA ALA G 236 -7.19 23.16 10.06
C ALA G 236 -6.18 23.95 10.92
N GLY G 237 -4.97 24.19 10.36
CA GLY G 237 -3.84 24.75 11.08
C GLY G 237 -2.82 23.69 11.42
N ASP G 238 -3.27 22.46 11.56
CA ASP G 238 -2.40 21.35 11.91
C ASP G 238 -1.83 20.51 10.76
N GLY G 239 -1.78 21.05 9.55
CA GLY G 239 -1.35 20.21 8.42
C GLY G 239 -2.49 19.57 7.64
N THR G 240 -3.64 19.32 8.28
CA THR G 240 -4.77 18.75 7.53
C THR G 240 -5.73 19.83 7.06
N PHE G 241 -6.87 19.44 6.51
CA PHE G 241 -7.77 20.37 5.82
C PHE G 241 -9.18 19.93 6.11
N GLN G 242 -10.16 20.77 5.79
CA GLN G 242 -11.54 20.37 6.07
C GLN G 242 -12.39 20.93 4.96
N LYS G 243 -13.58 20.37 4.81
CA LYS G 243 -14.58 20.86 3.87
C LYS G 243 -15.95 20.33 4.30
N TRP G 244 -17.01 21.00 3.85
CA TRP G 244 -18.35 20.47 3.99
C TRP G 244 -19.26 20.84 2.81
N ALA G 245 -20.33 20.07 2.67
CA ALA G 245 -21.28 20.28 1.60
C ALA G 245 -22.68 19.90 2.09
N SER G 246 -23.63 20.80 1.85
CA SER G 246 -24.98 20.61 2.40
C SER G 246 -26.06 20.53 1.35
N VAL G 247 -27.07 19.71 1.64
CA VAL G 247 -28.34 19.74 0.92
C VAL G 247 -29.52 19.84 1.88
N VAL G 248 -30.59 20.45 1.40
CA VAL G 248 -31.83 20.62 2.17
C VAL G 248 -32.87 19.62 1.69
N VAL G 249 -33.39 18.80 2.60
CA VAL G 249 -34.32 17.73 2.21
C VAL G 249 -35.42 17.44 3.27
N PRO G 250 -36.43 16.59 2.92
CA PRO G 250 -37.51 16.38 3.88
C PRO G 250 -37.03 15.40 4.93
N LEU G 251 -37.14 15.76 6.19
CA LEU G 251 -36.67 14.83 7.22
C LEU G 251 -37.69 13.72 7.43
N GLY G 252 -37.24 12.62 8.01
CA GLY G 252 -37.97 11.37 7.93
C GLY G 252 -37.43 10.52 6.77
N LYS G 253 -37.18 11.16 5.62
CA LYS G 253 -36.65 10.45 4.45
C LYS G 253 -35.15 10.73 4.18
N GLU G 254 -34.34 10.40 5.20
CA GLU G 254 -32.91 10.71 5.22
C GLU G 254 -32.07 9.56 4.71
N GLN G 255 -32.68 8.38 4.63
CA GLN G 255 -32.04 7.22 4.00
C GLN G 255 -31.96 7.45 2.49
N ASN G 256 -32.92 8.21 1.94
CA ASN G 256 -32.99 8.53 0.50
C ASN G 256 -31.76 9.22 -0.04
N TYR G 257 -31.04 9.88 0.88
CA TYR G 257 -29.93 10.76 0.55
C TYR G 257 -28.62 10.18 1.01
N THR G 258 -27.59 10.39 0.20
CA THR G 258 -26.28 9.84 0.50
C THR G 258 -25.13 10.73 0.06
N CYS G 259 -24.12 10.81 0.91
CA CYS G 259 -23.00 11.67 0.68
C CYS G 259 -21.84 10.78 0.29
N ARG G 260 -21.07 11.24 -0.68
CA ARG G 260 -19.85 10.51 -1.05
C ARG G 260 -18.63 11.42 -0.98
N VAL G 261 -17.52 10.86 -0.53
CA VAL G 261 -16.29 11.60 -0.33
C VAL G 261 -15.15 10.97 -1.13
N TYR G 262 -14.52 11.76 -2.00
CA TYR G 262 -13.44 11.24 -2.84
C TYR G 262 -12.11 11.84 -2.50
N HIS G 263 -11.13 10.99 -2.20
CA HIS G 263 -9.82 11.49 -1.82
C HIS G 263 -8.72 10.46 -2.08
N GLU G 264 -7.64 10.90 -2.72
CA GLU G 264 -6.46 10.07 -2.91
C GLU G 264 -6.28 8.98 -1.88
N GLY G 265 -6.34 9.33 -0.60
CA GLY G 265 -5.84 8.46 0.45
C GLY G 265 -6.88 7.49 0.92
N LEU G 266 -7.99 7.46 0.20
CA LEU G 266 -9.03 6.49 0.46
C LEU G 266 -8.80 5.33 -0.47
N PRO G 267 -8.73 4.11 0.11
CA PRO G 267 -8.91 2.83 -0.61
C PRO G 267 -10.09 2.87 -1.58
N GLU G 268 -11.18 3.55 -1.20
CA GLU G 268 -12.29 3.82 -2.12
C GLU G 268 -13.14 4.92 -1.54
N PRO G 269 -14.01 5.52 -2.36
CA PRO G 269 -14.85 6.58 -1.81
C PRO G 269 -15.50 6.19 -0.51
N LEU G 270 -15.94 7.19 0.27
CA LEU G 270 -16.70 6.93 1.48
C LEU G 270 -18.14 7.15 1.11
N THR G 271 -18.97 6.19 1.45
CA THR G 271 -20.41 6.40 1.37
C THR G 271 -20.94 6.50 2.79
N LEU G 272 -21.72 7.55 3.04
CA LEU G 272 -22.32 7.69 4.35
C LEU G 272 -23.66 8.39 4.29
N ARG G 273 -24.54 7.96 5.18
CA ARG G 273 -25.90 8.51 5.33
C ARG G 273 -25.99 9.03 6.76
N TRP G 274 -26.89 9.98 7.00
CA TRP G 274 -27.06 10.44 8.38
C TRP G 274 -27.45 9.30 9.29
N GLU G 275 -26.68 9.12 10.37
CA GLU G 275 -26.89 8.03 11.32
C GLU G 275 -27.69 8.45 12.56
N PRO G 276 -28.95 7.96 12.65
CA PRO G 276 -29.85 8.27 13.77
C PRO G 276 -29.22 7.84 15.08
N ILE H 1 -9.17 46.65 -11.40
CA ILE H 1 -9.76 45.63 -10.49
C ILE H 1 -8.76 45.10 -9.43
N GLN H 2 -9.28 45.00 -8.21
CA GLN H 2 -8.67 44.39 -7.08
C GLN H 2 -9.64 43.24 -6.73
N LYS H 3 -9.20 42.23 -6.00
CA LYS H 3 -10.07 41.09 -5.74
C LYS H 3 -10.53 41.06 -4.28
N THR H 4 -11.83 40.90 -4.07
CA THR H 4 -12.45 40.88 -2.74
C THR H 4 -12.25 39.57 -1.96
N PRO H 5 -11.63 39.68 -0.79
CA PRO H 5 -11.27 38.49 -0.02
C PRO H 5 -12.47 37.71 0.42
N GLN H 6 -12.35 36.39 0.41
CA GLN H 6 -13.35 35.49 0.96
C GLN H 6 -12.81 35.14 2.30
N ILE H 7 -13.70 35.06 3.27
CA ILE H 7 -13.32 34.87 4.64
C ILE H 7 -14.11 33.72 5.24
N GLN H 8 -13.43 32.84 5.96
CA GLN H 8 -14.12 31.78 6.68
C GLN H 8 -13.63 31.79 8.14
N VAL H 9 -14.54 31.55 9.06
CA VAL H 9 -14.13 31.51 10.44
C VAL H 9 -14.63 30.24 11.06
N TYR H 10 -13.72 29.44 11.62
CA TYR H 10 -14.11 28.13 12.11
C TYR H 10 -13.01 27.66 13.05
N SER H 11 -13.29 26.65 13.85
CA SER H 11 -12.30 26.11 14.77
C SER H 11 -11.55 24.92 14.20
N ARG H 12 -10.37 24.67 14.74
CA ARG H 12 -9.59 23.51 14.30
C ARG H 12 -10.31 22.18 14.59
N HIS H 13 -10.72 22.01 15.84
CA HIS H 13 -11.40 20.80 16.28
C HIS H 13 -12.85 21.10 16.48
N PRO H 14 -13.71 20.07 16.46
CA PRO H 14 -15.14 20.24 16.68
C PRO H 14 -15.39 20.98 17.99
N PRO H 15 -16.24 22.00 17.96
CA PRO H 15 -16.40 22.88 19.11
C PRO H 15 -17.15 22.22 20.28
N GLU H 16 -16.68 22.49 21.50
CA GLU H 16 -17.34 22.02 22.71
C GLU H 16 -17.20 23.02 23.83
N ASN H 17 -18.32 23.63 24.20
CA ASN H 17 -18.31 24.64 25.24
C ASN H 17 -17.46 24.20 26.42
N GLY H 18 -16.53 25.06 26.81
CA GLY H 18 -15.59 24.75 27.88
C GLY H 18 -14.28 24.07 27.46
N LYS H 19 -14.17 23.64 26.21
CA LYS H 19 -12.98 22.92 25.73
C LYS H 19 -12.08 23.78 24.89
N PRO H 20 -10.80 23.94 25.33
CA PRO H 20 -9.83 24.75 24.60
C PRO H 20 -9.66 24.18 23.19
N ASN H 21 -9.46 25.06 22.21
CA ASN H 21 -9.51 24.69 20.81
C ASN H 21 -8.69 25.73 20.09
N ILE H 22 -8.69 25.66 18.75
CA ILE H 22 -8.11 26.73 17.95
C ILE H 22 -9.19 27.37 17.09
N LEU H 23 -9.17 28.68 16.98
CA LEU H 23 -10.07 29.36 16.08
C LEU H 23 -9.28 29.85 14.90
N ASN H 24 -9.76 29.54 13.71
CA ASN H 24 -9.09 29.99 12.49
C ASN H 24 -9.88 31.10 11.86
N CYS H 25 -9.19 32.03 11.22
CA CYS H 25 -9.82 32.92 10.25
C CYS H 25 -9.05 32.83 8.94
N TYR H 26 -9.71 32.31 7.90
CA TYR H 26 -9.03 31.99 6.64
C TYR H 26 -9.51 32.97 5.63
N VAL H 27 -8.60 33.73 5.07
CA VAL H 27 -8.96 34.75 4.12
C VAL H 27 -8.24 34.47 2.81
N THR H 28 -8.98 34.51 1.70
CA THR H 28 -8.43 34.04 0.43
C THR H 28 -8.86 34.88 -0.73
N GLN H 29 -8.25 34.64 -1.88
CA GLN H 29 -8.66 35.21 -3.17
C GLN H 29 -8.64 36.73 -3.24
N PHE H 30 -7.67 37.38 -2.62
CA PHE H 30 -7.65 38.85 -2.64
C PHE H 30 -6.44 39.38 -3.34
N HIS H 31 -6.54 40.63 -3.75
CA HIS H 31 -5.43 41.32 -4.35
C HIS H 31 -5.78 42.81 -4.25
N PRO H 32 -4.81 43.66 -3.86
CA PRO H 32 -3.39 43.31 -3.76
C PRO H 32 -3.10 42.64 -2.40
N PRO H 33 -1.86 42.14 -2.21
CA PRO H 33 -1.59 41.34 -1.05
C PRO H 33 -1.59 42.06 0.32
N HIS H 34 -1.62 43.40 0.34
CA HIS H 34 -1.70 44.14 1.61
CA HIS H 34 -1.69 44.09 1.63
C HIS H 34 -3.10 43.96 2.18
N ILE H 35 -3.19 43.61 3.46
CA ILE H 35 -4.48 43.36 4.11
C ILE H 35 -4.30 43.50 5.62
N GLU H 36 -5.36 43.83 6.34
CA GLU H 36 -5.28 43.85 7.77
C GLU H 36 -6.38 42.98 8.33
N ILE H 37 -6.00 42.02 9.18
CA ILE H 37 -6.94 41.10 9.79
C ILE H 37 -6.88 41.15 11.32
N GLN H 38 -8.04 41.15 11.97
CA GLN H 38 -8.11 41.11 13.42
C GLN H 38 -9.09 40.06 13.84
N MET H 39 -8.76 39.31 14.87
CA MET H 39 -9.74 38.44 15.46
C MET H 39 -10.32 39.08 16.73
N LEU H 40 -11.61 38.86 16.90
CA LEU H 40 -12.35 39.54 17.93
C LEU H 40 -12.94 38.56 18.92
N LYS H 41 -12.87 38.91 20.19
CA LYS H 41 -13.65 38.25 21.22
C LYS H 41 -14.63 39.27 21.75
N ASN H 42 -15.92 38.94 21.69
CA ASN H 42 -17.00 39.81 22.17
C ASN H 42 -16.83 41.27 21.75
N GLY H 43 -16.44 41.49 20.51
CA GLY H 43 -16.21 42.84 20.04
C GLY H 43 -14.81 43.37 20.31
N LYS H 44 -14.02 42.69 21.13
CA LYS H 44 -12.68 43.21 21.46
C LYS H 44 -11.49 42.49 20.78
N LYS H 45 -10.54 43.26 20.29
CA LYS H 45 -9.34 42.71 19.65
C LYS H 45 -8.67 41.63 20.50
N ILE H 46 -8.47 40.44 19.95
CA ILE H 46 -7.66 39.41 20.63
C ILE H 46 -6.16 39.68 20.44
N PRO H 47 -5.42 39.76 21.55
CA PRO H 47 -3.98 39.94 21.40
C PRO H 47 -3.32 38.59 21.21
N LYS H 48 -2.11 38.56 20.69
CA LYS H 48 -1.45 37.27 20.47
C LYS H 48 -2.31 36.45 19.51
N VAL H 49 -2.19 36.77 18.23
CA VAL H 49 -2.87 36.08 17.18
C VAL H 49 -1.80 35.65 16.21
N GLU H 50 -1.64 34.34 16.05
CA GLU H 50 -0.74 33.79 15.06
C GLU H 50 -1.24 34.13 13.67
N MET H 51 -0.31 34.45 12.77
CA MET H 51 -0.66 34.93 11.43
C MET H 51 0.31 34.28 10.45
N SER H 52 -0.15 33.45 9.54
CA SER H 52 0.82 32.81 8.63
C SER H 52 1.44 33.83 7.68
N ASP H 53 2.46 33.42 6.94
CA ASP H 53 3.14 34.31 6.02
C ASP H 53 2.37 34.51 4.72
N MET H 54 2.69 35.60 4.03
CA MET H 54 2.15 35.89 2.71
C MET H 54 2.27 34.70 1.74
N SER H 55 1.15 34.26 1.19
CA SER H 55 1.19 33.19 0.19
C SER H 55 0.31 33.54 -0.96
N PHE H 56 0.61 33.02 -2.14
CA PHE H 56 -0.36 33.11 -3.23
C PHE H 56 -0.61 31.79 -3.93
N SER H 57 -1.74 31.74 -4.65
CA SER H 57 -2.29 30.56 -5.31
C SER H 57 -1.96 30.42 -6.78
N LYS H 58 -2.30 29.24 -7.32
CA LYS H 58 -2.07 28.92 -8.72
C LYS H 58 -2.76 29.92 -9.65
N ASP H 59 -3.82 30.55 -9.15
CA ASP H 59 -4.43 31.65 -9.88
C ASP H 59 -3.96 33.05 -9.46
N TRP H 60 -2.78 33.16 -8.81
CA TRP H 60 -2.12 34.45 -8.48
C TRP H 60 -2.64 35.17 -7.25
N SER H 61 -3.75 34.64 -6.74
CA SER H 61 -4.48 35.19 -5.62
C SER H 61 -3.78 35.01 -4.25
N PHE H 62 -3.93 35.97 -3.33
CA PHE H 62 -3.29 35.83 -2.02
C PHE H 62 -4.20 35.24 -0.98
N TYR H 63 -3.59 34.53 -0.01
CA TYR H 63 -4.32 34.00 1.14
C TYR H 63 -3.49 33.97 2.44
N ILE H 64 -4.17 33.94 3.59
CA ILE H 64 -3.50 33.97 4.90
C ILE H 64 -4.35 33.22 5.87
N LEU H 65 -3.71 32.48 6.78
CA LEU H 65 -4.42 31.91 7.89
C LEU H 65 -4.12 32.66 9.20
N ALA H 66 -5.17 33.05 9.90
CA ALA H 66 -4.99 33.67 11.19
C ALA H 66 -5.57 32.71 12.16
N HIS H 67 -4.89 32.49 13.27
CA HIS H 67 -5.46 31.64 14.32
C HIS H 67 -5.06 32.07 15.75
N THR H 68 -5.90 31.72 16.71
CA THR H 68 -5.63 32.01 18.09
C THR H 68 -6.13 30.87 18.95
N GLU H 69 -5.62 30.80 20.18
CA GLU H 69 -6.13 29.85 21.17
C GLU H 69 -7.48 30.31 21.66
N PHE H 70 -8.39 29.40 21.95
CA PHE H 70 -9.65 29.88 22.49
C PHE H 70 -10.52 28.77 23.10
N THR H 71 -11.45 29.20 23.95
CA THR H 71 -12.38 28.30 24.64
C THR H 71 -13.82 28.68 24.30
N PRO H 72 -14.48 27.90 23.44
CA PRO H 72 -15.84 28.33 23.17
C PRO H 72 -16.69 28.24 24.43
N THR H 73 -17.70 29.12 24.53
CA THR H 73 -18.62 29.12 25.65
C THR H 73 -19.99 29.38 25.05
N GLU H 74 -21.01 29.35 25.87
CA GLU H 74 -22.35 29.60 25.36
C GLU H 74 -22.59 31.08 25.01
N THR H 75 -21.89 31.99 25.67
CA THR H 75 -22.18 33.43 25.51
C THR H 75 -21.07 34.27 24.90
N ASP H 76 -19.89 33.71 24.74
CA ASP H 76 -18.84 34.47 24.09
C ASP H 76 -19.00 34.43 22.58
N THR H 77 -18.90 35.57 21.92
CA THR H 77 -18.95 35.58 20.48
C THR H 77 -17.57 35.88 19.93
N TYR H 78 -17.21 35.24 18.82
CA TYR H 78 -15.91 35.46 18.23
C TYR H 78 -16.06 35.90 16.79
N ALA H 79 -15.13 36.73 16.34
CA ALA H 79 -15.26 37.26 15.01
C ALA H 79 -13.92 37.55 14.36
N CYS H 80 -13.96 37.72 13.05
CA CYS H 80 -12.79 38.08 12.26
C CYS H 80 -13.12 39.35 11.50
N ARG H 81 -12.26 40.35 11.60
CA ARG H 81 -12.51 41.59 10.93
C ARG H 81 -11.37 41.90 9.97
N VAL H 82 -11.71 42.20 8.73
CA VAL H 82 -10.73 42.38 7.69
C VAL H 82 -10.90 43.72 7.00
N LYS H 83 -9.80 44.43 6.80
CA LYS H 83 -9.79 45.67 6.06
C LYS H 83 -8.94 45.41 4.85
N HIS H 84 -9.42 45.81 3.68
CA HIS H 84 -8.72 45.59 2.41
C HIS H 84 -9.19 46.57 1.34
N ASP H 85 -8.28 46.99 0.46
CA ASP H 85 -8.60 48.04 -0.50
C ASP H 85 -9.87 47.83 -1.30
N SER H 86 -10.21 46.57 -1.54
CA SER H 86 -11.33 46.22 -2.39
C SER H 86 -12.66 46.46 -1.72
N MET H 87 -12.66 46.84 -0.46
CA MET H 87 -13.93 46.99 0.24
C MET H 87 -14.06 48.33 0.94
N ALA H 88 -15.16 49.03 0.67
CA ALA H 88 -15.38 50.31 1.32
C ALA H 88 -15.21 50.12 2.83
N GLU H 89 -16.15 49.39 3.44
CA GLU H 89 -16.11 49.08 4.89
C GLU H 89 -15.33 47.80 5.25
N PRO H 90 -14.73 47.77 6.44
CA PRO H 90 -14.18 46.52 6.98
C PRO H 90 -15.29 45.50 7.01
N LYS H 91 -14.95 44.22 6.86
CA LYS H 91 -15.98 43.18 6.91
C LYS H 91 -15.75 42.36 8.15
N THR H 92 -16.85 42.04 8.83
CA THR H 92 -16.80 41.19 10.00
C THR H 92 -17.52 39.88 9.76
N VAL H 93 -16.87 38.77 10.08
CA VAL H 93 -17.54 37.50 9.99
C VAL H 93 -17.51 36.83 11.36
N TYR H 94 -18.68 36.39 11.79
CA TYR H 94 -18.87 35.82 13.13
C TYR H 94 -18.73 34.33 13.09
N TRP H 95 -17.85 33.81 13.93
CA TRP H 95 -17.76 32.40 14.08
C TRP H 95 -19.15 31.83 14.20
N ASP H 96 -19.39 30.69 13.57
CA ASP H 96 -20.63 29.97 13.68
C ASP H 96 -20.33 28.49 13.82
N ARG H 97 -20.45 27.96 15.03
CA ARG H 97 -19.99 26.61 15.33
C ARG H 97 -20.57 25.48 14.46
N ASP H 98 -21.42 25.84 13.52
CA ASP H 98 -21.99 24.85 12.66
C ASP H 98 -21.38 24.95 11.27
N MET H 99 -20.69 26.06 11.02
CA MET H 99 -20.22 26.35 9.68
C MET H 99 -18.74 26.12 9.52
N GLU I 1 15.85 23.78 -5.32
CA GLU I 1 16.79 24.88 -5.65
C GLU I 1 16.14 25.85 -6.65
N GLY I 2 16.25 27.15 -6.37
CA GLY I 2 15.61 28.16 -7.22
C GLY I 2 16.22 28.33 -8.60
N SER I 3 15.46 28.90 -9.52
CA SER I 3 16.01 29.23 -10.84
C SER I 3 16.56 30.65 -10.92
N ARG I 4 17.40 30.88 -11.92
CA ARG I 4 17.95 32.20 -12.20
C ARG I 4 17.32 32.75 -13.46
N ASN I 5 16.49 33.77 -13.34
CA ASN I 5 15.87 34.38 -14.53
C ASN I 5 16.93 34.90 -15.50
N GLN I 6 16.62 34.96 -16.78
CA GLN I 6 17.59 35.38 -17.77
C GLN I 6 17.48 36.88 -18.04
N ASP I 7 17.02 37.23 -19.25
CA ASP I 7 16.80 38.61 -19.60
C ASP I 7 15.61 39.15 -18.80
N TRP I 8 15.60 40.44 -18.48
CA TRP I 8 14.53 41.06 -17.69
C TRP I 8 13.25 41.08 -18.51
N LEU I 9 12.13 41.48 -17.91
CA LEU I 9 10.85 41.51 -18.63
C LEU I 9 10.87 42.61 -19.68
N GLY J 1 -1.09 -4.02 9.66
CA GLY J 1 -0.55 -4.96 10.70
C GLY J 1 -1.39 -4.98 11.98
N PRO J 2 -0.86 -5.59 13.05
CA PRO J 2 -1.61 -5.70 14.32
C PRO J 2 -1.56 -4.39 15.13
N HIS J 3 -2.23 -4.35 16.27
CA HIS J 3 -2.29 -3.15 17.08
C HIS J 3 -2.28 -3.53 18.55
N SER J 4 -2.03 -2.54 19.41
CA SER J 4 -1.89 -2.85 20.82
C SER J 4 -2.16 -1.65 21.71
N MET J 5 -2.47 -1.93 22.96
CA MET J 5 -2.55 -0.87 23.94
C MET J 5 -1.90 -1.43 25.20
N ARG J 6 -1.08 -0.62 25.86
CA ARG J 6 -0.51 -1.00 27.14
C ARG J 6 -0.55 0.17 28.14
N TYR J 7 -0.66 -0.16 29.43
CA TYR J 7 -0.44 0.82 30.49
C TYR J 7 0.68 0.27 31.33
N PHE J 8 1.70 1.07 31.57
CA PHE J 8 2.85 0.65 32.33
C PHE J 8 2.81 1.48 33.59
N GLU J 9 2.69 0.82 34.73
CA GLU J 9 2.53 1.54 35.98
C GLU J 9 3.69 1.26 36.89
N THR J 10 4.09 2.26 37.67
CA THR J 10 5.22 2.07 38.57
C THR J 10 4.98 2.74 39.89
N ALA J 11 5.35 2.08 40.96
CA ALA J 11 5.31 2.73 42.25
C ALA J 11 6.68 2.55 42.87
N VAL J 12 7.29 3.64 43.29
CA VAL J 12 8.62 3.57 43.86
C VAL J 12 8.58 4.08 45.30
N SER J 13 9.07 3.27 46.22
CA SER J 13 9.02 3.64 47.60
C SER J 13 10.40 4.05 48.00
N ARG J 14 10.51 5.19 48.68
CA ARG J 14 11.81 5.61 49.21
C ARG J 14 11.68 6.03 50.67
N PRO J 15 12.76 5.86 51.45
CA PRO J 15 12.68 5.92 52.91
C PRO J 15 12.27 7.31 53.41
N GLY J 16 11.38 7.35 54.41
CA GLY J 16 10.87 8.60 54.94
C GLY J 16 9.47 8.46 55.53
N LEU J 17 8.88 9.59 55.94
CA LEU J 17 7.44 9.61 56.23
C LEU J 17 6.79 9.78 54.86
N GLU J 18 7.59 9.48 53.83
CA GLU J 18 7.21 9.71 52.45
C GLU J 18 6.11 8.79 51.92
N GLU J 19 5.48 9.25 50.85
CA GLU J 19 4.52 8.47 50.06
C GLU J 19 5.19 7.96 48.80
N PRO J 20 4.82 6.76 48.35
CA PRO J 20 5.45 6.27 47.15
C PRO J 20 5.02 7.10 45.94
N ARG J 21 5.94 7.31 45.01
CA ARG J 21 5.64 7.98 43.75
C ARG J 21 4.97 7.00 42.79
N TYR J 22 3.81 7.41 42.26
CA TYR J 22 3.10 6.57 41.34
C TYR J 22 3.09 7.23 39.97
N ILE J 23 3.53 6.49 38.94
CA ILE J 23 3.58 6.99 37.58
C ILE J 23 2.89 5.98 36.70
N SER J 24 2.00 6.44 35.83
CA SER J 24 1.34 5.53 34.93
C SER J 24 1.39 6.06 33.51
N VAL J 25 1.80 5.22 32.57
CA VAL J 25 1.94 5.68 31.18
C VAL J 25 1.13 4.83 30.25
N GLY J 26 0.37 5.47 29.37
CA GLY J 26 -0.45 4.71 28.46
C GLY J 26 0.19 4.68 27.08
N TYR J 27 -0.08 3.63 26.31
CA TYR J 27 0.56 3.48 25.01
C TYR J 27 -0.43 2.89 24.07
N VAL J 28 -0.49 3.46 22.88
CA VAL J 28 -1.23 2.80 21.81
C VAL J 28 -0.22 2.60 20.72
N ASP J 29 -0.19 1.41 20.14
CA ASP J 29 0.84 1.01 19.15
C ASP J 29 2.24 1.49 19.51
N ASN J 30 2.64 1.21 20.74
CA ASN J 30 3.97 1.58 21.31
C ASN J 30 4.30 3.06 21.41
N LYS J 31 3.30 3.91 21.24
CA LYS J 31 3.51 5.34 21.25
C LYS J 31 2.83 5.91 22.51
N GLU J 32 3.60 6.61 23.37
CA GLU J 32 3.05 7.17 24.60
C GLU J 32 1.88 8.10 24.29
N PHE J 33 0.69 7.83 24.85
CA PHE J 33 -0.49 8.64 24.50
C PHE J 33 -1.16 9.34 25.69
N VAL J 34 -0.98 8.81 26.90
CA VAL J 34 -1.42 9.55 28.09
C VAL J 34 -0.42 9.30 29.21
N ARG J 35 -0.44 10.14 30.25
CA ARG J 35 0.50 9.95 31.33
C ARG J 35 0.05 10.61 32.65
N PHE J 36 0.32 9.94 33.77
CA PHE J 36 -0.04 10.46 35.10
C PHE J 36 1.16 10.28 36.02
N ASP J 37 1.55 11.33 36.71
CA ASP J 37 2.70 11.29 37.62
C ASP J 37 2.28 11.88 38.97
N SER J 38 2.51 11.15 40.05
CA SER J 38 1.98 11.58 41.34
C SER J 38 2.81 12.68 42.02
N ASP J 39 3.97 13.01 41.46
CA ASP J 39 4.75 14.13 41.97
C ASP J 39 4.60 15.30 41.02
N ALA J 40 3.42 15.43 40.43
CA ALA J 40 3.12 16.58 39.57
C ALA J 40 2.51 17.74 40.37
N GLU J 41 2.85 18.97 39.93
CA GLU J 41 2.15 20.17 40.40
C GLU J 41 0.72 19.72 40.65
N ASN J 42 -0.02 19.57 39.54
CA ASN J 42 -1.42 19.14 39.59
C ASN J 42 -1.65 17.70 39.07
N PRO J 43 -1.52 16.69 39.97
CA PRO J 43 -1.60 15.26 39.62
C PRO J 43 -2.83 14.90 38.78
N ARG J 44 -2.63 14.70 37.48
CA ARG J 44 -3.74 14.27 36.61
C ARG J 44 -3.17 13.57 35.37
N TYR J 45 -4.04 12.83 34.67
CA TYR J 45 -3.73 12.27 33.36
C TYR J 45 -3.67 13.35 32.26
N GLU J 46 -2.48 13.58 31.70
CA GLU J 46 -2.25 14.49 30.58
C GLU J 46 -2.21 13.76 29.23
N PRO J 47 -2.80 14.36 28.18
CA PRO J 47 -2.55 13.84 26.84
C PRO J 47 -1.07 13.91 26.49
N ARG J 48 -0.63 13.02 25.60
CA ARG J 48 0.77 12.98 25.13
C ARG J 48 0.84 12.92 23.61
N ALA J 49 -0.25 12.50 22.99
CA ALA J 49 -0.41 12.59 21.55
C ALA J 49 -1.46 13.67 21.21
N PRO J 50 -1.22 14.47 20.16
CA PRO J 50 -2.18 15.51 19.82
C PRO J 50 -3.61 15.00 19.70
N TRP J 51 -3.82 13.84 19.06
CA TRP J 51 -5.19 13.37 18.79
C TRP J 51 -6.03 13.11 20.06
N MET J 52 -5.36 13.17 21.23
CA MET J 52 -6.03 12.95 22.51
C MET J 52 -6.63 14.22 23.11
N GLU J 53 -6.48 15.34 22.40
CA GLU J 53 -7.19 16.57 22.80
C GLU J 53 -8.68 16.30 22.67
N GLN J 54 -9.04 15.59 21.59
CA GLN J 54 -10.42 15.20 21.25
C GLN J 54 -11.29 14.81 22.44
N GLU J 55 -10.72 14.02 23.34
CA GLU J 55 -11.43 13.57 24.54
C GLU J 55 -11.75 14.77 25.44
N GLY J 56 -13.01 14.88 25.87
CA GLY J 56 -13.43 15.98 26.75
C GLY J 56 -12.96 15.78 28.18
N PRO J 57 -13.28 16.73 29.10
CA PRO J 57 -12.74 16.75 30.47
C PRO J 57 -13.32 15.62 31.31
N GLU J 58 -14.46 15.09 30.87
CA GLU J 58 -15.12 13.98 31.57
C GLU J 58 -14.23 12.72 31.56
N TYR J 59 -13.64 12.43 30.41
CA TYR J 59 -12.64 11.38 30.26
C TYR J 59 -11.51 11.56 31.30
N TRP J 60 -10.89 12.73 31.28
CA TRP J 60 -9.79 13.01 32.18
C TRP J 60 -10.17 12.91 33.64
N GLU J 61 -11.42 13.21 33.96
CA GLU J 61 -11.92 13.07 35.31
C GLU J 61 -11.83 11.62 35.73
N ARG J 62 -12.53 10.78 34.97
CA ARG J 62 -12.58 9.34 35.17
C ARG J 62 -11.19 8.76 35.32
N GLU J 63 -10.34 9.02 34.31
CA GLU J 63 -9.03 8.39 34.28
C GLU J 63 -8.15 8.83 35.43
N THR J 64 -8.12 10.13 35.74
CA THR J 64 -7.27 10.53 36.86
C THR J 64 -7.82 10.05 38.19
N GLN J 65 -9.13 9.83 38.24
CA GLN J 65 -9.77 9.33 39.44
C GLN J 65 -9.33 7.88 39.55
N LYS J 66 -9.58 7.15 38.48
CA LYS J 66 -9.08 5.80 38.35
C LYS J 66 -7.58 5.71 38.77
N ALA J 67 -6.81 6.73 38.43
CA ALA J 67 -5.39 6.74 38.80
C ALA J 67 -5.16 6.79 40.30
N LYS J 68 -5.93 7.62 40.99
CA LYS J 68 -5.73 7.81 42.44
C LYS J 68 -5.94 6.50 43.18
N GLY J 69 -6.95 5.76 42.74
CA GLY J 69 -7.25 4.46 43.30
C GLY J 69 -6.13 3.46 43.09
N GLN J 70 -5.58 3.42 41.86
CA GLN J 70 -4.42 2.55 41.58
C GLN J 70 -3.27 2.92 42.52
N GLU J 71 -3.10 4.21 42.72
CA GLU J 71 -2.02 4.72 43.52
C GLU J 71 -2.12 4.17 44.92
N GLN J 72 -3.35 4.09 45.44
CA GLN J 72 -3.57 3.45 46.74
C GLN J 72 -3.14 2.00 46.67
N TRP J 73 -3.76 1.27 45.75
CA TRP J 73 -3.53 -0.15 45.57
C TRP J 73 -2.03 -0.43 45.56
N PHE J 74 -1.25 0.38 44.85
CA PHE J 74 0.20 0.16 44.79
C PHE J 74 0.88 0.36 46.14
N ARG J 75 0.31 1.26 46.91
CA ARG J 75 0.88 1.65 48.18
C ARG J 75 0.71 0.51 49.17
N VAL J 76 -0.51 -0.02 49.21
CA VAL J 76 -0.80 -1.20 50.04
C VAL J 76 0.03 -2.37 49.57
N SER J 77 -0.12 -2.74 48.30
CA SER J 77 0.66 -3.85 47.74
C SER J 77 2.12 -3.70 48.12
N LEU J 78 2.66 -2.49 48.01
CA LEU J 78 4.06 -2.26 48.34
C LEU J 78 4.38 -2.64 49.78
N ARG J 79 3.45 -2.40 50.70
CA ARG J 79 3.69 -2.71 52.10
C ARG J 79 3.66 -4.22 52.36
N ASN J 80 2.61 -4.89 51.88
CA ASN J 80 2.58 -6.35 51.86
C ASN J 80 3.88 -7.01 51.32
N LEU J 81 4.39 -6.51 50.19
CA LEU J 81 5.63 -7.06 49.62
C LEU J 81 6.80 -7.00 50.55
N LEU J 82 6.82 -5.97 51.39
CA LEU J 82 7.89 -5.76 52.36
C LEU J 82 7.79 -6.90 53.36
N GLY J 83 6.56 -7.20 53.75
CA GLY J 83 6.30 -8.34 54.60
C GLY J 83 6.78 -9.58 53.87
N TYR J 84 6.10 -9.92 52.78
CA TYR J 84 6.41 -11.14 52.04
C TYR J 84 7.91 -11.42 51.92
N TYR J 85 8.72 -10.39 51.67
CA TYR J 85 10.14 -10.63 51.47
C TYR J 85 10.99 -10.45 52.71
N ASN J 86 10.36 -10.16 53.84
CA ASN J 86 11.12 -9.94 55.06
C ASN J 86 12.16 -8.85 54.84
N GLN J 87 11.74 -7.76 54.22
CA GLN J 87 12.64 -6.66 54.03
C GLN J 87 12.38 -5.74 55.18
N SER J 88 13.44 -5.15 55.70
CA SER J 88 13.25 -4.24 56.80
C SER J 88 13.21 -2.78 56.32
N ALA J 89 12.38 -1.97 56.97
CA ALA J 89 12.28 -0.52 56.71
C ALA J 89 13.62 0.15 56.33
N GLY J 90 13.57 1.13 55.43
CA GLY J 90 14.78 1.83 55.02
C GLY J 90 15.34 1.41 53.68
N GLY J 91 14.54 0.73 52.88
CA GLY J 91 15.00 0.29 51.57
C GLY J 91 14.44 1.15 50.47
N SER J 92 15.02 1.03 49.28
CA SER J 92 14.39 1.58 48.09
C SER J 92 13.73 0.41 47.34
N HIS J 93 12.42 0.50 47.12
CA HIS J 93 11.70 -0.60 46.50
C HIS J 93 10.87 -0.13 45.34
N THR J 94 10.69 -1.00 44.34
CA THR J 94 9.88 -0.65 43.17
C THR J 94 8.91 -1.77 42.79
N LEU J 95 7.73 -1.37 42.32
CA LEU J 95 6.69 -2.31 41.98
C LEU J 95 6.13 -1.87 40.64
N GLN J 96 6.13 -2.76 39.65
CA GLN J 96 5.76 -2.37 38.28
C GLN J 96 4.67 -3.26 37.77
N GLN J 97 3.92 -2.74 36.80
CA GLN J 97 2.82 -3.47 36.23
C GLN J 97 2.73 -3.15 34.74
N MET J 98 2.42 -4.16 33.94
CA MET J 98 2.09 -3.97 32.56
C MET J 98 0.80 -4.69 32.35
N SER J 99 -0.11 -4.09 31.60
CA SER J 99 -1.36 -4.73 31.27
C SER J 99 -1.89 -4.11 30.00
N GLY J 100 -2.70 -4.86 29.26
CA GLY J 100 -3.15 -4.37 27.96
C GLY J 100 -3.49 -5.44 26.93
N CYS J 101 -3.44 -5.00 25.67
CA CYS J 101 -4.20 -5.58 24.57
C CYS J 101 -3.38 -5.78 23.35
N ASP J 102 -3.53 -6.93 22.71
CA ASP J 102 -3.05 -7.08 21.34
C ASP J 102 -4.22 -7.40 20.41
N LEU J 103 -4.27 -6.69 19.27
CA LEU J 103 -5.24 -6.98 18.22
C LEU J 103 -4.53 -7.30 16.92
N GLY J 104 -5.00 -8.33 16.20
CA GLY J 104 -4.56 -8.61 14.82
C GLY J 104 -5.08 -7.48 13.95
N SER J 105 -4.84 -7.52 12.65
CA SER J 105 -5.31 -6.44 11.74
C SER J 105 -6.78 -6.58 11.36
N ASP J 106 -7.48 -7.48 12.04
CA ASP J 106 -8.91 -7.60 11.93
C ASP J 106 -9.52 -6.98 13.19
N TRP J 107 -8.71 -6.29 13.98
CA TRP J 107 -9.18 -5.61 15.21
C TRP J 107 -9.78 -6.59 16.21
N ARG J 108 -9.61 -7.86 15.91
CA ARG J 108 -10.01 -8.93 16.80
C ARG J 108 -8.94 -9.15 17.90
N LEU J 109 -9.37 -9.21 19.17
CA LEU J 109 -8.47 -9.47 20.30
C LEU J 109 -7.60 -10.69 20.05
N LEU J 110 -6.30 -10.53 20.33
CA LEU J 110 -5.30 -11.53 20.05
C LEU J 110 -4.74 -12.12 21.33
N ARG J 111 -4.66 -11.27 22.36
CA ARG J 111 -4.04 -11.62 23.63
C ARG J 111 -4.12 -10.47 24.64
N GLY J 112 -4.48 -10.79 25.87
CA GLY J 112 -4.40 -9.81 26.95
C GLY J 112 -3.17 -10.05 27.80
N TYR J 113 -2.66 -9.01 28.44
CA TYR J 113 -1.53 -9.12 29.35
C TYR J 113 -1.84 -8.52 30.70
N LEU J 114 -1.33 -9.16 31.73
CA LEU J 114 -1.36 -8.59 33.05
C LEU J 114 -0.19 -9.21 33.77
N GLN J 115 0.83 -8.40 34.07
CA GLN J 115 1.94 -8.91 34.89
C GLN J 115 2.55 -7.89 35.83
N PHE J 116 3.13 -8.40 36.93
CA PHE J 116 3.76 -7.54 37.92
C PHE J 116 5.22 -7.86 38.12
N ALA J 117 6.01 -6.83 38.40
CA ALA J 117 7.38 -7.02 38.83
C ALA J 117 7.66 -6.32 40.19
N TYR J 118 8.53 -6.94 40.98
CA TYR J 118 9.01 -6.34 42.22
C TYR J 118 10.52 -6.29 42.13
N GLU J 119 11.11 -5.18 42.56
CA GLU J 119 12.53 -4.97 42.32
C GLU J 119 12.97 -5.32 40.89
N GLY J 120 12.07 -5.19 39.93
CA GLY J 120 12.46 -5.33 38.53
C GLY J 120 12.66 -6.77 38.14
N ARG J 121 11.97 -7.66 38.84
CA ARG J 121 12.01 -9.07 38.58
C ARG J 121 10.59 -9.57 38.53
N ASP J 122 10.32 -10.55 37.66
CA ASP J 122 8.97 -11.07 37.45
C ASP J 122 8.42 -11.51 38.76
N TYR J 123 7.18 -11.12 39.05
CA TYR J 123 6.59 -11.49 40.31
C TYR J 123 5.35 -12.32 40.08
N ILE J 124 4.39 -11.81 39.34
CA ILE J 124 3.24 -12.61 38.98
C ILE J 124 2.63 -12.11 37.65
N ALA J 125 2.06 -13.02 36.88
CA ALA J 125 1.53 -12.69 35.56
C ALA J 125 0.29 -13.53 35.23
N LEU J 126 -0.70 -12.88 34.63
CA LEU J 126 -1.83 -13.63 34.13
C LEU J 126 -1.36 -14.44 32.93
N ASN J 127 -1.75 -15.70 32.88
CA ASN J 127 -1.46 -16.48 31.69
C ASN J 127 -2.35 -16.11 30.52
N GLU J 128 -1.89 -16.46 29.33
CA GLU J 128 -2.67 -16.25 28.12
C GLU J 128 -4.11 -16.75 28.23
N ASP J 129 -4.34 -17.87 28.89
CA ASP J 129 -5.71 -18.31 29.03
C ASP J 129 -6.53 -17.35 29.86
N LEU J 130 -5.89 -16.35 30.45
CA LEU J 130 -6.63 -15.32 31.19
C LEU J 130 -7.48 -15.88 32.32
N LYS J 131 -7.09 -17.02 32.88
CA LYS J 131 -7.71 -17.51 34.13
C LYS J 131 -6.72 -18.17 35.09
N THR J 132 -5.54 -18.56 34.62
CA THR J 132 -4.48 -19.04 35.52
C THR J 132 -3.33 -18.04 35.69
N TRP J 133 -2.60 -18.17 36.80
CA TRP J 133 -1.53 -17.25 37.16
C TRP J 133 -0.20 -17.95 37.27
N THR J 134 0.85 -17.39 36.66
CA THR J 134 2.21 -17.85 36.87
C THR J 134 2.94 -17.04 37.94
N ALA J 135 3.50 -17.72 38.93
CA ALA J 135 4.11 -17.03 40.06
C ALA J 135 5.53 -17.48 40.19
N ALA J 136 6.47 -16.54 40.09
CA ALA J 136 7.89 -16.90 40.07
C ALA J 136 8.34 -17.35 41.46
N ASP J 137 8.72 -16.38 42.27
CA ASP J 137 9.19 -16.60 43.60
C ASP J 137 8.24 -17.40 44.44
N MET J 138 8.79 -18.02 45.48
CA MET J 138 8.00 -18.58 46.56
C MET J 138 7.07 -17.51 47.16
N ALA J 139 7.56 -16.29 47.29
CA ALA J 139 6.75 -15.26 47.91
C ALA J 139 5.55 -14.93 47.07
N ALA J 140 5.65 -15.15 45.77
CA ALA J 140 4.53 -14.83 44.88
C ALA J 140 3.38 -15.82 45.09
N GLN J 141 3.70 -17.04 45.52
CA GLN J 141 2.70 -18.05 45.81
C GLN J 141 1.50 -17.53 46.58
N ILE J 142 1.77 -16.84 47.69
CA ILE J 142 0.68 -16.45 48.58
C ILE J 142 -0.27 -15.44 47.91
N THR J 143 0.29 -14.55 47.09
CA THR J 143 -0.52 -13.72 46.19
C THR J 143 -1.36 -14.60 45.27
N ARG J 144 -0.71 -15.55 44.58
CA ARG J 144 -1.44 -16.45 43.68
C ARG J 144 -2.59 -17.14 44.42
N ARG J 145 -2.27 -17.83 45.52
CA ARG J 145 -3.30 -18.51 46.32
C ARG J 145 -4.46 -17.54 46.56
N LYS J 146 -4.13 -16.37 47.08
CA LYS J 146 -5.11 -15.36 47.44
C LYS J 146 -5.95 -14.92 46.24
N TRP J 147 -5.31 -14.72 45.10
CA TRP J 147 -6.01 -14.21 43.93
C TRP J 147 -6.83 -15.30 43.24
N GLU J 148 -6.39 -16.55 43.39
CA GLU J 148 -7.17 -17.68 42.92
C GLU J 148 -8.38 -17.85 43.83
N GLN J 149 -8.21 -17.48 45.10
CA GLN J 149 -9.31 -17.47 46.04
C GLN J 149 -10.36 -16.46 45.62
N SER J 150 -9.92 -15.27 45.24
CA SER J 150 -10.87 -14.20 45.01
C SER J 150 -11.32 -14.15 43.56
N GLY J 151 -10.83 -15.08 42.75
CA GLY J 151 -11.12 -15.06 41.31
C GLY J 151 -10.83 -13.67 40.75
N ALA J 152 -9.58 -13.24 40.88
CA ALA J 152 -9.15 -11.95 40.36
C ALA J 152 -9.09 -12.02 38.82
N ALA J 153 -8.66 -13.17 38.29
CA ALA J 153 -8.52 -13.34 36.86
C ALA J 153 -9.81 -12.99 36.10
N GLU J 154 -10.96 -13.27 36.71
CA GLU J 154 -12.23 -12.95 36.05
C GLU J 154 -12.46 -11.46 36.00
N HIS J 155 -11.88 -10.72 36.95
CA HIS J 155 -11.99 -9.28 36.91
C HIS J 155 -11.12 -8.70 35.77
N TYR J 156 -9.90 -9.21 35.62
CA TYR J 156 -9.01 -8.71 34.58
C TYR J 156 -9.48 -9.18 33.20
N LYS J 157 -9.87 -10.46 33.11
CA LYS J 157 -10.37 -11.04 31.85
C LYS J 157 -11.52 -10.22 31.25
N ALA J 158 -12.41 -9.76 32.10
CA ALA J 158 -13.50 -8.90 31.69
C ALA J 158 -12.94 -7.61 31.12
N TYR J 159 -11.95 -7.05 31.79
CA TYR J 159 -11.41 -5.78 31.32
C TYR J 159 -10.60 -6.02 30.04
N LEU J 160 -9.73 -7.02 30.07
CA LEU J 160 -8.85 -7.21 28.95
C LEU J 160 -9.65 -7.52 27.70
N GLU J 161 -10.77 -8.23 27.89
CA GLU J 161 -11.54 -8.67 26.73
C GLU J 161 -12.54 -7.60 26.31
N GLY J 162 -12.96 -6.77 27.25
CA GLY J 162 -13.96 -5.76 26.94
C GLY J 162 -13.37 -4.39 26.74
N GLU J 163 -13.37 -3.61 27.82
CA GLU J 163 -12.99 -2.21 27.78
C GLU J 163 -11.67 -2.00 27.03
N CYS J 164 -10.62 -2.73 27.41
CA CYS J 164 -9.31 -2.50 26.81
C CYS J 164 -9.46 -2.55 25.29
N VAL J 165 -10.15 -3.57 24.79
CA VAL J 165 -10.36 -3.70 23.35
C VAL J 165 -11.17 -2.52 22.77
N GLU J 166 -12.31 -2.20 23.39
CA GLU J 166 -13.17 -1.15 22.83
C GLU J 166 -12.43 0.18 22.79
N TRP J 167 -11.84 0.56 23.91
CA TRP J 167 -11.16 1.83 23.98
C TRP J 167 -10.00 1.86 23.02
N LEU J 168 -9.34 0.72 22.82
CA LEU J 168 -8.29 0.73 21.81
C LEU J 168 -8.93 0.93 20.42
N HIS J 169 -10.04 0.24 20.17
CA HIS J 169 -10.80 0.53 18.95
C HIS J 169 -11.09 2.03 18.85
N ARG J 170 -11.53 2.64 19.96
CA ARG J 170 -11.80 4.06 19.97
C ARG J 170 -10.57 4.86 19.66
N TYR J 171 -9.47 4.60 20.35
CA TYR J 171 -8.27 5.39 20.12
C TYR J 171 -7.80 5.26 18.67
N LEU J 172 -7.94 4.05 18.12
CA LEU J 172 -7.46 3.77 16.76
C LEU J 172 -8.07 4.66 15.68
N LYS J 173 -9.39 4.84 15.74
CA LYS J 173 -10.05 5.69 14.76
C LYS J 173 -9.78 7.19 14.98
N ASN J 174 -9.54 7.59 16.23
CA ASN J 174 -9.13 8.98 16.51
C ASN J 174 -7.66 9.24 16.13
N GLY J 175 -6.84 8.19 16.21
CA GLY J 175 -5.43 8.31 15.85
C GLY J 175 -5.24 7.96 14.40
N LEU J 180 -0.37 4.00 12.07
CA LEU J 180 -0.32 3.14 10.88
C LEU J 180 0.90 3.50 9.99
N ARG J 181 1.65 4.54 10.37
CA ARG J 181 2.84 4.96 9.62
C ARG J 181 4.03 4.06 9.86
N THR J 182 4.89 3.96 8.86
CA THR J 182 6.22 3.42 9.03
C THR J 182 7.18 4.40 8.37
N ASP J 183 8.45 4.36 8.76
CA ASP J 183 9.46 5.12 8.03
C ASP J 183 10.56 4.18 7.67
N SER J 184 10.69 3.91 6.38
CA SER J 184 11.77 3.11 5.89
C SER J 184 13.06 3.57 6.51
N PRO J 185 13.95 2.63 6.86
CA PRO J 185 15.26 3.11 7.23
C PRO J 185 15.92 3.63 5.96
N LYS J 186 16.73 4.67 6.08
CA LYS J 186 17.59 5.03 4.97
C LYS J 186 18.88 4.42 5.42
N ALA J 187 19.54 3.67 4.56
CA ALA J 187 20.79 3.05 4.94
C ALA J 187 21.95 3.47 4.05
N HIS J 188 23.15 3.37 4.62
CA HIS J 188 24.39 3.64 3.92
C HIS J 188 25.43 2.98 4.78
N VAL J 189 26.65 2.91 4.29
CA VAL J 189 27.68 2.16 4.97
C VAL J 189 28.98 2.96 4.99
N THR J 190 29.61 3.02 6.15
CA THR J 190 30.83 3.80 6.25
C THR J 190 32.04 2.90 6.16
N HIS J 191 33.16 3.53 5.82
CA HIS J 191 34.39 2.87 5.37
C HIS J 191 35.49 3.37 6.31
N HIS J 192 35.98 2.52 7.20
CA HIS J 192 37.00 2.96 8.15
C HIS J 192 38.22 2.06 8.22
N PRO J 193 39.24 2.36 7.41
CA PRO J 193 40.55 1.67 7.46
C PRO J 193 41.00 1.39 8.91
N ARG J 194 41.00 0.12 9.29
CA ARG J 194 41.08 -0.30 10.70
C ARG J 194 42.52 -0.39 11.10
N SER J 195 43.06 -1.62 11.06
CA SER J 195 44.49 -1.83 11.23
C SER J 195 45.12 -2.15 9.87
N LYS J 196 46.15 -3.00 9.89
CA LYS J 196 46.81 -3.46 8.70
C LYS J 196 45.84 -3.98 7.61
N GLY J 197 45.72 -3.23 6.51
CA GLY J 197 44.94 -3.59 5.30
C GLY J 197 43.49 -4.05 5.49
N GLU J 198 42.82 -3.45 6.48
CA GLU J 198 41.55 -4.00 7.02
C GLU J 198 40.40 -3.02 7.33
N VAL J 199 39.71 -2.49 6.32
CA VAL J 199 38.59 -1.54 6.54
C VAL J 199 37.50 -2.11 7.45
N THR J 200 37.12 -1.35 8.47
CA THR J 200 35.92 -1.67 9.25
C THR J 200 34.72 -1.18 8.46
N LEU J 201 33.82 -2.11 8.11
CA LEU J 201 32.60 -1.74 7.41
C LEU J 201 31.48 -1.47 8.43
N ARG J 202 30.84 -0.31 8.33
CA ARG J 202 29.81 0.02 9.29
C ARG J 202 28.55 0.24 8.54
N CYS J 203 27.54 -0.54 8.89
CA CYS J 203 26.29 -0.43 8.19
C CYS J 203 25.33 0.37 9.08
N TRP J 204 24.75 1.41 8.51
CA TRP J 204 23.92 2.32 9.26
C TRP J 204 22.52 2.21 8.78
N ALA J 205 21.57 2.33 9.70
CA ALA J 205 20.20 2.59 9.30
C ALA J 205 19.71 3.80 10.08
N LEU J 206 19.06 4.73 9.41
CA LEU J 206 18.65 5.95 10.04
C LEU J 206 17.20 6.33 9.71
N GLY J 207 16.57 7.11 10.58
CA GLY J 207 15.23 7.63 10.29
C GLY J 207 14.11 6.61 10.17
N PHE J 208 14.26 5.43 10.77
CA PHE J 208 13.20 4.41 10.66
C PHE J 208 12.26 4.41 11.85
N TYR J 209 11.04 3.94 11.64
CA TYR J 209 10.03 3.73 12.68
C TYR J 209 9.04 2.64 12.28
N PRO J 210 8.73 1.67 13.17
CA PRO J 210 9.09 1.44 14.56
C PRO J 210 10.53 1.08 14.72
N ALA J 211 10.92 0.82 15.96
CA ALA J 211 12.28 0.57 16.35
C ALA J 211 12.82 -0.77 15.88
N ASP J 212 11.94 -1.74 15.71
CA ASP J 212 12.31 -3.11 15.29
C ASP J 212 13.06 -3.11 13.97
N ILE J 213 14.22 -3.73 13.94
CA ILE J 213 15.02 -3.72 12.74
C ILE J 213 16.08 -4.80 12.88
N THR J 214 16.57 -5.31 11.75
CA THR J 214 17.66 -6.27 11.79
C THR J 214 18.68 -5.87 10.74
N LEU J 215 19.94 -5.93 11.12
CA LEU J 215 20.99 -5.65 10.17
C LEU J 215 21.95 -6.81 10.17
N THR J 216 22.33 -7.25 8.97
CA THR J 216 23.26 -8.34 8.89
C THR J 216 24.34 -8.07 7.86
N TRP J 217 25.48 -8.72 8.07
CA TRP J 217 26.55 -8.69 7.13
C TRP J 217 26.77 -10.06 6.48
N GLN J 218 26.97 -10.07 5.17
CA GLN J 218 27.16 -11.33 4.48
C GLN J 218 28.44 -11.45 3.65
N LEU J 219 29.26 -12.43 3.99
CA LEU J 219 30.34 -12.88 3.13
C LEU J 219 29.91 -14.05 2.26
N ASN J 220 29.55 -13.74 1.01
CA ASN J 220 29.29 -14.77 0.01
C ASN J 220 28.02 -15.60 0.33
N GLY J 221 26.90 -14.92 0.57
CA GLY J 221 25.65 -15.59 0.95
C GLY J 221 25.65 -16.07 2.40
N GLU J 222 26.81 -16.44 2.93
CA GLU J 222 26.90 -16.80 4.33
C GLU J 222 26.65 -15.57 5.20
N GLU J 223 26.02 -15.77 6.34
CA GLU J 223 25.69 -14.68 7.24
C GLU J 223 26.70 -14.62 8.40
N LEU J 224 27.50 -13.55 8.41
CA LEU J 224 28.51 -13.37 9.45
C LEU J 224 27.93 -12.76 10.70
N THR J 225 27.11 -13.52 11.44
CA THR J 225 26.60 -13.06 12.73
C THR J 225 27.73 -13.33 13.71
N GLN J 226 28.91 -13.48 13.13
CA GLN J 226 30.06 -14.04 13.80
C GLN J 226 31.13 -12.97 14.03
N ASP J 227 31.15 -12.39 15.24
CA ASP J 227 32.13 -11.35 15.56
C ASP J 227 31.93 -10.04 14.79
N MET J 228 30.68 -9.65 14.60
CA MET J 228 30.37 -8.32 14.11
C MET J 228 30.01 -7.50 15.35
N GLU J 229 29.92 -6.17 15.22
CA GLU J 229 29.38 -5.40 16.35
C GLU J 229 28.06 -4.70 16.07
N LEU J 230 27.21 -4.72 17.08
CA LEU J 230 25.90 -4.12 17.05
C LEU J 230 25.90 -2.96 18.05
N VAL J 231 24.96 -2.03 17.89
CA VAL J 231 24.53 -1.25 19.04
C VAL J 231 23.03 -1.44 19.26
N GLU J 232 22.61 -1.41 20.52
CA GLU J 232 21.19 -1.33 20.87
C GLU J 232 20.60 -0.20 20.04
N THR J 233 19.43 -0.48 19.47
CA THR J 233 18.73 0.47 18.66
C THR J 233 18.47 1.73 19.48
N ARG J 234 18.65 2.92 18.89
CA ARG J 234 18.59 4.18 19.66
C ARG J 234 17.65 5.22 19.05
N PRO J 235 16.96 5.98 19.89
CA PRO J 235 16.09 7.05 19.42
C PRO J 235 16.86 8.29 18.92
N ALA J 236 16.44 8.86 17.80
CA ALA J 236 17.02 10.07 17.28
C ALA J 236 16.55 11.32 18.10
N GLY J 237 15.39 11.20 18.74
CA GLY J 237 14.75 12.30 19.44
C GLY J 237 13.60 12.85 18.64
N ASP J 238 13.63 12.64 17.34
CA ASP J 238 12.59 13.15 16.47
C ASP J 238 11.48 12.13 16.12
N GLY J 239 11.31 11.09 16.91
CA GLY J 239 10.32 10.08 16.54
C GLY J 239 10.91 8.90 15.79
N THR J 240 12.01 9.09 15.06
CA THR J 240 12.64 7.92 14.40
C THR J 240 13.72 7.32 15.27
N PHE J 241 14.45 6.35 14.72
CA PHE J 241 15.41 5.53 15.47
C PHE J 241 16.62 5.25 14.61
N GLN J 242 17.68 4.73 15.18
CA GLN J 242 18.89 4.49 14.38
C GLN J 242 19.55 3.26 14.94
N LYS J 243 20.39 2.64 14.12
CA LYS J 243 21.19 1.49 14.52
C LYS J 243 22.37 1.35 13.54
N TRP J 244 23.41 0.65 13.98
CA TRP J 244 24.47 0.26 13.07
C TRP J 244 25.09 -1.08 13.46
N ALA J 245 25.71 -1.71 12.46
CA ALA J 245 26.36 -2.98 12.65
C ALA J 245 27.64 -3.03 11.80
N SER J 246 28.72 -3.46 12.42
CA SER J 246 30.05 -3.42 11.76
C SER J 246 30.72 -4.77 11.64
N VAL J 247 31.41 -4.96 10.52
CA VAL J 247 32.38 -6.04 10.37
C VAL J 247 33.73 -5.51 9.92
N VAL J 248 34.78 -6.25 10.30
CA VAL J 248 36.15 -5.94 9.92
C VAL J 248 36.64 -6.87 8.82
N VAL J 249 37.08 -6.31 7.69
CA VAL J 249 37.44 -7.13 6.54
C VAL J 249 38.62 -6.56 5.71
N PRO J 250 39.15 -7.33 4.73
CA PRO J 250 40.31 -6.83 4.00
C PRO J 250 39.84 -5.82 2.98
N LEU J 251 40.41 -4.63 2.98
CA LEU J 251 39.93 -3.63 2.02
C LEU J 251 40.55 -3.92 0.67
N GLY J 252 39.95 -3.37 -0.38
CA GLY J 252 40.18 -3.86 -1.73
C GLY J 252 39.10 -4.88 -2.10
N LYS J 253 38.75 -5.77 -1.18
CA LYS J 253 37.72 -6.78 -1.44
C LYS J 253 36.39 -6.48 -0.68
N GLU J 254 35.83 -5.31 -1.00
CA GLU J 254 34.65 -4.77 -0.31
C GLU J 254 33.38 -5.12 -1.05
N GLN J 255 33.51 -5.55 -2.30
CA GLN J 255 32.37 -6.08 -3.05
C GLN J 255 31.94 -7.44 -2.47
N ASN J 256 32.91 -8.18 -1.91
CA ASN J 256 32.67 -9.48 -1.29
C ASN J 256 31.65 -9.48 -0.18
N TYR J 257 31.47 -8.30 0.41
CA TYR J 257 30.68 -8.11 1.62
C TYR J 257 29.43 -7.31 1.34
N THR J 258 28.35 -7.71 2.00
CA THR J 258 27.07 -7.06 1.78
C THR J 258 26.21 -6.95 3.04
N CYS J 259 25.56 -5.80 3.18
CA CYS J 259 24.78 -5.53 4.36
C CYS J 259 23.35 -5.63 3.93
N ARG J 260 22.52 -6.22 4.78
CA ARG J 260 21.08 -6.23 4.53
C ARG J 260 20.30 -5.65 5.71
N VAL J 261 19.24 -4.92 5.40
CA VAL J 261 18.46 -4.22 6.40
C VAL J 261 17.00 -4.65 6.31
N TYR J 262 16.44 -5.15 7.42
CA TYR J 262 15.06 -5.64 7.41
C TYR J 262 14.16 -4.80 8.26
N HIS J 263 13.09 -4.28 7.66
CA HIS J 263 12.18 -3.43 8.40
C HIS J 263 10.76 -3.46 7.81
N GLU J 264 9.77 -3.61 8.68
CA GLU J 264 8.37 -3.53 8.26
C GLU J 264 8.12 -2.65 7.04
N GLY J 265 8.62 -1.42 7.09
CA GLY J 265 8.18 -0.40 6.16
C GLY J 265 8.93 -0.44 4.85
N LEU J 266 9.75 -1.48 4.70
CA LEU J 266 10.42 -1.73 3.44
C LEU J 266 9.57 -2.67 2.62
N PRO J 267 9.25 -2.26 1.38
CA PRO J 267 8.78 -3.16 0.31
C PRO J 267 9.59 -4.47 0.27
N GLU J 268 10.91 -4.39 0.50
CA GLU J 268 11.74 -5.58 0.64
C GLU J 268 13.03 -5.18 1.31
N PRO J 269 13.79 -6.14 1.83
CA PRO J 269 15.05 -5.78 2.44
C PRO J 269 15.86 -4.82 1.59
N LEU J 270 16.82 -4.13 2.22
CA LEU J 270 17.76 -3.29 1.49
C LEU J 270 19.02 -4.08 1.37
N THR J 271 19.53 -4.17 0.16
CA THR J 271 20.87 -4.69 -0.02
C THR J 271 21.78 -3.55 -0.38
N LEU J 272 22.90 -3.44 0.33
CA LEU J 272 23.86 -2.40 -0.01
C LEU J 272 25.29 -2.82 0.30
N ARG J 273 26.19 -2.36 -0.57
CA ARG J 273 27.62 -2.59 -0.46
C ARG J 273 28.29 -1.23 -0.32
N TRP J 274 29.49 -1.18 0.26
CA TRP J 274 30.18 0.10 0.31
C TRP J 274 30.40 0.68 -1.08
N GLU J 275 29.94 1.91 -1.28
CA GLU J 275 30.03 2.58 -2.58
C GLU J 275 31.24 3.52 -2.70
N PRO J 276 32.23 3.13 -3.52
CA PRO J 276 33.44 3.91 -3.73
C PRO J 276 33.09 5.29 -4.26
N ILE K 1 20.78 -7.50 43.63
CA ILE K 1 21.21 -6.99 42.30
C ILE K 1 20.41 -5.75 41.83
N GLN K 2 21.18 -4.82 41.29
CA GLN K 2 20.74 -3.64 40.64
C GLN K 2 21.33 -3.78 39.23
N LYS K 3 20.82 -3.07 38.24
CA LYS K 3 21.29 -3.28 36.87
C LYS K 3 22.08 -2.07 36.37
N THR K 4 23.27 -2.33 35.83
CA THR K 4 24.19 -1.31 35.33
C THR K 4 23.79 -0.69 33.97
N PRO K 5 23.55 0.62 33.97
CA PRO K 5 23.04 1.28 32.79
C PRO K 5 23.98 1.16 31.62
N GLN K 6 23.42 1.00 30.43
CA GLN K 6 24.17 1.11 29.19
C GLN K 6 23.97 2.51 28.68
N ILE K 7 25.03 3.09 28.18
CA ILE K 7 24.99 4.47 27.75
C ILE K 7 25.47 4.60 26.33
N GLN K 8 24.79 5.41 25.52
CA GLN K 8 25.25 5.69 24.16
C GLN K 8 25.20 7.20 23.96
N VAL K 9 26.21 7.74 23.29
CA VAL K 9 26.18 9.16 23.04
C VAL K 9 26.37 9.42 21.56
N TYR K 10 25.46 10.15 20.95
CA TYR K 10 25.49 10.29 19.51
C TYR K 10 24.58 11.48 19.16
N SER K 11 24.70 11.98 17.95
CA SER K 11 23.90 13.10 17.50
C SER K 11 22.68 12.66 16.71
N ARG K 12 21.67 13.52 16.69
CA ARG K 12 20.46 13.22 15.95
C ARG K 12 20.77 13.09 14.44
N HIS K 13 21.43 14.08 13.88
CA HIS K 13 21.76 14.10 12.46
C HIS K 13 23.22 13.83 12.29
N PRO K 14 23.63 13.37 11.10
CA PRO K 14 25.03 13.12 10.80
C PRO K 14 25.87 14.37 11.13
N PRO K 15 26.97 14.18 11.86
CA PRO K 15 27.73 15.32 12.34
C PRO K 15 28.47 16.07 11.24
N GLU K 16 28.50 17.40 11.36
CA GLU K 16 29.26 18.25 10.45
C GLU K 16 29.81 19.46 11.15
N ASN K 17 31.12 19.51 11.31
CA ASN K 17 31.74 20.64 12.02
C ASN K 17 31.15 21.95 11.60
N GLY K 18 30.69 22.73 12.57
CA GLY K 18 30.04 24.02 12.30
C GLY K 18 28.53 23.99 12.13
N LYS K 19 27.95 22.78 12.03
CA LYS K 19 26.50 22.64 11.81
C LYS K 19 25.74 22.29 13.07
N PRO K 20 24.79 23.16 13.46
CA PRO K 20 23.98 22.90 14.65
C PRO K 20 23.24 21.55 14.50
N ASN K 21 23.11 20.83 15.60
CA ASN K 21 22.64 19.47 15.56
C ASN K 21 22.04 19.22 16.92
N ILE K 22 21.65 17.97 17.18
CA ILE K 22 21.25 17.55 18.52
C ILE K 22 22.19 16.46 19.03
N LEU K 23 22.55 16.54 20.29
CA LEU K 23 23.36 15.51 20.87
C LEU K 23 22.49 14.74 21.83
N ASN K 24 22.48 13.42 21.70
CA ASN K 24 21.70 12.59 22.57
C ASN K 24 22.63 11.86 23.51
N CYS K 25 22.17 11.61 24.72
CA CYS K 25 22.74 10.61 25.60
C CYS K 25 21.65 9.63 26.02
N TYR K 26 21.76 8.38 25.57
CA TYR K 26 20.70 7.39 25.77
C TYR K 26 21.18 6.42 26.80
N VAL K 27 20.46 6.30 27.90
CA VAL K 27 20.86 5.45 28.98
C VAL K 27 19.76 4.43 29.24
N THR K 28 20.11 3.15 29.30
CA THR K 28 19.10 2.09 29.31
C THR K 28 19.49 0.97 30.24
N GLN K 29 18.52 0.08 30.49
CA GLN K 29 18.75 -1.20 31.17
C GLN K 29 19.25 -1.05 32.61
N PHE K 30 18.72 -0.08 33.36
CA PHE K 30 19.19 0.11 34.71
C PHE K 30 18.09 -0.05 35.71
N HIS K 31 18.49 -0.27 36.96
CA HIS K 31 17.56 -0.38 38.06
C HIS K 31 18.39 -0.21 39.32
N PRO K 32 17.91 0.59 40.28
CA PRO K 32 16.55 1.11 40.32
C PRO K 32 16.45 2.36 39.46
N PRO K 33 15.23 2.89 39.28
CA PRO K 33 15.03 3.97 38.34
C PRO K 33 15.64 5.32 38.73
N HIS K 34 16.14 5.50 39.95
CA HIS K 34 16.79 6.77 40.32
CA HIS K 34 16.76 6.79 40.26
C HIS K 34 18.14 6.84 39.65
N ILE K 35 18.43 7.95 38.98
CA ILE K 35 19.69 8.10 38.24
C ILE K 35 20.00 9.59 38.07
N GLU K 36 21.26 9.93 37.93
CA GLU K 36 21.59 11.29 37.64
C GLU K 36 22.44 11.32 36.37
N ILE K 37 22.03 12.13 35.40
CA ILE K 37 22.75 12.24 34.14
C ILE K 37 23.14 13.70 33.84
N GLN K 38 24.36 13.91 33.37
CA GLN K 38 24.80 15.23 32.97
C GLN K 38 25.44 15.14 31.62
N MET K 39 25.17 16.11 30.77
CA MET K 39 25.94 16.23 29.55
C MET K 39 27.01 17.31 29.69
N LEU K 40 28.16 17.02 29.09
CA LEU K 40 29.32 17.82 29.29
C LEU K 40 29.78 18.43 27.99
N LYS K 41 30.21 19.69 28.06
CA LYS K 41 30.99 20.26 26.97
C LYS K 41 32.35 20.58 27.54
N ASN K 42 33.39 20.02 26.90
CA ASN K 42 34.80 20.23 27.29
C ASN K 42 35.01 20.10 28.79
N GLY K 43 34.42 19.10 29.40
CA GLY K 43 34.52 18.93 30.82
C GLY K 43 33.49 19.71 31.63
N LYS K 44 32.79 20.65 31.03
CA LYS K 44 31.84 21.49 31.80
C LYS K 44 30.35 21.16 31.62
N LYS K 45 29.61 21.11 32.72
CA LYS K 45 28.17 20.85 32.67
C LYS K 45 27.45 21.73 31.64
N ILE K 46 26.71 21.12 30.72
CA ILE K 46 25.83 21.89 29.84
C ILE K 46 24.52 22.26 30.56
N PRO K 47 24.17 23.55 30.57
CA PRO K 47 22.90 23.91 31.18
C PRO K 47 21.80 23.77 30.14
N LYS K 48 20.55 23.69 30.58
CA LYS K 48 19.46 23.54 29.59
C LYS K 48 19.70 22.25 28.81
N VAL K 49 19.34 21.14 29.45
CA VAL K 49 19.43 19.84 28.85
C VAL K 49 18.05 19.25 28.97
N GLU K 50 17.42 18.99 27.83
CA GLU K 50 16.16 18.27 27.79
C GLU K 50 16.36 16.84 28.29
N MET K 51 15.38 16.35 29.04
CA MET K 51 15.47 15.05 29.70
C MET K 51 14.11 14.41 29.57
N SER K 52 13.99 13.26 28.93
CA SER K 52 12.66 12.68 28.79
C SER K 52 12.16 12.14 30.14
N ASP K 53 10.92 11.71 30.20
CA ASP K 53 10.35 11.20 31.43
C ASP K 53 10.76 9.78 31.73
N MET K 54 10.62 9.39 32.98
CA MET K 54 10.84 8.01 33.42
C MET K 54 10.06 6.99 32.56
N SER K 55 10.78 6.01 32.01
CA SER K 55 10.10 4.97 31.23
C SER K 55 10.70 3.64 31.54
N PHE K 56 9.92 2.58 31.42
CA PHE K 56 10.52 1.26 31.51
C PHE K 56 10.11 0.32 30.38
N SER K 57 10.90 -0.75 30.25
CA SER K 57 10.84 -1.70 29.11
C SER K 57 10.09 -2.98 29.40
N LYS K 58 9.80 -3.72 28.34
CA LYS K 58 9.15 -5.03 28.42
C LYS K 58 9.88 -5.97 29.37
N ASP K 59 11.17 -5.77 29.54
CA ASP K 59 11.88 -6.50 30.57
C ASP K 59 12.04 -5.75 31.92
N TRP K 60 11.22 -4.72 32.17
CA TRP K 60 11.12 -4.04 33.51
C TRP K 60 12.18 -2.98 33.76
N SER K 61 13.13 -2.92 32.84
CA SER K 61 14.28 -2.06 32.90
C SER K 61 13.97 -0.59 32.58
N PHE K 62 14.70 0.35 33.20
CA PHE K 62 14.41 1.75 32.94
C PHE K 62 15.33 2.34 31.91
N TYR K 63 14.82 3.36 31.20
CA TYR K 63 15.64 4.13 30.24
C TYR K 63 15.21 5.62 30.14
N ILE K 64 16.14 6.47 29.69
CA ILE K 64 15.90 7.91 29.59
C ILE K 64 16.69 8.42 28.43
N LEU K 65 16.12 9.40 27.72
CA LEU K 65 16.86 10.12 26.71
C LEU K 65 17.19 11.55 27.16
N ALA K 66 18.47 11.91 27.09
CA ALA K 66 18.87 13.25 27.42
C ALA K 66 19.35 13.80 26.13
N HIS K 67 19.00 15.04 25.83
CA HIS K 67 19.52 15.70 24.63
C HIS K 67 19.66 17.23 24.83
N THR K 68 20.57 17.82 24.06
CA THR K 68 20.80 19.23 24.09
C THR K 68 21.12 19.72 22.70
N GLU K 69 20.95 21.02 22.46
CA GLU K 69 21.37 21.62 21.21
C GLU K 69 22.87 21.68 21.17
N PHE K 70 23.49 21.53 20.00
CA PHE K 70 24.94 21.70 19.96
C PHE K 70 25.51 21.83 18.54
N THR K 71 26.74 22.37 18.48
CA THR K 71 27.46 22.56 17.24
C THR K 71 28.79 21.80 17.27
N PRO K 72 28.87 20.69 16.55
CA PRO K 72 30.16 20.03 16.65
C PRO K 72 31.24 20.91 16.05
N THR K 73 32.47 20.78 16.57
CA THR K 73 33.62 21.52 16.06
C THR K 73 34.77 20.54 16.06
N GLU K 74 35.92 20.96 15.56
CA GLU K 74 37.07 20.07 15.56
C GLU K 74 37.70 19.85 16.94
N THR K 75 37.55 20.83 17.83
CA THR K 75 38.26 20.76 19.12
C THR K 75 37.37 20.69 20.36
N ASP K 76 36.06 20.84 20.20
CA ASP K 76 35.20 20.70 21.35
C ASP K 76 34.90 19.24 21.61
N THR K 77 35.02 18.81 22.85
CA THR K 77 34.66 17.45 23.18
C THR K 77 33.35 17.46 23.95
N TYR K 78 32.53 16.43 23.74
CA TYR K 78 31.25 16.37 24.44
C TYR K 78 31.13 15.05 25.15
N ALA K 79 30.46 15.06 26.29
CA ALA K 79 30.38 13.84 27.07
C ALA K 79 29.10 13.71 27.86
N CYS K 80 28.83 12.49 28.29
CA CYS K 80 27.68 12.19 29.12
C CYS K 80 28.18 11.53 30.39
N ARG K 81 27.76 12.03 31.54
CA ARG K 81 28.24 11.51 32.79
C ARG K 81 27.07 11.04 33.62
N VAL K 82 27.13 9.80 34.07
CA VAL K 82 26.01 9.19 34.76
C VAL K 82 26.42 8.66 36.13
N LYS K 83 25.62 8.96 37.15
CA LYS K 83 25.83 8.42 38.48
C LYS K 83 24.64 7.56 38.76
N HIS K 84 24.87 6.35 39.26
CA HIS K 84 23.81 5.37 39.54
C HIS K 84 24.27 4.35 40.59
N ASP K 85 23.34 3.88 41.43
CA ASP K 85 23.73 3.02 42.54
C ASP K 85 24.57 1.81 42.17
N SER K 86 24.39 1.30 40.95
CA SER K 86 25.05 0.09 40.53
C SER K 86 26.52 0.32 40.24
N MET K 87 26.99 1.56 40.30
CA MET K 87 28.38 1.79 39.93
C MET K 87 29.14 2.58 40.98
N ALA K 88 30.28 2.05 41.40
CA ALA K 88 31.10 2.75 42.37
C ALA K 88 31.30 4.19 41.89
N GLU K 89 32.06 4.35 40.79
CA GLU K 89 32.32 5.67 40.18
C GLU K 89 31.30 6.10 39.12
N PRO K 90 31.07 7.41 38.99
CA PRO K 90 30.30 7.92 37.86
C PRO K 90 30.97 7.43 36.59
N LYS K 91 30.19 7.20 35.52
CA LYS K 91 30.78 6.80 34.25
C LYS K 91 30.65 7.94 33.26
N THR K 92 31.72 8.17 32.51
CA THR K 92 31.72 9.17 31.45
C THR K 92 31.88 8.53 30.08
N VAL K 93 30.99 8.89 29.17
CA VAL K 93 31.15 8.42 27.81
C VAL K 93 31.27 9.62 26.87
N TYR K 94 32.28 9.55 26.02
CA TYR K 94 32.62 10.65 25.14
C TYR K 94 31.98 10.47 23.80
N TRP K 95 31.26 11.48 23.36
CA TRP K 95 30.74 11.46 22.03
C TRP K 95 31.84 11.03 21.10
N ASP K 96 31.50 10.20 20.12
CA ASP K 96 32.40 9.79 19.07
C ASP K 96 31.66 9.83 17.73
N ARG K 97 31.90 10.86 16.95
CA ARG K 97 31.13 11.11 15.72
C ARG K 97 31.06 9.93 14.73
N ASP K 98 31.71 8.84 15.05
CA ASP K 98 31.65 7.71 14.15
C ASP K 98 30.76 6.63 14.74
N MET K 99 30.43 6.77 16.01
CA MET K 99 29.75 5.72 16.73
C MET K 99 28.27 6.02 16.93
N GLU L 1 -7.74 3.45 27.76
CA GLU L 1 -8.30 3.59 29.13
C GLU L 1 -7.68 2.57 30.08
N GLY L 2 -7.26 3.04 31.26
CA GLY L 2 -6.57 2.18 32.23
C GLY L 2 -7.45 1.13 32.89
N SER L 3 -6.82 0.10 33.45
CA SER L 3 -7.56 -0.90 34.21
C SER L 3 -7.61 -0.59 35.70
N ARG L 4 -8.57 -1.21 36.39
CA ARG L 4 -8.71 -1.09 37.83
C ARG L 4 -8.31 -2.40 38.47
N ASN L 5 -7.18 -2.44 39.17
CA ASN L 5 -6.75 -3.67 39.83
C ASN L 5 -7.81 -4.14 40.84
N GLN L 6 -7.86 -5.42 41.13
CA GLN L 6 -8.88 -5.94 42.04
C GLN L 6 -8.35 -6.03 43.46
N ASP L 7 -8.15 -7.26 43.94
CA ASP L 7 -7.58 -7.48 45.25
C ASP L 7 -6.11 -7.06 45.24
N TRP L 8 -5.59 -6.57 46.37
CA TRP L 8 -4.19 -6.13 46.46
C TRP L 8 -3.26 -7.34 46.32
N LEU L 9 -1.95 -7.12 46.23
CA LEU L 9 -1.00 -8.21 46.08
C LEU L 9 -0.93 -9.03 47.36
#